data_2LQ6
#
_entry.id   2LQ6
#
loop_
_entity.id
_entity.type
_entity.pdbx_description
1 polymer 'Bromodomain-containing protein 1'
2 non-polymer 'ZINC ION'
#
_entity_poly.entity_id   1
_entity_poly.type   'polypeptide(L)'
_entity_poly.pdbx_seq_one_letter_code
;MGHHHHHHMNIPPARWKLTCYLCKQKGVGASIQCHKANCYTAFHVTCAQKAGLYMKMEPVKELTGGGTTFSVRKTAYCDV
HTPPGST
;
_entity_poly.pdbx_strand_id   A
#
# COMPACT_ATOMS: atom_id res chain seq x y z
N MET A 9 4.73 0.65 -29.03
CA MET A 9 4.19 -0.64 -29.53
C MET A 9 3.01 -1.06 -28.66
N ASN A 10 2.36 -2.14 -29.04
CA ASN A 10 1.24 -2.66 -28.25
C ASN A 10 1.78 -3.46 -27.09
N ILE A 11 1.87 -2.81 -25.94
CA ILE A 11 2.44 -3.42 -24.77
C ILE A 11 1.35 -3.93 -23.82
N PRO A 12 1.18 -5.26 -23.72
CA PRO A 12 0.17 -5.87 -22.84
C PRO A 12 0.36 -5.51 -21.35
N PRO A 13 1.57 -5.66 -20.75
CA PRO A 13 1.80 -5.24 -19.37
C PRO A 13 1.57 -3.75 -19.17
N ALA A 14 0.95 -3.40 -18.06
CA ALA A 14 0.63 -2.02 -17.75
C ALA A 14 0.93 -1.77 -16.29
N ARG A 15 1.87 -2.54 -15.78
CA ARG A 15 2.26 -2.47 -14.38
C ARG A 15 3.04 -1.19 -14.11
N TRP A 16 2.33 -0.17 -13.67
CA TRP A 16 2.94 1.08 -13.29
C TRP A 16 3.68 0.94 -11.97
N LYS A 17 4.85 0.34 -12.06
CA LYS A 17 5.77 0.22 -10.93
C LYS A 17 6.05 1.59 -10.30
N LEU A 18 5.50 1.81 -9.12
CA LEU A 18 5.64 3.10 -8.44
C LEU A 18 7.02 3.21 -7.80
N THR A 19 7.41 4.44 -7.50
CA THR A 19 8.70 4.70 -6.86
C THR A 19 8.59 4.55 -5.35
N CYS A 20 9.48 3.76 -4.80
CA CYS A 20 9.50 3.47 -3.37
C CYS A 20 10.41 4.45 -2.64
N TYR A 21 9.84 5.28 -1.77
CA TYR A 21 10.64 6.28 -1.06
C TYR A 21 11.63 5.60 -0.12
N LEU A 22 11.26 4.44 0.39
CA LEU A 22 12.18 3.61 1.15
C LEU A 22 12.97 2.74 0.19
N CYS A 23 13.79 3.40 -0.63
CA CYS A 23 14.62 2.79 -1.67
C CYS A 23 15.20 3.88 -2.57
N LYS A 24 14.31 4.75 -3.03
CA LYS A 24 14.61 5.80 -4.01
C LYS A 24 14.68 5.20 -5.40
N GLN A 25 14.14 3.98 -5.53
CA GLN A 25 14.01 3.33 -6.79
C GLN A 25 12.60 2.76 -6.89
N LYS A 26 12.43 1.72 -7.68
CA LYS A 26 11.10 1.22 -7.98
C LYS A 26 11.00 -0.31 -7.88
N GLY A 27 11.71 -1.02 -8.75
CA GLY A 27 11.48 -2.45 -8.89
C GLY A 27 12.45 -3.30 -8.09
N VAL A 28 11.93 -4.42 -7.60
CA VAL A 28 12.72 -5.39 -6.84
C VAL A 28 11.81 -6.51 -6.33
N GLY A 29 10.55 -6.17 -6.07
CA GLY A 29 9.60 -7.14 -5.57
C GLY A 29 8.18 -6.69 -5.77
N ALA A 30 7.57 -6.15 -4.72
CA ALA A 30 6.19 -5.71 -4.78
C ALA A 30 6.05 -4.33 -4.18
N SER A 31 5.16 -3.54 -4.76
CA SER A 31 4.94 -2.17 -4.31
C SER A 31 3.58 -2.02 -3.65
N ILE A 32 3.54 -1.20 -2.61
CA ILE A 32 2.31 -0.88 -1.91
C ILE A 32 2.17 0.64 -1.80
N GLN A 33 0.98 1.15 -2.03
CA GLN A 33 0.75 2.58 -2.02
C GLN A 33 -0.12 2.94 -0.82
N CYS A 34 0.40 3.84 0.01
CA CYS A 34 -0.27 4.22 1.24
C CYS A 34 -1.59 4.94 0.96
N HIS A 35 -2.47 4.86 1.94
CA HIS A 35 -3.83 5.36 1.84
C HIS A 35 -3.84 6.90 1.88
N LYS A 36 -5.03 7.46 1.65
CA LYS A 36 -5.25 8.90 1.53
C LYS A 36 -4.84 9.37 0.14
N ALA A 37 -5.84 9.68 -0.68
CA ALA A 37 -5.62 10.00 -2.09
C ALA A 37 -4.78 11.27 -2.27
N ASN A 38 -4.84 12.16 -1.31
CA ASN A 38 -4.07 13.40 -1.37
C ASN A 38 -2.64 13.17 -0.91
N CYS A 39 -2.28 11.92 -0.72
CA CYS A 39 -0.95 11.55 -0.27
C CYS A 39 -0.33 10.56 -1.24
N TYR A 40 -0.93 9.36 -1.31
CA TYR A 40 -0.44 8.27 -2.16
C TYR A 40 1.08 8.07 -2.02
N THR A 41 1.49 7.42 -0.96
CA THR A 41 2.92 7.21 -0.73
C THR A 41 3.30 5.78 -1.11
N ALA A 42 4.21 5.63 -2.05
CA ALA A 42 4.54 4.31 -2.57
C ALA A 42 5.84 3.77 -1.97
N PHE A 43 5.80 2.50 -1.58
CA PHE A 43 6.95 1.82 -1.02
C PHE A 43 6.84 0.32 -1.26
N HIS A 44 7.74 -0.46 -0.66
CA HIS A 44 7.73 -1.91 -0.87
C HIS A 44 7.12 -2.61 0.34
N VAL A 45 6.59 -3.80 0.10
CA VAL A 45 6.06 -4.62 1.19
C VAL A 45 7.16 -4.95 2.20
N THR A 46 8.36 -5.23 1.69
CA THR A 46 9.51 -5.49 2.55
C THR A 46 9.86 -4.25 3.38
N CYS A 47 9.59 -3.08 2.83
CA CYS A 47 9.86 -1.84 3.54
C CYS A 47 8.86 -1.65 4.67
N ALA A 48 7.62 -2.05 4.41
CA ALA A 48 6.56 -1.94 5.39
C ALA A 48 6.82 -2.85 6.58
N GLN A 49 7.16 -4.10 6.31
CA GLN A 49 7.46 -5.06 7.36
C GLN A 49 8.70 -4.63 8.13
N LYS A 50 9.63 -4.01 7.41
CA LYS A 50 10.90 -3.59 7.98
C LYS A 50 10.69 -2.41 8.94
N ALA A 51 9.82 -1.49 8.55
CA ALA A 51 9.54 -0.31 9.37
C ALA A 51 8.53 -0.64 10.47
N GLY A 52 7.60 -1.55 10.15
CA GLY A 52 6.56 -1.90 11.10
C GLY A 52 5.51 -0.82 11.21
N LEU A 53 5.19 -0.21 10.07
CA LEU A 53 4.27 0.91 10.02
C LEU A 53 2.81 0.48 10.20
N TYR A 54 1.89 1.43 10.08
CA TYR A 54 0.49 1.18 10.35
C TYR A 54 -0.20 0.50 9.18
N MET A 55 -0.69 -0.71 9.42
CA MET A 55 -1.45 -1.44 8.42
C MET A 55 -2.75 -1.96 9.00
N LYS A 56 -3.86 -1.42 8.52
CA LYS A 56 -5.18 -1.93 8.85
C LYS A 56 -5.47 -3.08 7.90
N MET A 57 -6.18 -4.09 8.34
CA MET A 57 -6.35 -5.29 7.55
C MET A 57 -7.77 -5.77 7.64
N GLU A 58 -8.51 -5.55 6.59
CA GLU A 58 -9.91 -5.88 6.55
C GLU A 58 -10.15 -7.03 5.58
N PRO A 59 -10.74 -8.13 6.06
CA PRO A 59 -11.07 -9.28 5.23
C PRO A 59 -12.52 -9.24 4.74
N VAL A 60 -12.71 -9.23 3.43
CA VAL A 60 -14.05 -9.31 2.88
C VAL A 60 -14.34 -10.73 2.45
N LYS A 61 -15.44 -11.28 2.92
CA LYS A 61 -15.83 -12.61 2.56
C LYS A 61 -17.13 -12.60 1.76
N GLU A 62 -17.20 -13.46 0.78
CA GLU A 62 -18.37 -13.56 -0.07
C GLU A 62 -18.43 -14.97 -0.65
N LEU A 63 -19.45 -15.26 -1.42
CA LEU A 63 -19.70 -16.57 -1.95
C LEU A 63 -20.05 -16.48 -3.43
N THR A 64 -19.66 -15.37 -4.04
CA THR A 64 -20.00 -15.07 -5.43
C THR A 64 -19.63 -16.22 -6.37
N GLY A 65 -20.59 -16.66 -7.16
CA GLY A 65 -20.35 -17.73 -8.11
C GLY A 65 -20.68 -19.09 -7.54
N GLY A 66 -21.35 -19.09 -6.39
CA GLY A 66 -21.72 -20.35 -5.76
C GLY A 66 -20.53 -21.02 -5.10
N GLY A 67 -19.78 -20.26 -4.33
CA GLY A 67 -18.62 -20.81 -3.65
C GLY A 67 -18.17 -19.95 -2.49
N THR A 68 -16.92 -19.53 -2.51
CA THR A 68 -16.40 -18.61 -1.52
C THR A 68 -15.40 -17.65 -2.17
N THR A 69 -15.59 -16.36 -1.98
CA THR A 69 -14.68 -15.39 -2.50
C THR A 69 -14.10 -14.61 -1.35
N PHE A 70 -12.82 -14.70 -1.25
CA PHE A 70 -12.07 -14.00 -0.23
C PHE A 70 -11.17 -12.93 -0.83
N SER A 71 -11.33 -11.69 -0.37
CA SER A 71 -10.44 -10.61 -0.74
C SER A 71 -9.98 -9.87 0.50
N VAL A 72 -8.69 -9.78 0.71
CA VAL A 72 -8.18 -9.00 1.82
C VAL A 72 -7.81 -7.61 1.34
N ARG A 73 -8.27 -6.63 2.06
CA ARG A 73 -8.02 -5.25 1.71
C ARG A 73 -7.26 -4.58 2.85
N LYS A 74 -5.99 -4.32 2.63
CA LYS A 74 -5.16 -3.71 3.64
C LYS A 74 -5.11 -2.21 3.45
N THR A 75 -5.42 -1.50 4.52
CA THR A 75 -5.35 -0.05 4.50
C THR A 75 -4.08 0.37 5.22
N ALA A 76 -3.13 0.87 4.47
CA ALA A 76 -1.80 1.12 5.00
C ALA A 76 -1.42 2.58 4.85
N TYR A 77 -0.77 3.10 5.86
CA TYR A 77 -0.22 4.43 5.80
C TYR A 77 1.29 4.35 5.90
N CYS A 78 1.99 5.19 5.15
CA CYS A 78 3.45 5.21 5.20
C CYS A 78 3.94 5.59 6.60
N ASP A 79 5.18 5.22 6.91
CA ASP A 79 5.72 5.39 8.27
C ASP A 79 5.65 6.85 8.74
N VAL A 80 6.03 7.77 7.86
CA VAL A 80 5.98 9.20 8.19
C VAL A 80 4.59 9.79 7.94
N HIS A 81 3.60 8.91 7.80
CA HIS A 81 2.22 9.33 7.57
C HIS A 81 1.43 9.23 8.86
N THR A 82 1.98 8.50 9.83
CA THR A 82 1.30 8.27 11.09
C THR A 82 1.26 9.53 11.99
N PRO A 83 2.39 10.26 12.16
CA PRO A 83 2.38 11.52 12.94
C PRO A 83 1.39 12.58 12.41
N PRO A 84 1.33 12.86 11.08
CA PRO A 84 0.29 13.75 10.53
C PRO A 84 -1.10 13.17 10.75
N GLY A 85 -1.85 13.78 11.65
CA GLY A 85 -3.10 13.20 12.09
C GLY A 85 -2.92 12.53 13.44
N SER A 86 -2.40 13.30 14.38
CA SER A 86 -2.06 12.81 15.71
C SER A 86 -3.23 12.07 16.35
N THR A 87 -3.05 10.77 16.55
CA THR A 87 -4.08 9.93 17.13
C THR A 87 -4.16 10.15 18.64
N MET A 9 -2.22 10.55 -28.24
CA MET A 9 -1.89 9.23 -28.81
C MET A 9 -0.49 9.25 -29.41
N ASN A 10 0.40 8.51 -28.78
CA ASN A 10 1.79 8.37 -29.22
C ASN A 10 2.44 7.28 -28.41
N ILE A 11 2.50 7.50 -27.10
CA ILE A 11 2.94 6.48 -26.17
C ILE A 11 1.94 6.36 -25.04
N PRO A 12 1.73 5.14 -24.52
CA PRO A 12 0.75 4.89 -23.46
C PRO A 12 1.24 5.40 -22.11
N PRO A 13 0.54 6.38 -21.53
CA PRO A 13 0.85 6.88 -20.19
C PRO A 13 0.67 5.82 -19.11
N ALA A 14 1.72 5.06 -18.87
CA ALA A 14 1.71 4.02 -17.86
C ALA A 14 3.06 4.02 -17.17
N ARG A 15 3.76 5.13 -17.35
CA ARG A 15 5.09 5.27 -16.81
C ARG A 15 5.00 5.73 -15.36
N TRP A 16 4.44 4.86 -14.53
CA TRP A 16 4.20 5.19 -13.15
C TRP A 16 5.47 5.13 -12.34
N LYS A 17 6.25 6.18 -12.47
CA LYS A 17 7.45 6.37 -11.69
C LYS A 17 7.11 6.56 -10.21
N LEU A 18 6.95 5.45 -9.51
CA LEU A 18 6.68 5.47 -8.09
C LEU A 18 7.92 5.02 -7.32
N THR A 19 8.49 5.93 -6.54
CA THR A 19 9.71 5.63 -5.83
C THR A 19 9.42 5.14 -4.41
N CYS A 20 10.07 4.05 -4.04
CA CYS A 20 9.95 3.51 -2.69
C CYS A 20 10.83 4.30 -1.75
N TYR A 21 10.19 5.10 -0.89
CA TYR A 21 10.90 6.07 -0.05
C TYR A 21 11.70 5.39 1.06
N LEU A 22 11.70 4.07 1.07
CA LEU A 22 12.43 3.33 2.07
C LEU A 22 13.83 2.93 1.55
N CYS A 23 14.04 3.05 0.25
CA CYS A 23 15.32 2.62 -0.35
C CYS A 23 15.70 3.37 -1.63
N LYS A 24 14.83 4.25 -2.13
CA LYS A 24 15.13 5.06 -3.32
C LYS A 24 15.09 4.18 -4.56
N GLN A 25 14.31 3.13 -4.48
CA GLN A 25 14.24 2.17 -5.55
C GLN A 25 12.79 1.87 -5.90
N LYS A 26 12.42 2.27 -7.11
CA LYS A 26 11.07 2.08 -7.64
C LYS A 26 10.60 0.62 -7.59
N GLY A 27 11.14 -0.20 -8.48
CA GLY A 27 10.63 -1.56 -8.62
C GLY A 27 11.61 -2.62 -8.17
N VAL A 28 11.09 -3.59 -7.43
CA VAL A 28 11.87 -4.75 -7.02
C VAL A 28 11.07 -6.04 -7.17
N GLY A 29 9.76 -5.95 -6.99
CA GLY A 29 8.90 -7.12 -7.08
C GLY A 29 7.49 -6.86 -6.60
N ALA A 30 7.36 -6.25 -5.42
CA ALA A 30 6.05 -6.02 -4.83
C ALA A 30 5.93 -4.61 -4.29
N SER A 31 4.92 -3.89 -4.75
CA SER A 31 4.72 -2.50 -4.35
C SER A 31 3.43 -2.34 -3.54
N ILE A 32 3.37 -1.28 -2.76
CA ILE A 32 2.19 -0.93 -1.99
C ILE A 32 2.18 0.58 -1.78
N GLN A 33 1.00 1.19 -1.92
CA GLN A 33 0.88 2.63 -1.82
C GLN A 33 -0.03 3.02 -0.67
N CYS A 34 0.43 3.96 0.13
CA CYS A 34 -0.39 4.59 1.15
C CYS A 34 -1.48 5.40 0.48
N HIS A 35 -2.63 5.50 1.13
CA HIS A 35 -3.76 6.21 0.52
C HIS A 35 -4.90 6.49 1.49
N LYS A 36 -5.58 5.45 1.98
CA LYS A 36 -6.87 5.58 2.64
C LYS A 36 -7.91 6.06 1.62
N ALA A 37 -7.85 7.34 1.28
CA ALA A 37 -8.69 7.90 0.23
C ALA A 37 -7.80 8.38 -0.92
N ASN A 38 -6.70 9.03 -0.57
CA ASN A 38 -5.70 9.47 -1.53
C ASN A 38 -4.45 9.91 -0.79
N CYS A 39 -3.29 9.65 -1.39
CA CYS A 39 -2.01 9.99 -0.78
C CYS A 39 -0.88 9.70 -1.75
N TYR A 40 -0.94 8.54 -2.40
CA TYR A 40 0.03 8.11 -3.40
C TYR A 40 1.45 8.15 -2.84
N THR A 41 1.66 7.41 -1.77
CA THR A 41 2.99 7.22 -1.24
C THR A 41 3.42 5.79 -1.51
N ALA A 42 4.42 5.60 -2.35
CA ALA A 42 4.77 4.27 -2.81
C ALA A 42 5.95 3.69 -2.06
N PHE A 43 5.82 2.43 -1.70
CA PHE A 43 6.88 1.67 -1.07
C PHE A 43 6.69 0.19 -1.34
N HIS A 44 7.51 -0.64 -0.74
CA HIS A 44 7.42 -2.09 -0.99
C HIS A 44 6.85 -2.81 0.22
N VAL A 45 6.15 -3.91 -0.03
CA VAL A 45 5.56 -4.70 1.05
C VAL A 45 6.63 -5.14 2.06
N THR A 46 7.76 -5.58 1.54
CA THR A 46 8.88 -5.96 2.38
C THR A 46 9.41 -4.75 3.16
N CYS A 47 9.48 -3.59 2.52
CA CYS A 47 9.99 -2.39 3.15
C CYS A 47 9.07 -1.93 4.27
N ALA A 48 7.78 -2.14 4.09
CA ALA A 48 6.80 -1.82 5.12
C ALA A 48 7.06 -2.68 6.34
N GLN A 49 7.44 -3.93 6.11
CA GLN A 49 7.79 -4.85 7.18
C GLN A 49 9.13 -4.46 7.81
N LYS A 50 10.08 -4.06 6.97
CA LYS A 50 11.39 -3.60 7.45
C LYS A 50 11.23 -2.37 8.34
N ALA A 51 10.36 -1.46 7.93
CA ALA A 51 10.09 -0.25 8.69
C ALA A 51 9.23 -0.55 9.91
N GLY A 52 8.22 -1.40 9.71
CA GLY A 52 7.32 -1.73 10.79
C GLY A 52 6.25 -0.68 10.98
N LEU A 53 5.72 -0.19 9.86
CA LEU A 53 4.71 0.85 9.89
C LEU A 53 3.30 0.26 10.05
N TYR A 54 2.31 1.13 10.13
CA TYR A 54 0.95 0.71 10.42
C TYR A 54 0.24 0.17 9.17
N MET A 55 -0.27 -1.05 9.28
CA MET A 55 -1.11 -1.62 8.25
C MET A 55 -2.52 -1.80 8.78
N LYS A 56 -3.49 -1.21 8.10
CA LYS A 56 -4.88 -1.39 8.49
C LYS A 56 -5.42 -2.65 7.82
N MET A 57 -6.15 -3.45 8.57
CA MET A 57 -6.57 -4.75 8.09
C MET A 57 -8.05 -4.94 8.37
N GLU A 58 -8.84 -4.85 7.33
CA GLU A 58 -10.29 -4.93 7.46
C GLU A 58 -10.81 -6.12 6.66
N PRO A 59 -11.55 -7.01 7.32
CA PRO A 59 -12.08 -8.22 6.67
C PRO A 59 -13.35 -7.95 5.88
N VAL A 60 -13.38 -8.46 4.65
CA VAL A 60 -14.57 -8.38 3.83
C VAL A 60 -15.05 -9.78 3.47
N LYS A 61 -16.24 -10.12 3.95
CA LYS A 61 -16.76 -11.47 3.76
C LYS A 61 -17.47 -11.61 2.42
N GLU A 62 -17.44 -12.82 1.91
CA GLU A 62 -17.99 -13.13 0.60
C GLU A 62 -18.55 -14.55 0.62
N LEU A 63 -19.14 -14.96 -0.49
CA LEU A 63 -19.79 -16.22 -0.61
C LEU A 63 -19.43 -16.87 -1.94
N THR A 64 -18.27 -16.47 -2.47
CA THR A 64 -17.86 -16.88 -3.81
C THR A 64 -17.68 -18.39 -3.91
N GLY A 65 -18.48 -19.02 -4.77
CA GLY A 65 -18.40 -20.45 -4.96
C GLY A 65 -19.40 -21.21 -4.12
N GLY A 66 -18.92 -22.22 -3.40
CA GLY A 66 -19.79 -23.03 -2.58
C GLY A 66 -19.51 -22.85 -1.09
N GLY A 67 -19.53 -21.61 -0.64
CA GLY A 67 -19.31 -21.33 0.76
C GLY A 67 -18.87 -19.91 0.98
N THR A 68 -18.64 -19.55 2.24
CA THR A 68 -18.19 -18.21 2.58
C THR A 68 -16.70 -18.07 2.31
N THR A 69 -16.30 -16.94 1.74
CA THR A 69 -14.92 -16.72 1.41
C THR A 69 -14.47 -15.47 2.15
N PHE A 70 -13.49 -15.69 2.95
CA PHE A 70 -12.90 -14.65 3.77
C PHE A 70 -11.80 -13.90 3.02
N SER A 71 -12.08 -12.65 2.66
CA SER A 71 -11.10 -11.81 2.02
C SER A 71 -10.74 -10.64 2.92
N VAL A 72 -9.60 -10.02 2.70
CA VAL A 72 -9.18 -8.89 3.50
C VAL A 72 -8.83 -7.71 2.61
N ARG A 73 -9.21 -6.53 3.03
CA ARG A 73 -8.81 -5.31 2.37
C ARG A 73 -7.78 -4.60 3.25
N LYS A 74 -6.51 -4.83 2.96
CA LYS A 74 -5.45 -4.29 3.78
C LYS A 74 -4.99 -2.96 3.22
N THR A 75 -5.23 -1.91 3.97
CA THR A 75 -4.81 -0.58 3.60
C THR A 75 -3.73 -0.10 4.54
N ALA A 76 -2.52 -0.02 4.06
CA ALA A 76 -1.41 0.41 4.89
C ALA A 76 -1.19 1.90 4.72
N TYR A 77 -0.70 2.53 5.76
CA TYR A 77 -0.44 3.95 5.71
C TYR A 77 1.06 4.18 5.75
N CYS A 78 1.51 5.19 5.01
CA CYS A 78 2.95 5.51 5.01
C CYS A 78 3.40 5.92 6.41
N ASP A 79 4.68 5.69 6.70
CA ASP A 79 5.26 5.95 8.03
C ASP A 79 4.91 7.34 8.55
N VAL A 80 4.90 8.33 7.67
CA VAL A 80 4.64 9.71 8.07
C VAL A 80 3.18 10.09 7.86
N HIS A 81 2.26 9.12 7.96
CA HIS A 81 0.85 9.39 7.75
C HIS A 81 0.09 9.48 9.07
N THR A 82 0.50 8.70 10.05
CA THR A 82 -0.26 8.58 11.30
C THR A 82 -0.09 9.80 12.21
N PRO A 83 1.15 10.18 12.61
CA PRO A 83 1.37 11.29 13.56
C PRO A 83 0.86 12.68 13.14
N PRO A 84 0.88 13.09 11.83
CA PRO A 84 0.38 14.41 11.41
C PRO A 84 -0.91 14.83 12.08
N GLY A 85 -0.85 15.97 12.78
CA GLY A 85 -2.01 16.48 13.47
C GLY A 85 -2.18 15.84 14.83
N SER A 86 -3.23 15.03 14.96
CA SER A 86 -3.54 14.36 16.21
C SER A 86 -4.69 13.37 15.97
N THR A 87 -4.63 12.70 14.82
CA THR A 87 -5.73 11.88 14.32
C THR A 87 -6.87 12.79 13.86
N MET A 9 1.05 12.45 -13.16
CA MET A 9 -0.37 12.70 -13.51
C MET A 9 -0.93 11.51 -14.26
N ASN A 10 -0.60 11.40 -15.54
CA ASN A 10 -1.04 10.26 -16.33
C ASN A 10 0.02 9.86 -17.34
N ILE A 11 0.75 8.81 -17.00
CA ILE A 11 1.74 8.21 -17.88
C ILE A 11 1.48 6.71 -17.93
N PRO A 12 2.08 5.99 -18.92
CA PRO A 12 1.94 4.53 -19.10
C PRO A 12 1.58 3.78 -17.80
N PRO A 13 0.29 3.44 -17.64
CA PRO A 13 -0.24 2.84 -16.41
C PRO A 13 0.04 1.35 -16.31
N ALA A 14 1.21 0.95 -16.75
CA ALA A 14 1.65 -0.42 -16.70
C ALA A 14 3.15 -0.39 -16.65
N ARG A 15 3.62 0.82 -16.44
CA ARG A 15 5.03 1.08 -16.34
C ARG A 15 5.26 2.21 -15.35
N TRP A 16 4.35 2.31 -14.39
CA TRP A 16 4.47 3.29 -13.33
C TRP A 16 5.61 2.90 -12.38
N LYS A 17 6.82 3.31 -12.73
CA LYS A 17 7.99 3.08 -11.90
C LYS A 17 7.94 3.86 -10.59
N LEU A 18 6.96 3.52 -9.75
CA LEU A 18 6.77 4.17 -8.47
C LEU A 18 8.02 3.99 -7.60
N THR A 19 8.57 5.10 -7.15
CA THR A 19 9.77 5.06 -6.34
C THR A 19 9.41 4.80 -4.88
N CYS A 20 10.02 3.77 -4.34
CA CYS A 20 9.86 3.41 -2.95
C CYS A 20 10.74 4.31 -2.09
N TYR A 21 10.13 5.14 -1.25
CA TYR A 21 10.90 6.08 -0.44
C TYR A 21 11.72 5.33 0.60
N LEU A 22 11.26 4.12 0.93
CA LEU A 22 12.06 3.19 1.71
C LEU A 22 12.90 2.37 0.74
N CYS A 23 13.77 3.11 0.03
CA CYS A 23 14.64 2.59 -1.04
C CYS A 23 15.21 3.78 -1.81
N LYS A 24 16.09 3.47 -2.75
CA LYS A 24 16.46 4.41 -3.79
C LYS A 24 16.20 3.71 -5.12
N GLN A 25 15.28 2.77 -5.08
CA GLN A 25 15.03 1.88 -6.19
C GLN A 25 13.55 1.87 -6.54
N LYS A 26 13.24 2.41 -7.70
CA LYS A 26 11.87 2.43 -8.21
C LYS A 26 11.53 1.07 -8.81
N GLY A 27 10.37 0.55 -8.42
CA GLY A 27 9.97 -0.78 -8.85
C GLY A 27 10.68 -1.86 -8.06
N VAL A 28 11.37 -2.76 -8.77
CA VAL A 28 12.14 -3.85 -8.15
C VAL A 28 11.24 -4.96 -7.62
N GLY A 29 10.27 -4.62 -6.77
CA GLY A 29 9.38 -5.61 -6.23
C GLY A 29 7.94 -5.14 -6.22
N ALA A 30 7.23 -5.47 -5.16
CA ALA A 30 5.84 -5.07 -5.02
C ALA A 30 5.76 -3.74 -4.28
N SER A 31 4.99 -2.81 -4.82
CA SER A 31 4.83 -1.52 -4.21
C SER A 31 3.37 -1.26 -3.84
N ILE A 32 3.15 -1.04 -2.55
CA ILE A 32 1.82 -0.72 -2.06
C ILE A 32 1.75 0.78 -1.80
N GLN A 33 0.55 1.36 -1.89
CA GLN A 33 0.40 2.78 -1.76
C GLN A 33 -0.34 3.15 -0.49
N CYS A 34 0.22 4.12 0.19
CA CYS A 34 -0.42 4.76 1.33
C CYS A 34 -1.78 5.29 0.93
N HIS A 35 -2.76 5.10 1.79
CA HIS A 35 -4.12 5.52 1.51
C HIS A 35 -4.25 7.04 1.68
N LYS A 36 -5.48 7.54 1.61
CA LYS A 36 -5.78 8.97 1.59
C LYS A 36 -5.45 9.54 0.20
N ALA A 37 -6.47 10.07 -0.46
CA ALA A 37 -6.40 10.49 -1.86
C ALA A 37 -5.20 11.39 -2.17
N ASN A 38 -4.97 12.38 -1.32
CA ASN A 38 -3.95 13.40 -1.61
C ASN A 38 -2.55 12.90 -1.28
N CYS A 39 -2.43 11.64 -0.91
CA CYS A 39 -1.15 11.11 -0.49
C CYS A 39 -0.56 10.19 -1.56
N TYR A 40 -1.10 8.96 -1.66
CA TYR A 40 -0.60 7.95 -2.60
C TYR A 40 0.92 7.82 -2.56
N THR A 41 1.40 7.19 -1.50
CA THR A 41 2.84 7.00 -1.32
C THR A 41 3.22 5.55 -1.58
N ALA A 42 4.21 5.32 -2.43
CA ALA A 42 4.56 3.97 -2.83
C ALA A 42 5.78 3.45 -2.08
N PHE A 43 5.64 2.25 -1.54
CA PHE A 43 6.73 1.57 -0.85
C PHE A 43 6.56 0.07 -0.96
N HIS A 44 7.65 -0.68 -0.77
CA HIS A 44 7.60 -2.13 -0.90
C HIS A 44 6.87 -2.75 0.28
N VAL A 45 6.21 -3.88 0.03
CA VAL A 45 5.49 -4.58 1.08
C VAL A 45 6.47 -5.07 2.16
N THR A 46 7.63 -5.50 1.73
CA THR A 46 8.67 -5.93 2.65
C THR A 46 9.22 -4.75 3.44
N CYS A 47 9.16 -3.55 2.85
CA CYS A 47 9.63 -2.35 3.51
C CYS A 47 8.71 -1.99 4.67
N ALA A 48 7.42 -2.20 4.47
CA ALA A 48 6.44 -1.89 5.50
C ALA A 48 6.64 -2.78 6.71
N GLN A 49 6.88 -4.07 6.46
CA GLN A 49 7.12 -5.02 7.53
C GLN A 49 8.45 -4.72 8.22
N LYS A 50 9.43 -4.29 7.43
CA LYS A 50 10.76 -4.05 7.95
C LYS A 50 10.83 -2.73 8.73
N ALA A 51 10.02 -1.77 8.32
CA ALA A 51 9.97 -0.49 9.01
C ALA A 51 9.04 -0.54 10.21
N GLY A 52 7.97 -1.31 10.08
CA GLY A 52 6.99 -1.42 11.15
C GLY A 52 6.07 -0.22 11.19
N LEU A 53 5.53 0.14 10.03
CA LEU A 53 4.64 1.29 9.92
C LEU A 53 3.19 0.89 10.16
N TYR A 54 2.27 1.82 9.93
CA TYR A 54 0.86 1.54 10.17
C TYR A 54 0.24 0.79 9.00
N MET A 55 -0.11 -0.46 9.24
CA MET A 55 -0.77 -1.28 8.24
C MET A 55 -2.09 -1.81 8.78
N LYS A 56 -3.19 -1.33 8.22
CA LYS A 56 -4.50 -1.80 8.60
C LYS A 56 -4.88 -2.98 7.71
N MET A 57 -5.67 -3.89 8.22
CA MET A 57 -5.95 -5.13 7.51
C MET A 57 -7.37 -5.55 7.81
N GLU A 58 -8.22 -5.38 6.83
CA GLU A 58 -9.63 -5.55 7.01
C GLU A 58 -10.11 -6.84 6.37
N PRO A 59 -10.72 -7.75 7.13
CA PRO A 59 -11.27 -8.97 6.61
C PRO A 59 -12.79 -8.88 6.38
N VAL A 60 -13.16 -8.63 5.13
CA VAL A 60 -14.57 -8.52 4.77
C VAL A 60 -15.06 -9.81 4.15
N LYS A 61 -16.34 -10.11 4.33
CA LYS A 61 -16.91 -11.34 3.81
C LYS A 61 -18.12 -11.05 2.92
N GLU A 62 -17.97 -11.43 1.66
CA GLU A 62 -19.03 -11.31 0.67
C GLU A 62 -19.68 -12.67 0.47
N LEU A 63 -20.69 -12.73 -0.37
CA LEU A 63 -21.48 -13.92 -0.60
C LEU A 63 -21.58 -14.20 -2.10
N THR A 64 -20.64 -13.64 -2.84
CA THR A 64 -20.65 -13.72 -4.29
C THR A 64 -20.52 -15.17 -4.79
N GLY A 65 -21.48 -15.59 -5.61
CA GLY A 65 -21.43 -16.92 -6.17
C GLY A 65 -22.18 -17.94 -5.34
N GLY A 66 -22.88 -17.45 -4.32
CA GLY A 66 -23.66 -18.34 -3.48
C GLY A 66 -22.91 -18.73 -2.23
N GLY A 67 -21.59 -18.68 -2.31
CA GLY A 67 -20.77 -18.99 -1.17
C GLY A 67 -20.11 -17.74 -0.61
N THR A 68 -19.82 -17.75 0.67
CA THR A 68 -19.18 -16.61 1.29
C THR A 68 -17.76 -16.43 0.77
N THR A 69 -17.44 -15.23 0.32
CA THR A 69 -16.15 -14.96 -0.21
C THR A 69 -15.42 -14.06 0.76
N PHE A 70 -14.34 -14.58 1.21
CA PHE A 70 -13.46 -13.88 2.10
C PHE A 70 -12.51 -12.98 1.31
N SER A 71 -12.57 -11.70 1.57
CA SER A 71 -11.71 -10.74 0.93
C SER A 71 -10.89 -9.99 1.97
N VAL A 72 -9.58 -10.10 1.90
CA VAL A 72 -8.71 -9.38 2.81
C VAL A 72 -8.27 -8.09 2.16
N ARG A 73 -8.44 -7.02 2.89
CA ARG A 73 -8.12 -5.69 2.38
C ARG A 73 -7.06 -5.05 3.24
N LYS A 74 -5.85 -4.93 2.73
CA LYS A 74 -4.82 -4.24 3.46
C LYS A 74 -4.84 -2.76 3.12
N THR A 75 -5.11 -1.96 4.13
CA THR A 75 -5.07 -0.53 3.97
C THR A 75 -3.83 0.01 4.66
N ALA A 76 -2.86 0.45 3.89
CA ALA A 76 -1.59 0.85 4.45
C ALA A 76 -1.43 2.35 4.40
N TYR A 77 -0.74 2.87 5.39
CA TYR A 77 -0.38 4.27 5.41
C TYR A 77 1.12 4.39 5.55
N CYS A 78 1.68 5.41 4.92
CA CYS A 78 3.14 5.59 4.93
C CYS A 78 3.65 5.79 6.35
N ASP A 79 4.89 5.38 6.57
CA ASP A 79 5.52 5.46 7.89
C ASP A 79 5.33 6.84 8.53
N VAL A 80 5.50 7.89 7.73
CA VAL A 80 5.40 9.27 8.24
C VAL A 80 3.98 9.80 8.10
N HIS A 81 3.01 8.90 8.00
CA HIS A 81 1.61 9.30 7.97
C HIS A 81 1.07 9.42 9.38
N THR A 82 1.74 8.77 10.33
CA THR A 82 1.29 8.76 11.70
C THR A 82 2.09 9.73 12.58
N PRO A 83 3.44 9.63 12.66
CA PRO A 83 4.24 10.47 13.55
C PRO A 83 5.16 11.50 12.85
N PRO A 84 4.67 12.31 11.87
CA PRO A 84 5.45 13.46 11.37
C PRO A 84 5.70 14.52 12.45
N GLY A 85 6.02 15.74 12.02
CA GLY A 85 6.28 16.83 12.95
C GLY A 85 5.13 17.08 13.91
N SER A 86 3.91 17.02 13.40
CA SER A 86 2.72 17.21 14.22
C SER A 86 1.57 16.35 13.70
N THR A 87 1.09 15.45 14.53
CA THR A 87 -0.04 14.61 14.18
C THR A 87 -1.35 15.30 14.53
N MET A 9 -7.85 -9.51 -19.06
CA MET A 9 -7.14 -9.49 -17.77
C MET A 9 -6.26 -8.25 -17.69
N ASN A 10 -5.88 -7.87 -16.48
CA ASN A 10 -5.08 -6.68 -16.27
C ASN A 10 -3.79 -7.04 -15.55
N ILE A 11 -2.69 -7.06 -16.29
CA ILE A 11 -1.39 -7.38 -15.73
C ILE A 11 -0.45 -6.20 -15.88
N PRO A 12 0.08 -5.67 -14.76
CA PRO A 12 1.08 -4.63 -14.77
C PRO A 12 2.51 -5.17 -14.56
N PRO A 13 3.18 -5.61 -15.64
CA PRO A 13 4.52 -6.17 -15.56
C PRO A 13 5.61 -5.14 -15.85
N ALA A 14 5.21 -3.92 -16.16
CA ALA A 14 6.15 -2.86 -16.51
C ALA A 14 5.47 -1.54 -16.25
N ARG A 15 4.54 -1.56 -15.32
CA ARG A 15 3.71 -0.41 -15.04
C ARG A 15 4.16 0.25 -13.75
N TRP A 16 5.38 -0.07 -13.36
CA TRP A 16 5.97 0.48 -12.14
C TRP A 16 6.31 1.95 -12.30
N LYS A 17 5.31 2.79 -12.11
CA LYS A 17 5.49 4.23 -12.18
C LYS A 17 5.54 4.82 -10.77
N LEU A 18 5.85 3.97 -9.81
CA LEU A 18 5.89 4.37 -8.41
C LEU A 18 7.22 3.92 -7.78
N THR A 19 7.80 4.81 -6.98
CA THR A 19 9.11 4.56 -6.39
C THR A 19 9.01 4.37 -4.86
N CYS A 20 9.80 3.45 -4.33
CA CYS A 20 9.81 3.18 -2.90
C CYS A 20 10.77 4.13 -2.19
N TYR A 21 10.23 5.03 -1.37
CA TYR A 21 11.01 6.10 -0.75
C TYR A 21 11.95 5.62 0.35
N LEU A 22 11.83 4.35 0.75
CA LEU A 22 12.67 3.82 1.82
C LEU A 22 13.99 3.27 1.29
N CYS A 23 14.32 3.57 0.03
CA CYS A 23 15.52 3.02 -0.59
C CYS A 23 15.81 3.63 -1.97
N LYS A 24 14.83 4.28 -2.59
CA LYS A 24 15.03 4.99 -3.85
C LYS A 24 15.21 3.98 -4.98
N GLN A 25 14.54 2.85 -4.84
CA GLN A 25 14.52 1.85 -5.85
C GLN A 25 13.08 1.55 -6.20
N LYS A 26 12.76 1.84 -7.43
CA LYS A 26 11.42 1.67 -7.98
C LYS A 26 10.84 0.26 -7.76
N GLY A 27 11.23 -0.69 -8.60
CA GLY A 27 10.57 -1.98 -8.58
C GLY A 27 11.52 -3.15 -8.45
N VAL A 28 11.38 -3.90 -7.37
CA VAL A 28 12.17 -5.11 -7.16
C VAL A 28 11.27 -6.31 -6.92
N GLY A 29 10.02 -6.05 -6.57
CA GLY A 29 9.07 -7.11 -6.32
C GLY A 29 7.64 -6.61 -6.35
N ALA A 30 7.20 -6.02 -5.24
CA ALA A 30 5.85 -5.49 -5.14
C ALA A 30 5.84 -4.22 -4.29
N SER A 31 4.91 -3.32 -4.59
CA SER A 31 4.80 -2.06 -3.89
C SER A 31 3.36 -1.80 -3.46
N ILE A 32 3.18 -1.22 -2.28
CA ILE A 32 1.88 -0.82 -1.80
C ILE A 32 1.85 0.70 -1.67
N GLN A 33 0.68 1.29 -1.82
CA GLN A 33 0.57 2.74 -1.89
C GLN A 33 -0.32 3.29 -0.78
N CYS A 34 0.26 4.12 0.08
CA CYS A 34 -0.48 4.79 1.13
C CYS A 34 -1.52 5.70 0.52
N HIS A 35 -2.61 5.88 1.23
CA HIS A 35 -3.73 6.64 0.69
C HIS A 35 -4.57 7.32 1.77
N LYS A 36 -5.43 6.57 2.45
CA LYS A 36 -6.43 7.15 3.37
C LYS A 36 -7.50 7.90 2.60
N ALA A 37 -7.07 8.95 1.89
CA ALA A 37 -7.94 9.71 1.01
C ALA A 37 -7.11 10.41 -0.05
N ASN A 38 -6.37 11.42 0.37
CA ASN A 38 -5.50 12.17 -0.51
C ASN A 38 -4.05 11.89 -0.17
N CYS A 39 -3.47 10.92 -0.85
CA CYS A 39 -2.09 10.51 -0.62
C CYS A 39 -1.70 9.46 -1.64
N TYR A 40 -0.45 9.49 -2.09
CA TYR A 40 -0.01 8.61 -3.17
C TYR A 40 1.36 7.99 -2.86
N THR A 41 1.71 7.94 -1.58
CA THR A 41 3.05 7.52 -1.18
C THR A 41 3.23 6.01 -1.36
N ALA A 42 4.13 5.64 -2.26
CA ALA A 42 4.35 4.24 -2.59
C ALA A 42 5.59 3.68 -1.91
N PHE A 43 5.50 2.44 -1.47
CA PHE A 43 6.62 1.77 -0.82
C PHE A 43 6.46 0.25 -0.92
N HIS A 44 7.57 -0.46 -0.87
CA HIS A 44 7.55 -1.92 -1.01
C HIS A 44 6.95 -2.55 0.23
N VAL A 45 6.17 -3.60 0.01
CA VAL A 45 5.51 -4.31 1.10
C VAL A 45 6.52 -4.81 2.12
N THR A 46 7.67 -5.28 1.63
CA THR A 46 8.72 -5.78 2.50
C THR A 46 9.27 -4.65 3.38
N CYS A 47 9.55 -3.49 2.78
CA CYS A 47 10.14 -2.35 3.49
C CYS A 47 9.23 -1.91 4.64
N ALA A 48 7.92 -1.95 4.38
CA ALA A 48 6.95 -1.55 5.39
C ALA A 48 7.00 -2.48 6.58
N GLN A 49 7.10 -3.78 6.31
CA GLN A 49 7.17 -4.79 7.35
C GLN A 49 8.52 -4.75 8.06
N LYS A 50 9.54 -4.26 7.35
CA LYS A 50 10.87 -4.11 7.94
C LYS A 50 10.89 -2.94 8.90
N ALA A 51 10.22 -1.86 8.52
CA ALA A 51 10.14 -0.67 9.37
C ALA A 51 9.16 -0.91 10.52
N GLY A 52 8.03 -1.53 10.21
CA GLY A 52 7.02 -1.78 11.21
C GLY A 52 6.01 -0.66 11.30
N LEU A 53 5.63 -0.13 10.14
CA LEU A 53 4.66 0.96 10.10
C LEU A 53 3.23 0.42 10.21
N TYR A 54 2.26 1.31 10.14
CA TYR A 54 0.87 0.93 10.35
C TYR A 54 0.25 0.28 9.13
N MET A 55 -0.28 -0.92 9.34
CA MET A 55 -1.06 -1.62 8.33
C MET A 55 -2.39 -2.05 8.91
N LYS A 56 -3.46 -1.75 8.20
CA LYS A 56 -4.79 -2.20 8.60
C LYS A 56 -5.20 -3.39 7.73
N MET A 57 -6.08 -4.24 8.24
CA MET A 57 -6.45 -5.46 7.56
C MET A 57 -7.94 -5.69 7.75
N GLU A 58 -8.70 -5.47 6.71
CA GLU A 58 -10.13 -5.66 6.78
C GLU A 58 -10.55 -6.89 5.97
N PRO A 59 -11.21 -7.86 6.60
CA PRO A 59 -11.72 -9.03 5.92
C PRO A 59 -13.15 -8.83 5.41
N VAL A 60 -13.34 -8.92 4.10
CA VAL A 60 -14.66 -8.84 3.52
C VAL A 60 -15.02 -10.15 2.83
N LYS A 61 -16.06 -10.80 3.30
CA LYS A 61 -16.44 -12.11 2.81
C LYS A 61 -17.22 -12.02 1.52
N GLU A 62 -16.57 -12.39 0.43
CA GLU A 62 -17.20 -12.47 -0.87
C GLU A 62 -17.65 -13.90 -1.14
N LEU A 63 -18.29 -14.10 -2.28
CA LEU A 63 -19.06 -15.32 -2.53
C LEU A 63 -19.23 -15.57 -4.03
N THR A 64 -19.34 -14.50 -4.77
CA THR A 64 -19.52 -14.56 -6.21
C THR A 64 -18.31 -15.22 -6.90
N GLY A 65 -18.59 -16.03 -7.90
CA GLY A 65 -17.54 -16.70 -8.64
C GLY A 65 -17.72 -18.20 -8.66
N GLY A 66 -18.30 -18.72 -7.58
CA GLY A 66 -18.53 -20.15 -7.49
C GLY A 66 -18.33 -20.65 -6.07
N GLY A 67 -17.38 -20.04 -5.38
CA GLY A 67 -17.15 -20.36 -3.99
C GLY A 67 -16.99 -19.10 -3.17
N THR A 68 -17.15 -19.24 -1.86
CA THR A 68 -16.98 -18.12 -0.96
C THR A 68 -15.52 -17.71 -0.94
N THR A 69 -15.26 -16.44 -1.17
CA THR A 69 -13.92 -15.98 -1.37
C THR A 69 -13.55 -15.00 -0.29
N PHE A 70 -12.53 -15.37 0.42
CA PHE A 70 -11.93 -14.52 1.40
C PHE A 70 -11.20 -13.37 0.72
N SER A 71 -11.74 -12.19 0.86
CA SER A 71 -11.14 -11.00 0.28
C SER A 71 -10.67 -10.08 1.39
N VAL A 72 -9.40 -9.75 1.39
CA VAL A 72 -8.87 -8.88 2.42
C VAL A 72 -8.54 -7.51 1.84
N ARG A 73 -8.96 -6.51 2.56
CA ARG A 73 -8.67 -5.14 2.21
C ARG A 73 -7.59 -4.62 3.14
N LYS A 74 -6.36 -4.69 2.69
CA LYS A 74 -5.23 -4.30 3.51
C LYS A 74 -4.87 -2.85 3.23
N THR A 75 -5.02 -2.01 4.22
CA THR A 75 -4.80 -0.58 4.06
C THR A 75 -3.58 -0.14 4.85
N ALA A 76 -2.51 0.18 4.16
CA ALA A 76 -1.31 0.64 4.83
C ALA A 76 -1.15 2.14 4.66
N TYR A 77 -0.58 2.77 5.67
CA TYR A 77 -0.27 4.18 5.60
C TYR A 77 1.24 4.34 5.60
N CYS A 78 1.72 5.34 4.88
CA CYS A 78 3.15 5.62 4.87
C CYS A 78 3.62 5.99 6.27
N ASP A 79 4.87 5.70 6.58
CA ASP A 79 5.38 5.90 7.94
C ASP A 79 5.23 7.36 8.39
N VAL A 80 5.50 8.28 7.48
CA VAL A 80 5.42 9.71 7.78
C VAL A 80 3.97 10.22 7.72
N HIS A 81 3.03 9.30 7.57
CA HIS A 81 1.62 9.66 7.51
C HIS A 81 1.08 9.90 8.91
N THR A 82 1.58 9.11 9.85
CA THR A 82 1.12 9.18 11.22
C THR A 82 2.28 9.64 12.12
N PRO A 83 2.04 10.69 12.95
CA PRO A 83 3.04 11.35 13.81
C PRO A 83 4.23 10.47 14.22
N PRO A 84 5.37 10.60 13.50
CA PRO A 84 6.60 9.88 13.80
C PRO A 84 7.44 10.63 14.83
N GLY A 85 7.65 10.00 15.98
CA GLY A 85 8.39 10.64 17.05
C GLY A 85 7.49 11.52 17.88
N SER A 86 6.25 11.62 17.45
CA SER A 86 5.24 12.41 18.13
C SER A 86 4.02 11.54 18.41
N THR A 87 2.84 12.15 18.48
CA THR A 87 1.64 11.43 18.84
C THR A 87 0.40 12.29 18.57
N MET A 9 -4.84 20.71 -23.85
CA MET A 9 -5.41 19.41 -24.22
C MET A 9 -5.92 18.71 -22.96
N ASN A 10 -7.12 18.13 -23.05
CA ASN A 10 -7.72 17.47 -21.90
C ASN A 10 -7.28 16.02 -21.86
N ILE A 11 -6.01 15.82 -21.53
CA ILE A 11 -5.44 14.50 -21.53
C ILE A 11 -4.86 14.17 -20.15
N PRO A 12 -5.46 13.21 -19.45
CA PRO A 12 -4.97 12.73 -18.17
C PRO A 12 -3.97 11.57 -18.35
N PRO A 13 -2.67 11.85 -18.16
CA PRO A 13 -1.63 10.82 -18.27
C PRO A 13 -1.59 9.90 -17.05
N ALA A 14 -0.62 9.00 -17.05
CA ALA A 14 -0.43 8.06 -15.96
C ALA A 14 1.04 8.02 -15.59
N ARG A 15 1.70 9.14 -15.83
CA ARG A 15 3.14 9.25 -15.66
C ARG A 15 3.54 9.33 -14.19
N TRP A 16 2.57 9.22 -13.30
CA TRP A 16 2.85 9.18 -11.88
C TRP A 16 3.38 7.80 -11.49
N LYS A 17 4.69 7.64 -11.59
CA LYS A 17 5.32 6.38 -11.24
C LYS A 17 5.53 6.28 -9.75
N LEU A 18 4.60 5.60 -9.09
CA LEU A 18 4.67 5.37 -7.66
C LEU A 18 6.02 4.75 -7.29
N THR A 19 6.81 5.51 -6.55
CA THR A 19 8.13 5.09 -6.16
C THR A 19 8.18 4.76 -4.67
N CYS A 20 8.84 3.66 -4.34
CA CYS A 20 9.04 3.29 -2.95
C CYS A 20 10.18 4.10 -2.36
N TYR A 21 9.84 5.07 -1.53
CA TYR A 21 10.84 5.96 -0.93
C TYR A 21 11.85 5.17 -0.12
N LEU A 22 11.41 4.07 0.48
CA LEU A 22 12.30 3.19 1.21
C LEU A 22 13.06 2.28 0.25
N CYS A 23 14.05 2.91 -0.43
CA CYS A 23 15.06 2.26 -1.31
C CYS A 23 15.22 3.07 -2.60
N LYS A 24 14.13 3.68 -3.05
CA LYS A 24 14.13 4.52 -4.25
C LYS A 24 14.29 3.63 -5.48
N GLN A 25 13.72 2.44 -5.39
CA GLN A 25 13.85 1.47 -6.46
C GLN A 25 12.51 1.23 -7.15
N LYS A 26 11.63 2.22 -7.05
CA LYS A 26 10.28 2.15 -7.64
C LYS A 26 9.56 0.86 -7.23
N GLY A 27 9.22 0.02 -8.22
CA GLY A 27 8.52 -1.21 -7.93
C GLY A 27 9.19 -2.40 -8.59
N VAL A 28 9.79 -3.26 -7.79
CA VAL A 28 10.47 -4.44 -8.31
C VAL A 28 9.59 -5.68 -8.19
N GLY A 29 9.07 -5.93 -6.99
CA GLY A 29 8.27 -7.12 -6.77
C GLY A 29 6.93 -6.82 -6.16
N ALA A 30 6.92 -6.33 -4.93
CA ALA A 30 5.68 -6.05 -4.22
C ALA A 30 5.69 -4.63 -3.67
N SER A 31 4.70 -3.85 -4.06
CA SER A 31 4.57 -2.48 -3.61
C SER A 31 3.14 -2.20 -3.12
N ILE A 32 3.02 -1.45 -2.04
CA ILE A 32 1.73 -1.08 -1.51
C ILE A 32 1.66 0.44 -1.38
N GLN A 33 0.46 0.99 -1.46
CA GLN A 33 0.29 2.43 -1.47
C GLN A 33 -0.47 2.88 -0.23
N CYS A 34 0.10 3.86 0.45
CA CYS A 34 -0.50 4.45 1.63
C CYS A 34 -1.77 5.20 1.25
N HIS A 35 -2.65 5.40 2.20
CA HIS A 35 -3.95 5.97 1.92
C HIS A 35 -3.93 7.49 2.08
N LYS A 36 -5.12 8.07 2.25
CA LYS A 36 -5.33 9.53 2.30
C LYS A 36 -5.29 10.10 0.89
N ALA A 37 -6.38 10.76 0.50
CA ALA A 37 -6.56 11.23 -0.87
C ALA A 37 -5.44 12.16 -1.33
N ASN A 38 -4.88 12.91 -0.39
CA ASN A 38 -3.82 13.84 -0.73
C ASN A 38 -2.50 13.38 -0.16
N CYS A 39 -2.02 12.23 -0.65
CA CYS A 39 -0.72 11.70 -0.28
C CYS A 39 -0.38 10.50 -1.14
N TYR A 40 -1.05 9.37 -0.86
CA TYR A 40 -0.83 8.10 -1.56
C TYR A 40 0.65 7.79 -1.73
N THR A 41 1.25 7.29 -0.66
CA THR A 41 2.69 7.06 -0.62
C THR A 41 2.99 5.60 -0.94
N ALA A 42 3.90 5.36 -1.87
CA ALA A 42 4.19 3.99 -2.29
C ALA A 42 5.46 3.47 -1.63
N PHE A 43 5.41 2.21 -1.21
CA PHE A 43 6.56 1.56 -0.61
C PHE A 43 6.42 0.04 -0.71
N HIS A 44 7.53 -0.66 -0.58
CA HIS A 44 7.54 -2.11 -0.71
C HIS A 44 7.05 -2.76 0.58
N VAL A 45 6.38 -3.89 0.45
CA VAL A 45 5.86 -4.61 1.61
C VAL A 45 6.98 -4.99 2.57
N THR A 46 8.12 -5.39 2.02
CA THR A 46 9.29 -5.72 2.82
C THR A 46 9.81 -4.46 3.54
N CYS A 47 9.82 -3.33 2.83
CA CYS A 47 10.27 -2.05 3.41
C CYS A 47 9.38 -1.65 4.58
N ALA A 48 8.08 -1.91 4.43
CA ALA A 48 7.13 -1.61 5.48
C ALA A 48 7.45 -2.42 6.74
N GLN A 49 7.82 -3.67 6.53
CA GLN A 49 8.19 -4.56 7.64
C GLN A 49 9.53 -4.16 8.24
N LYS A 50 10.35 -3.49 7.43
CA LYS A 50 11.64 -2.97 7.91
C LYS A 50 11.41 -1.82 8.89
N ALA A 51 10.50 -0.93 8.53
CA ALA A 51 10.23 0.26 9.34
C ALA A 51 9.26 -0.05 10.48
N GLY A 52 8.27 -0.88 10.20
CA GLY A 52 7.26 -1.20 11.21
C GLY A 52 6.16 -0.16 11.25
N LEU A 53 5.56 0.11 10.10
CA LEU A 53 4.55 1.14 9.99
C LEU A 53 3.14 0.57 10.18
N TYR A 54 2.13 1.43 10.01
CA TYR A 54 0.75 1.04 10.27
C TYR A 54 0.09 0.50 9.01
N MET A 55 -0.51 -0.68 9.13
CA MET A 55 -1.25 -1.27 8.03
C MET A 55 -2.64 -1.68 8.46
N LYS A 56 -3.55 -1.75 7.50
CA LYS A 56 -4.91 -2.18 7.73
C LYS A 56 -5.27 -3.26 6.71
N MET A 57 -5.67 -4.42 7.19
CA MET A 57 -6.02 -5.52 6.31
C MET A 57 -7.32 -6.11 6.79
N GLU A 58 -8.37 -5.83 6.05
CA GLU A 58 -9.70 -6.19 6.48
C GLU A 58 -10.35 -7.15 5.50
N PRO A 59 -10.77 -8.33 5.97
CA PRO A 59 -11.53 -9.27 5.16
C PRO A 59 -13.04 -9.04 5.34
N VAL A 60 -13.64 -8.32 4.39
CA VAL A 60 -15.06 -8.01 4.47
C VAL A 60 -15.88 -9.02 3.68
N LYS A 61 -17.07 -9.32 4.18
CA LYS A 61 -17.94 -10.25 3.52
C LYS A 61 -18.83 -9.54 2.51
N GLU A 62 -18.46 -9.65 1.26
CA GLU A 62 -19.26 -9.10 0.17
C GLU A 62 -20.35 -10.10 -0.19
N LEU A 63 -21.19 -9.74 -1.13
CA LEU A 63 -22.43 -10.45 -1.37
C LEU A 63 -22.50 -11.10 -2.76
N THR A 64 -21.77 -10.56 -3.71
CA THR A 64 -21.80 -11.09 -5.06
C THR A 64 -20.72 -12.15 -5.25
N GLY A 65 -21.14 -13.38 -5.52
CA GLY A 65 -20.20 -14.47 -5.68
C GLY A 65 -20.76 -15.77 -5.15
N GLY A 66 -21.87 -16.21 -5.74
CA GLY A 66 -22.55 -17.39 -5.25
C GLY A 66 -23.53 -17.06 -4.14
N GLY A 67 -23.03 -17.10 -2.92
CA GLY A 67 -23.81 -16.66 -1.78
C GLY A 67 -23.30 -15.35 -1.27
N THR A 68 -22.07 -15.39 -0.77
CA THR A 68 -21.31 -14.21 -0.40
C THR A 68 -19.85 -14.45 -0.76
N THR A 69 -19.02 -13.42 -0.83
CA THR A 69 -17.67 -13.60 -1.12
C THR A 69 -16.88 -12.87 -0.09
N PHE A 70 -15.68 -13.27 -0.03
CA PHE A 70 -14.68 -12.72 0.81
C PHE A 70 -13.88 -11.67 0.05
N SER A 71 -14.06 -10.43 0.45
CA SER A 71 -13.40 -9.34 -0.22
C SER A 71 -12.32 -8.77 0.68
N VAL A 72 -11.10 -8.70 0.17
CA VAL A 72 -10.01 -8.17 0.95
C VAL A 72 -9.95 -6.65 0.78
N ARG A 73 -9.79 -5.98 1.88
CA ARG A 73 -9.67 -4.54 1.91
C ARG A 73 -8.34 -4.19 2.53
N LYS A 74 -7.34 -3.97 1.69
CA LYS A 74 -6.01 -3.74 2.17
C LYS A 74 -5.67 -2.26 2.07
N THR A 75 -5.21 -1.71 3.18
CA THR A 75 -4.87 -0.30 3.26
C THR A 75 -3.63 -0.14 4.14
N ALA A 76 -2.88 0.94 3.96
CA ALA A 76 -1.71 1.18 4.78
C ALA A 76 -1.42 2.66 4.89
N TYR A 77 -0.59 3.01 5.85
CA TYR A 77 -0.12 4.37 5.99
C TYR A 77 1.39 4.35 6.09
N CYS A 78 2.05 5.20 5.31
CA CYS A 78 3.51 5.22 5.30
C CYS A 78 4.06 5.60 6.68
N ASP A 79 5.26 5.12 6.99
CA ASP A 79 5.83 5.31 8.32
C ASP A 79 5.98 6.79 8.66
N VAL A 80 6.17 7.62 7.64
CA VAL A 80 6.30 9.05 7.83
C VAL A 80 4.94 9.75 7.75
N HIS A 81 3.88 8.96 7.86
CA HIS A 81 2.51 9.47 7.73
C HIS A 81 1.76 9.36 9.06
N THR A 82 2.21 8.46 9.92
CA THR A 82 1.51 8.21 11.17
C THR A 82 1.92 9.20 12.27
N PRO A 83 3.24 9.28 12.63
CA PRO A 83 3.74 10.22 13.64
C PRO A 83 3.21 11.66 13.51
N PRO A 84 3.20 12.30 12.31
CA PRO A 84 2.70 13.68 12.14
C PRO A 84 1.32 13.88 12.77
N GLY A 85 1.30 14.58 13.90
CA GLY A 85 0.08 14.79 14.64
C GLY A 85 0.25 14.43 16.09
N SER A 86 -0.20 13.25 16.47
CA SER A 86 -0.05 12.76 17.83
C SER A 86 -0.01 11.24 17.85
N THR A 87 0.94 10.68 18.58
CA THR A 87 1.05 9.24 18.72
C THR A 87 0.31 8.77 19.97
N MET A 9 -1.06 20.02 -18.95
CA MET A 9 -0.37 19.31 -20.05
C MET A 9 0.96 18.74 -19.58
N ASN A 10 0.94 17.47 -19.19
CA ASN A 10 2.16 16.80 -18.74
C ASN A 10 1.95 15.28 -18.78
N ILE A 11 3.04 14.54 -18.87
CA ILE A 11 2.98 13.09 -18.92
C ILE A 11 3.47 12.50 -17.61
N PRO A 12 3.05 11.27 -17.27
CA PRO A 12 3.44 10.60 -16.03
C PRO A 12 4.80 9.89 -16.14
N PRO A 13 5.86 10.47 -15.57
CA PRO A 13 7.21 9.89 -15.57
C PRO A 13 7.37 8.79 -14.52
N ALA A 14 6.33 7.99 -14.33
CA ALA A 14 6.32 6.94 -13.34
C ALA A 14 5.72 5.68 -13.95
N ARG A 15 5.98 5.50 -15.25
CA ARG A 15 5.40 4.40 -15.99
C ARG A 15 6.03 3.07 -15.56
N TRP A 16 7.25 3.14 -15.03
CA TRP A 16 7.95 1.96 -14.55
C TRP A 16 7.59 1.67 -13.09
N LYS A 17 6.29 1.73 -12.81
CA LYS A 17 5.75 1.63 -11.46
C LYS A 17 6.14 2.84 -10.62
N LEU A 18 5.59 2.92 -9.43
CA LEU A 18 5.92 4.00 -8.51
C LEU A 18 7.15 3.62 -7.71
N THR A 19 8.02 4.58 -7.44
CA THR A 19 9.25 4.29 -6.72
C THR A 19 9.02 4.30 -5.22
N CYS A 20 9.57 3.30 -4.57
CA CYS A 20 9.52 3.18 -3.13
C CYS A 20 10.59 4.06 -2.50
N TYR A 21 10.21 4.89 -1.53
CA TYR A 21 11.16 5.82 -0.91
C TYR A 21 12.17 5.07 -0.06
N LEU A 22 11.72 4.00 0.62
CA LEU A 22 12.63 3.11 1.32
C LEU A 22 13.20 2.11 0.33
N CYS A 23 14.43 2.39 -0.13
CA CYS A 23 15.07 1.71 -1.26
C CYS A 23 14.36 2.09 -2.56
N LYS A 24 15.10 2.80 -3.42
CA LYS A 24 14.55 3.53 -4.57
C LYS A 24 14.31 2.61 -5.76
N GLN A 25 14.03 1.37 -5.45
CA GLN A 25 13.91 0.32 -6.44
C GLN A 25 12.47 0.18 -6.92
N LYS A 26 12.16 0.86 -8.00
CA LYS A 26 10.85 0.75 -8.63
C LYS A 26 10.79 -0.52 -9.48
N GLY A 27 9.82 -1.37 -9.18
CA GLY A 27 9.64 -2.60 -9.93
C GLY A 27 10.65 -3.68 -9.57
N VAL A 28 10.44 -4.33 -8.43
CA VAL A 28 11.31 -5.42 -8.00
C VAL A 28 10.49 -6.56 -7.37
N GLY A 29 9.54 -6.21 -6.51
CA GLY A 29 8.72 -7.22 -5.88
C GLY A 29 7.27 -6.78 -5.76
N ALA A 30 6.94 -6.13 -4.65
CA ALA A 30 5.58 -5.68 -4.42
C ALA A 30 5.59 -4.33 -3.72
N SER A 31 4.65 -3.47 -4.08
CA SER A 31 4.58 -2.14 -3.50
C SER A 31 3.14 -1.82 -3.10
N ILE A 32 2.98 -1.32 -1.89
CA ILE A 32 1.68 -0.93 -1.37
C ILE A 32 1.62 0.59 -1.27
N GLN A 33 0.44 1.17 -1.35
CA GLN A 33 0.32 2.61 -1.40
C GLN A 33 -0.40 3.17 -0.17
N CYS A 34 0.23 4.13 0.47
CA CYS A 34 -0.37 4.88 1.57
C CYS A 34 -1.58 5.64 1.07
N HIS A 35 -2.50 5.89 1.98
CA HIS A 35 -3.71 6.63 1.65
C HIS A 35 -4.04 7.59 2.79
N LYS A 36 -5.30 8.05 2.82
CA LYS A 36 -5.82 9.06 3.76
C LYS A 36 -6.87 9.88 3.03
N ALA A 37 -6.40 10.78 2.18
CA ALA A 37 -7.27 11.61 1.36
C ALA A 37 -6.48 12.25 0.22
N ASN A 38 -5.40 12.95 0.56
CA ASN A 38 -4.58 13.65 -0.43
C ASN A 38 -3.15 13.13 -0.42
N CYS A 39 -2.97 11.89 0.01
CA CYS A 39 -1.65 11.30 0.10
C CYS A 39 -1.66 9.87 -0.40
N TYR A 40 -0.92 9.62 -1.47
CA TYR A 40 -0.75 8.27 -1.99
C TYR A 40 0.74 7.96 -2.13
N THR A 41 1.32 7.41 -1.08
CA THR A 41 2.75 7.16 -1.02
C THR A 41 3.06 5.72 -1.35
N ALA A 42 4.01 5.48 -2.24
CA ALA A 42 4.33 4.13 -2.67
C ALA A 42 5.57 3.60 -1.97
N PHE A 43 5.46 2.40 -1.43
CA PHE A 43 6.58 1.74 -0.78
C PHE A 43 6.39 0.22 -0.80
N HIS A 44 7.48 -0.51 -0.72
CA HIS A 44 7.42 -1.97 -0.81
C HIS A 44 6.78 -2.56 0.44
N VAL A 45 6.10 -3.68 0.25
CA VAL A 45 5.46 -4.37 1.37
C VAL A 45 6.50 -4.81 2.40
N THR A 46 7.65 -5.26 1.91
CA THR A 46 8.74 -5.67 2.79
C THR A 46 9.32 -4.46 3.53
N CYS A 47 9.31 -3.30 2.87
CA CYS A 47 9.84 -2.08 3.48
C CYS A 47 8.94 -1.61 4.61
N ALA A 48 7.64 -1.76 4.40
CA ALA A 48 6.66 -1.34 5.38
C ALA A 48 6.77 -2.17 6.66
N GLN A 49 6.82 -3.48 6.49
CA GLN A 49 6.95 -4.38 7.63
C GLN A 49 8.35 -4.25 8.24
N LYS A 50 9.30 -3.81 7.44
CA LYS A 50 10.67 -3.61 7.89
C LYS A 50 10.73 -2.41 8.82
N ALA A 51 10.06 -1.33 8.43
CA ALA A 51 10.02 -0.12 9.24
C ALA A 51 9.06 -0.27 10.41
N GLY A 52 8.00 -1.05 10.21
CA GLY A 52 7.04 -1.31 11.26
C GLY A 52 5.95 -0.26 11.32
N LEU A 53 5.48 0.15 10.15
CA LEU A 53 4.42 1.16 10.08
C LEU A 53 3.04 0.52 10.16
N TYR A 54 2.01 1.35 10.28
CA TYR A 54 0.64 0.87 10.43
C TYR A 54 0.16 0.14 9.17
N MET A 55 -0.12 -1.15 9.33
CA MET A 55 -0.64 -1.95 8.25
C MET A 55 -1.90 -2.70 8.68
N LYS A 56 -3.02 -2.38 8.05
CA LYS A 56 -4.26 -3.08 8.32
C LYS A 56 -4.71 -3.82 7.06
N MET A 57 -5.27 -5.00 7.23
CA MET A 57 -5.61 -5.87 6.12
C MET A 57 -6.79 -6.72 6.51
N GLU A 58 -7.90 -6.49 5.85
CA GLU A 58 -9.15 -7.10 6.21
C GLU A 58 -9.59 -8.09 5.14
N PRO A 59 -9.80 -9.35 5.52
CA PRO A 59 -10.43 -10.33 4.66
C PRO A 59 -11.93 -10.41 4.92
N VAL A 60 -12.73 -10.03 3.95
CA VAL A 60 -14.16 -10.02 4.12
C VAL A 60 -14.80 -11.19 3.42
N LYS A 61 -15.54 -12.00 4.16
CA LYS A 61 -16.31 -13.07 3.58
C LYS A 61 -17.79 -12.78 3.71
N GLU A 62 -18.51 -13.05 2.66
CA GLU A 62 -19.90 -12.67 2.55
C GLU A 62 -20.69 -13.70 1.76
N LEU A 63 -21.97 -13.45 1.66
CA LEU A 63 -22.94 -14.39 1.16
C LEU A 63 -23.69 -13.82 -0.05
N THR A 64 -23.22 -12.70 -0.57
CA THR A 64 -23.86 -12.06 -1.69
C THR A 64 -23.08 -12.32 -2.97
N GLY A 65 -23.60 -11.84 -4.10
CA GLY A 65 -22.96 -12.08 -5.38
C GLY A 65 -23.57 -13.26 -6.09
N GLY A 66 -23.74 -14.34 -5.36
CA GLY A 66 -24.35 -15.54 -5.89
C GLY A 66 -24.64 -16.52 -4.77
N GLY A 67 -23.58 -16.96 -4.11
CA GLY A 67 -23.70 -17.77 -2.93
C GLY A 67 -22.83 -17.22 -1.83
N THR A 68 -21.58 -16.97 -2.15
CA THR A 68 -20.63 -16.34 -1.24
C THR A 68 -19.71 -15.41 -2.01
N THR A 69 -19.16 -14.40 -1.34
CA THR A 69 -18.15 -13.61 -1.92
C THR A 69 -17.11 -13.36 -0.85
N PHE A 70 -16.00 -13.01 -1.34
CA PHE A 70 -14.79 -12.79 -0.56
C PHE A 70 -13.95 -11.69 -1.19
N SER A 71 -13.59 -10.70 -0.39
CA SER A 71 -12.74 -9.62 -0.84
C SER A 71 -11.61 -9.38 0.17
N VAL A 72 -10.46 -8.92 -0.32
CA VAL A 72 -9.38 -8.52 0.56
C VAL A 72 -9.24 -7.01 0.53
N ARG A 73 -9.16 -6.42 1.70
CA ARG A 73 -9.13 -4.97 1.84
C ARG A 73 -7.88 -4.54 2.59
N LYS A 74 -7.05 -3.73 1.96
CA LYS A 74 -5.80 -3.31 2.58
C LYS A 74 -5.85 -1.83 2.93
N THR A 75 -5.30 -1.49 4.08
CA THR A 75 -5.30 -0.12 4.57
C THR A 75 -3.97 0.19 5.25
N ALA A 76 -3.19 1.12 4.70
CA ALA A 76 -1.90 1.45 5.28
C ALA A 76 -1.57 2.92 5.16
N TYR A 77 -0.58 3.35 5.94
CA TYR A 77 -0.05 4.70 5.86
C TYR A 77 1.47 4.64 5.86
N CYS A 78 2.10 5.53 5.11
CA CYS A 78 3.57 5.60 5.11
C CYS A 78 4.09 5.99 6.49
N ASP A 79 5.31 5.58 6.81
CA ASP A 79 5.89 5.78 8.15
C ASP A 79 5.96 7.27 8.50
N VAL A 80 6.11 8.12 7.50
CA VAL A 80 6.17 9.56 7.71
C VAL A 80 4.77 10.17 7.74
N HIS A 81 3.75 9.34 7.60
CA HIS A 81 2.37 9.82 7.65
C HIS A 81 1.92 9.85 9.10
N THR A 82 2.44 8.93 9.88
CA THR A 82 2.22 8.91 11.31
C THR A 82 3.41 9.58 11.98
N PRO A 83 3.24 10.10 13.22
CA PRO A 83 4.28 10.81 13.97
C PRO A 83 5.71 10.36 13.63
N PRO A 84 6.39 11.11 12.74
CA PRO A 84 7.76 10.79 12.32
C PRO A 84 8.77 11.12 13.41
N GLY A 85 8.49 12.20 14.10
CA GLY A 85 9.34 12.63 15.19
C GLY A 85 8.51 13.19 16.31
N SER A 86 9.17 13.90 17.23
CA SER A 86 8.53 14.44 18.43
C SER A 86 8.10 13.33 19.38
N THR A 87 7.05 12.60 19.01
CA THR A 87 6.57 11.49 19.81
C THR A 87 5.80 10.51 18.92
N MET A 9 -12.94 10.82 -24.95
CA MET A 9 -12.86 9.51 -24.27
C MET A 9 -11.47 8.91 -24.40
N ASN A 10 -10.82 8.76 -23.26
CA ASN A 10 -9.49 8.16 -23.19
C ASN A 10 -9.16 7.96 -21.71
N ILE A 11 -7.91 7.72 -21.37
CA ILE A 11 -7.51 7.60 -19.98
C ILE A 11 -6.62 8.78 -19.61
N PRO A 12 -7.22 9.88 -19.11
CA PRO A 12 -6.47 11.07 -18.69
C PRO A 12 -5.40 10.79 -17.62
N PRO A 13 -5.73 10.10 -16.49
CA PRO A 13 -4.73 9.79 -15.47
C PRO A 13 -3.75 8.72 -15.95
N ALA A 14 -2.55 9.15 -16.28
CA ALA A 14 -1.54 8.27 -16.83
C ALA A 14 -0.28 8.38 -16.01
N ARG A 15 -0.48 8.46 -14.70
CA ARG A 15 0.60 8.66 -13.76
C ARG A 15 1.63 7.54 -13.88
N TRP A 16 1.24 6.35 -13.41
CA TRP A 16 2.09 5.16 -13.41
C TRP A 16 3.52 5.49 -13.02
N LYS A 17 3.62 6.32 -11.99
CA LYS A 17 4.88 6.87 -11.55
C LYS A 17 4.92 6.92 -10.02
N LEU A 18 5.56 5.94 -9.42
CA LEU A 18 5.65 5.86 -7.98
C LEU A 18 7.01 5.33 -7.54
N THR A 19 7.59 5.96 -6.54
CA THR A 19 8.88 5.54 -6.02
C THR A 19 8.77 5.18 -4.55
N CYS A 20 9.42 4.12 -4.16
CA CYS A 20 9.45 3.69 -2.77
C CYS A 20 10.45 4.52 -1.98
N TYR A 21 9.95 5.39 -1.10
CA TYR A 21 10.82 6.28 -0.33
C TYR A 21 11.78 5.48 0.54
N LEU A 22 11.35 4.29 0.93
CA LEU A 22 12.24 3.34 1.58
C LEU A 22 12.98 2.56 0.51
N CYS A 23 13.79 3.31 -0.25
CA CYS A 23 14.64 2.84 -1.36
C CYS A 23 15.00 4.04 -2.23
N LYS A 24 15.83 3.80 -3.23
CA LYS A 24 16.06 4.79 -4.27
C LYS A 24 15.75 4.11 -5.61
N GLN A 25 14.91 3.09 -5.52
CA GLN A 25 14.61 2.22 -6.62
C GLN A 25 13.13 1.89 -6.60
N LYS A 26 12.44 2.22 -7.67
CA LYS A 26 11.03 1.91 -7.81
C LYS A 26 10.84 0.40 -8.00
N GLY A 27 11.46 -0.15 -9.04
CA GLY A 27 11.29 -1.55 -9.36
C GLY A 27 12.29 -2.43 -8.65
N VAL A 28 11.80 -3.25 -7.73
CA VAL A 28 12.64 -4.19 -6.98
C VAL A 28 11.95 -5.55 -6.87
N GLY A 29 10.71 -5.53 -6.40
CA GLY A 29 9.95 -6.75 -6.27
C GLY A 29 8.46 -6.48 -6.21
N ALA A 30 8.02 -5.88 -5.12
CA ALA A 30 6.61 -5.56 -4.93
C ALA A 30 6.46 -4.24 -4.17
N SER A 31 5.62 -3.37 -4.70
CA SER A 31 5.41 -2.07 -4.08
C SER A 31 3.93 -1.85 -3.76
N ILE A 32 3.68 -1.21 -2.63
CA ILE A 32 2.34 -0.89 -2.20
C ILE A 32 2.22 0.63 -2.01
N GLN A 33 1.03 1.17 -2.18
CA GLN A 33 0.83 2.60 -2.09
C GLN A 33 -0.12 2.92 -0.94
N CYS A 34 0.32 3.80 -0.07
CA CYS A 34 -0.43 4.16 1.12
C CYS A 34 -1.71 4.87 0.75
N HIS A 35 -2.69 4.79 1.64
CA HIS A 35 -4.03 5.28 1.38
C HIS A 35 -4.08 6.81 1.55
N LYS A 36 -5.28 7.38 1.40
CA LYS A 36 -5.49 8.83 1.34
C LYS A 36 -4.98 9.43 0.03
N ALA A 37 -5.89 10.00 -0.73
CA ALA A 37 -5.64 10.46 -2.10
C ALA A 37 -4.58 11.55 -2.18
N ASN A 38 -4.64 12.51 -1.27
CA ASN A 38 -3.70 13.63 -1.30
C ASN A 38 -2.42 13.26 -0.57
N CYS A 39 -1.98 12.04 -0.83
CA CYS A 39 -0.74 11.53 -0.27
C CYS A 39 -0.21 10.42 -1.16
N TYR A 40 -0.92 9.27 -1.17
CA TYR A 40 -0.52 8.10 -1.94
C TYR A 40 0.99 7.86 -1.89
N THR A 41 1.44 7.34 -0.77
CA THR A 41 2.87 7.16 -0.53
C THR A 41 3.30 5.74 -0.92
N ALA A 42 4.31 5.63 -1.77
CA ALA A 42 4.70 4.33 -2.29
C ALA A 42 5.91 3.77 -1.56
N PHE A 43 5.83 2.48 -1.24
CA PHE A 43 6.92 1.77 -0.59
C PHE A 43 6.80 0.27 -0.86
N HIS A 44 7.90 -0.44 -0.67
CA HIS A 44 7.92 -1.88 -0.96
C HIS A 44 7.28 -2.66 0.17
N VAL A 45 6.70 -3.81 -0.16
CA VAL A 45 6.08 -4.69 0.84
C VAL A 45 7.13 -5.14 1.86
N THR A 46 8.34 -5.40 1.37
CA THR A 46 9.45 -5.77 2.24
C THR A 46 9.88 -4.58 3.09
N CYS A 47 9.67 -3.37 2.57
CA CYS A 47 10.07 -2.15 3.27
C CYS A 47 9.07 -1.84 4.39
N ALA A 48 7.80 -2.17 4.16
CA ALA A 48 6.76 -1.94 5.14
C ALA A 48 7.00 -2.77 6.39
N GLN A 49 7.31 -4.04 6.18
CA GLN A 49 7.61 -4.96 7.28
C GLN A 49 8.97 -4.62 7.89
N LYS A 50 9.81 -3.99 7.09
CA LYS A 50 11.15 -3.63 7.53
C LYS A 50 11.11 -2.40 8.42
N ALA A 51 10.20 -1.49 8.11
CA ALA A 51 10.02 -0.29 8.91
C ALA A 51 9.12 -0.56 10.11
N GLY A 52 8.11 -1.39 9.91
CA GLY A 52 7.16 -1.66 10.97
C GLY A 52 6.17 -0.52 11.13
N LEU A 53 5.48 -0.21 10.04
CA LEU A 53 4.57 0.93 10.00
C LEU A 53 3.13 0.52 10.26
N TYR A 54 2.21 1.46 10.09
CA TYR A 54 0.80 1.25 10.39
C TYR A 54 0.06 0.61 9.22
N MET A 55 -0.71 -0.42 9.51
CA MET A 55 -1.52 -1.08 8.51
C MET A 55 -2.98 -1.15 8.95
N LYS A 56 -3.87 -1.03 7.99
CA LYS A 56 -5.30 -1.10 8.22
C LYS A 56 -5.85 -2.38 7.60
N MET A 57 -6.45 -3.22 8.41
CA MET A 57 -6.93 -4.50 7.92
C MET A 57 -8.41 -4.55 8.16
N GLU A 58 -9.16 -4.42 7.10
CA GLU A 58 -10.57 -4.14 7.19
C GLU A 58 -11.39 -5.29 6.61
N PRO A 59 -12.29 -5.87 7.41
CA PRO A 59 -13.23 -6.87 6.93
C PRO A 59 -14.35 -6.23 6.12
N VAL A 60 -14.23 -6.31 4.81
CA VAL A 60 -15.19 -5.69 3.92
C VAL A 60 -16.21 -6.69 3.42
N LYS A 61 -17.47 -6.27 3.40
CA LYS A 61 -18.53 -7.09 2.84
C LYS A 61 -18.44 -7.11 1.34
N GLU A 62 -18.96 -8.17 0.76
CA GLU A 62 -18.88 -8.38 -0.67
C GLU A 62 -20.19 -8.94 -1.21
N LEU A 63 -20.24 -9.13 -2.51
CA LEU A 63 -21.44 -9.57 -3.21
C LEU A 63 -21.15 -10.83 -4.01
N THR A 64 -19.94 -10.92 -4.53
CA THR A 64 -19.55 -12.03 -5.38
C THR A 64 -19.50 -13.33 -4.60
N GLY A 65 -20.23 -14.34 -5.08
CA GLY A 65 -20.27 -15.61 -4.41
C GLY A 65 -21.68 -15.99 -4.03
N GLY A 66 -22.56 -15.00 -3.97
CA GLY A 66 -23.94 -15.25 -3.62
C GLY A 66 -24.44 -14.30 -2.56
N GLY A 67 -24.88 -13.13 -2.97
CA GLY A 67 -25.40 -12.15 -2.03
C GLY A 67 -24.29 -11.42 -1.30
N THR A 68 -23.66 -12.09 -0.35
CA THR A 68 -22.56 -11.50 0.38
C THR A 68 -21.50 -12.55 0.70
N THR A 69 -20.24 -12.16 0.60
CA THR A 69 -19.18 -12.94 1.11
C THR A 69 -18.31 -11.99 1.91
N PHE A 70 -17.45 -12.58 2.62
CA PHE A 70 -16.57 -11.90 3.54
C PHE A 70 -15.18 -11.79 2.96
N SER A 71 -14.73 -10.56 2.76
CA SER A 71 -13.42 -10.30 2.23
C SER A 71 -12.61 -9.46 3.21
N VAL A 72 -11.32 -9.71 3.30
CA VAL A 72 -10.46 -8.87 4.11
C VAL A 72 -9.67 -7.95 3.19
N ARG A 73 -9.65 -6.69 3.54
CA ARG A 73 -8.96 -5.69 2.75
C ARG A 73 -7.80 -5.13 3.53
N LYS A 74 -6.60 -5.55 3.18
CA LYS A 74 -5.42 -5.08 3.86
C LYS A 74 -4.88 -3.84 3.17
N THR A 75 -5.03 -2.72 3.83
CA THR A 75 -4.58 -1.44 3.33
C THR A 75 -3.51 -0.90 4.28
N ALA A 76 -2.66 -0.01 3.84
CA ALA A 76 -1.63 0.49 4.71
C ALA A 76 -1.46 2.00 4.59
N TYR A 77 -0.95 2.59 5.66
CA TYR A 77 -0.57 3.98 5.65
C TYR A 77 0.93 4.06 5.91
N CYS A 78 1.62 4.88 5.16
CA CYS A 78 3.08 4.93 5.22
C CYS A 78 3.57 5.37 6.60
N ASP A 79 4.81 5.01 6.90
CA ASP A 79 5.43 5.36 8.18
C ASP A 79 5.37 6.86 8.43
N VAL A 80 5.55 7.63 7.36
CA VAL A 80 5.52 9.09 7.43
C VAL A 80 4.10 9.62 7.17
N HIS A 81 3.10 8.86 7.57
CA HIS A 81 1.71 9.24 7.33
C HIS A 81 1.01 9.61 8.63
N THR A 82 1.73 9.55 9.74
CA THR A 82 1.15 9.88 11.03
C THR A 82 1.17 11.39 11.31
N PRO A 83 2.31 12.10 11.15
CA PRO A 83 2.36 13.56 11.28
C PRO A 83 1.47 14.29 10.25
N PRO A 84 1.57 13.99 8.93
CA PRO A 84 0.67 14.58 7.94
C PRO A 84 -0.70 13.92 7.96
N GLY A 85 -1.67 14.64 8.51
CA GLY A 85 -3.00 14.11 8.67
C GLY A 85 -3.74 14.79 9.79
N SER A 86 -3.51 16.09 9.91
CA SER A 86 -4.13 16.91 10.94
C SER A 86 -3.64 16.50 12.34
N THR A 87 -2.35 16.71 12.57
CA THR A 87 -1.75 16.45 13.87
C THR A 87 -0.90 17.64 14.29
N MET A 9 1.24 -7.86 -17.29
CA MET A 9 0.61 -8.93 -18.11
C MET A 9 -0.46 -8.35 -19.02
N ASN A 10 -1.62 -8.07 -18.44
CA ASN A 10 -2.78 -7.62 -19.23
C ASN A 10 -2.99 -6.12 -19.09
N ILE A 11 -2.42 -5.54 -18.04
CA ILE A 11 -2.55 -4.11 -17.81
C ILE A 11 -1.20 -3.43 -18.01
N PRO A 12 -0.97 -2.82 -19.18
CA PRO A 12 0.26 -2.06 -19.47
C PRO A 12 0.51 -0.88 -18.51
N PRO A 13 -0.51 -0.05 -18.17
CA PRO A 13 -0.34 1.02 -17.18
C PRO A 13 0.02 0.48 -15.80
N ALA A 14 1.12 0.96 -15.27
CA ALA A 14 1.61 0.51 -13.97
C ALA A 14 2.20 1.68 -13.22
N ARG A 15 1.96 2.85 -13.81
CA ARG A 15 2.37 4.16 -13.30
C ARG A 15 3.69 4.12 -12.54
N TRP A 16 4.77 4.43 -13.24
CA TRP A 16 6.10 4.34 -12.67
C TRP A 16 6.46 5.64 -11.98
N LYS A 17 5.48 6.17 -11.31
CA LYS A 17 5.61 7.41 -10.56
C LYS A 17 5.00 7.29 -9.17
N LEU A 18 4.91 6.07 -8.71
CA LEU A 18 4.65 5.83 -7.30
C LEU A 18 5.82 5.04 -6.74
N THR A 19 6.88 5.78 -6.45
CA THR A 19 8.15 5.18 -6.05
C THR A 19 8.16 4.83 -4.58
N CYS A 20 8.80 3.72 -4.25
CA CYS A 20 8.96 3.30 -2.87
C CYS A 20 10.09 4.08 -2.22
N TYR A 21 9.73 5.04 -1.38
CA TYR A 21 10.71 5.94 -0.77
C TYR A 21 11.79 5.16 0.00
N LEU A 22 11.40 4.06 0.61
CA LEU A 22 12.36 3.24 1.32
C LEU A 22 13.06 2.30 0.34
N CYS A 23 14.07 2.89 -0.34
CA CYS A 23 15.00 2.23 -1.28
C CYS A 23 15.07 3.04 -2.58
N LYS A 24 13.95 3.69 -2.91
CA LYS A 24 13.88 4.63 -4.02
C LYS A 24 13.90 3.88 -5.34
N GLN A 25 13.33 2.68 -5.31
CA GLN A 25 13.32 1.82 -6.47
C GLN A 25 11.90 1.31 -6.73
N LYS A 26 11.30 1.78 -7.80
CA LYS A 26 9.96 1.34 -8.17
C LYS A 26 10.06 0.13 -9.10
N GLY A 27 10.12 -1.06 -8.50
CA GLY A 27 10.08 -2.28 -9.29
C GLY A 27 11.02 -3.35 -8.78
N VAL A 28 10.58 -4.11 -7.77
CA VAL A 28 11.35 -5.24 -7.28
C VAL A 28 10.44 -6.45 -7.09
N GLY A 29 9.20 -6.21 -6.70
CA GLY A 29 8.24 -7.29 -6.54
C GLY A 29 6.85 -6.78 -6.22
N ALA A 30 6.65 -6.30 -5.01
CA ALA A 30 5.33 -5.85 -4.57
C ALA A 30 5.42 -4.48 -3.91
N SER A 31 4.39 -3.66 -4.12
CA SER A 31 4.37 -2.32 -3.56
C SER A 31 2.97 -1.98 -3.03
N ILE A 32 2.93 -1.42 -1.83
CA ILE A 32 1.69 -0.97 -1.22
C ILE A 32 1.66 0.56 -1.22
N GLN A 33 0.48 1.14 -1.32
CA GLN A 33 0.36 2.59 -1.46
C GLN A 33 -0.36 3.20 -0.27
N CYS A 34 0.25 4.22 0.29
CA CYS A 34 -0.37 5.00 1.34
C CYS A 34 -1.31 6.04 0.76
N HIS A 35 -2.33 6.37 1.53
CA HIS A 35 -3.36 7.29 1.07
C HIS A 35 -3.96 8.03 2.26
N LYS A 36 -5.07 8.72 2.01
CA LYS A 36 -5.82 9.48 3.00
C LYS A 36 -6.87 10.31 2.26
N ALA A 37 -6.48 11.53 1.89
CA ALA A 37 -7.24 12.32 0.93
C ALA A 37 -6.32 12.71 -0.20
N ASN A 38 -5.16 13.24 0.18
CA ASN A 38 -4.11 13.60 -0.77
C ASN A 38 -2.80 12.94 -0.37
N CYS A 39 -2.46 11.84 -1.04
CA CYS A 39 -1.23 11.10 -0.77
C CYS A 39 -1.14 9.91 -1.73
N TYR A 40 0.05 9.68 -2.26
CA TYR A 40 0.26 8.59 -3.20
C TYR A 40 1.56 7.86 -2.87
N THR A 41 1.95 7.91 -1.61
CA THR A 41 3.25 7.38 -1.18
C THR A 41 3.27 5.86 -1.26
N ALA A 42 4.04 5.33 -2.18
CA ALA A 42 4.14 3.90 -2.34
C ALA A 42 5.41 3.38 -1.69
N PHE A 43 5.36 2.13 -1.22
CA PHE A 43 6.49 1.48 -0.62
C PHE A 43 6.33 -0.03 -0.65
N HIS A 44 7.43 -0.75 -0.61
CA HIS A 44 7.40 -2.20 -0.74
C HIS A 44 6.91 -2.85 0.55
N VAL A 45 6.29 -4.01 0.42
CA VAL A 45 5.83 -4.75 1.58
C VAL A 45 7.00 -5.13 2.47
N THR A 46 8.12 -5.49 1.83
CA THR A 46 9.35 -5.80 2.55
C THR A 46 9.85 -4.58 3.33
N CYS A 47 9.65 -3.40 2.77
CA CYS A 47 10.11 -2.17 3.41
C CYS A 47 9.22 -1.83 4.61
N ALA A 48 7.91 -1.99 4.42
CA ALA A 48 6.95 -1.65 5.46
C ALA A 48 7.07 -2.56 6.68
N GLN A 49 7.18 -3.86 6.43
CA GLN A 49 7.26 -4.82 7.52
C GLN A 49 8.62 -4.74 8.21
N LYS A 50 9.61 -4.23 7.49
CA LYS A 50 10.95 -4.09 8.01
C LYS A 50 11.04 -2.84 8.89
N ALA A 51 10.34 -1.78 8.46
CA ALA A 51 10.28 -0.56 9.24
C ALA A 51 9.38 -0.73 10.46
N GLY A 52 8.19 -1.25 10.23
CA GLY A 52 7.24 -1.45 11.31
C GLY A 52 6.21 -0.34 11.39
N LEU A 53 5.63 0.01 10.25
CA LEU A 53 4.63 1.06 10.21
C LEU A 53 3.22 0.48 10.32
N TYR A 54 2.21 1.32 10.21
CA TYR A 54 0.83 0.88 10.39
C TYR A 54 0.27 0.24 9.13
N MET A 55 -0.17 -1.00 9.26
CA MET A 55 -0.85 -1.71 8.19
C MET A 55 -2.21 -2.18 8.65
N LYS A 56 -3.23 -1.87 7.87
CA LYS A 56 -4.58 -2.29 8.17
C LYS A 56 -4.97 -3.44 7.24
N MET A 57 -5.75 -4.38 7.75
CA MET A 57 -6.14 -5.56 6.98
C MET A 57 -7.61 -5.80 7.18
N GLU A 58 -8.40 -5.49 6.17
CA GLU A 58 -9.83 -5.63 6.26
C GLU A 58 -10.34 -6.63 5.23
N PRO A 59 -11.03 -7.68 5.70
CA PRO A 59 -11.63 -8.66 4.81
C PRO A 59 -12.98 -8.20 4.28
N VAL A 60 -13.06 -7.98 2.99
CA VAL A 60 -14.28 -7.48 2.37
C VAL A 60 -15.05 -8.61 1.71
N LYS A 61 -16.32 -8.71 2.07
CA LYS A 61 -17.19 -9.73 1.53
C LYS A 61 -18.00 -9.17 0.36
N GLU A 62 -17.60 -9.49 -0.84
CA GLU A 62 -18.35 -9.12 -2.03
C GLU A 62 -19.33 -10.21 -2.39
N LEU A 63 -20.10 -9.95 -3.42
CA LEU A 63 -21.20 -10.81 -3.82
C LEU A 63 -21.69 -10.41 -5.20
N THR A 64 -20.92 -10.76 -6.19
CA THR A 64 -21.28 -10.52 -7.57
C THR A 64 -22.01 -11.73 -8.15
N GLY A 65 -22.44 -11.63 -9.41
CA GLY A 65 -23.11 -12.73 -10.06
C GLY A 65 -22.28 -14.00 -10.05
N GLY A 66 -22.75 -14.99 -9.31
CA GLY A 66 -22.03 -16.25 -9.19
C GLY A 66 -21.90 -16.67 -7.75
N GLY A 67 -21.84 -15.69 -6.86
CA GLY A 67 -21.71 -15.98 -5.45
C GLY A 67 -20.88 -14.95 -4.72
N THR A 68 -20.63 -15.18 -3.45
CA THR A 68 -19.81 -14.27 -2.65
C THR A 68 -18.34 -14.38 -3.06
N THR A 69 -17.61 -13.28 -2.98
CA THR A 69 -16.23 -13.28 -3.32
C THR A 69 -15.44 -12.74 -2.16
N PHE A 70 -14.57 -13.57 -1.68
CA PHE A 70 -13.71 -13.26 -0.57
C PHE A 70 -12.50 -12.46 -1.04
N SER A 71 -12.45 -11.21 -0.64
CA SER A 71 -11.33 -10.34 -0.96
C SER A 71 -10.83 -9.65 0.29
N VAL A 72 -9.60 -9.18 0.25
CA VAL A 72 -9.04 -8.43 1.36
C VAL A 72 -8.54 -7.09 0.87
N ARG A 73 -8.81 -6.06 1.65
CA ARG A 73 -8.33 -4.73 1.35
C ARG A 73 -7.30 -4.32 2.39
N LYS A 74 -6.04 -4.52 2.08
CA LYS A 74 -4.96 -4.20 2.99
C LYS A 74 -4.54 -2.77 2.77
N THR A 75 -4.80 -1.94 3.76
CA THR A 75 -4.57 -0.51 3.65
C THR A 75 -3.41 -0.08 4.53
N ALA A 76 -2.37 0.47 3.92
CA ALA A 76 -1.21 0.91 4.65
C ALA A 76 -1.01 2.40 4.48
N TYR A 77 -0.41 3.02 5.48
CA TYR A 77 -0.07 4.43 5.41
C TYR A 77 1.42 4.60 5.68
N CYS A 78 2.06 5.48 4.94
CA CYS A 78 3.50 5.69 5.09
C CYS A 78 3.80 6.21 6.50
N ASP A 79 4.93 5.79 7.06
CA ASP A 79 5.26 6.11 8.46
C ASP A 79 5.32 7.62 8.70
N VAL A 80 5.58 8.38 7.64
CA VAL A 80 5.61 9.83 7.73
C VAL A 80 4.22 10.42 7.45
N HIS A 81 3.21 9.57 7.53
CA HIS A 81 1.84 10.01 7.40
C HIS A 81 1.13 9.86 8.74
N THR A 82 1.75 9.12 9.65
CA THR A 82 1.15 8.86 10.93
C THR A 82 1.40 10.06 11.89
N PRO A 83 2.42 10.10 12.80
CA PRO A 83 2.77 11.33 13.49
C PRO A 83 4.20 11.86 13.23
N PRO A 84 4.55 12.27 11.99
CA PRO A 84 5.79 13.01 11.75
C PRO A 84 5.81 14.37 12.46
N GLY A 85 6.70 15.25 12.03
CA GLY A 85 6.78 16.57 12.60
C GLY A 85 5.47 17.32 12.51
N SER A 86 4.99 17.51 11.30
CA SER A 86 3.74 18.22 11.08
C SER A 86 3.05 17.71 9.82
N THR A 87 2.04 16.87 9.99
CA THR A 87 1.20 16.48 8.88
C THR A 87 0.16 17.57 8.61
N MET A 9 14.52 -13.72 -15.88
CA MET A 9 13.70 -14.94 -15.96
C MET A 9 12.48 -14.83 -15.04
N ASN A 10 12.70 -14.93 -13.74
CA ASN A 10 11.62 -14.90 -12.78
C ASN A 10 11.70 -13.65 -11.92
N ILE A 11 10.95 -12.63 -12.33
CA ILE A 11 10.91 -11.37 -11.60
C ILE A 11 9.48 -10.90 -11.42
N PRO A 12 9.17 -10.30 -10.26
CA PRO A 12 7.83 -9.80 -9.97
C PRO A 12 7.50 -8.54 -10.78
N PRO A 13 6.53 -8.64 -11.71
CA PRO A 13 6.09 -7.50 -12.51
C PRO A 13 5.38 -6.44 -11.64
N ALA A 14 6.15 -5.45 -11.20
CA ALA A 14 5.62 -4.39 -10.36
C ALA A 14 6.43 -3.14 -10.63
N ARG A 15 7.00 -3.09 -11.82
CA ARG A 15 7.82 -1.96 -12.21
C ARG A 15 6.97 -0.88 -12.85
N TRP A 16 5.66 -0.96 -12.63
CA TRP A 16 4.70 -0.03 -13.20
C TRP A 16 4.69 1.28 -12.42
N LYS A 17 5.82 1.98 -12.41
CA LYS A 17 5.95 3.25 -11.70
C LYS A 17 5.79 3.01 -10.19
N LEU A 18 5.32 4.02 -9.47
CA LEU A 18 5.13 3.93 -8.02
C LEU A 18 6.47 3.64 -7.34
N THR A 19 7.30 4.66 -7.25
CA THR A 19 8.65 4.52 -6.73
C THR A 19 8.63 4.39 -5.20
N CYS A 20 9.38 3.41 -4.71
CA CYS A 20 9.48 3.16 -3.29
C CYS A 20 10.46 4.14 -2.66
N TYR A 21 9.96 5.07 -1.84
CA TYR A 21 10.82 6.11 -1.29
C TYR A 21 11.81 5.51 -0.29
N LEU A 22 11.42 4.39 0.31
CA LEU A 22 12.33 3.61 1.14
C LEU A 22 13.08 2.62 0.25
N CYS A 23 13.81 3.16 -0.74
CA CYS A 23 14.57 2.38 -1.71
C CYS A 23 15.18 3.30 -2.76
N LYS A 24 14.31 4.09 -3.40
CA LYS A 24 14.65 4.92 -4.55
C LYS A 24 14.86 4.01 -5.75
N GLN A 25 14.22 2.85 -5.67
CA GLN A 25 14.28 1.86 -6.71
C GLN A 25 12.87 1.40 -7.09
N LYS A 26 12.46 1.76 -8.28
CA LYS A 26 11.18 1.32 -8.82
C LYS A 26 11.31 -0.08 -9.43
N GLY A 27 10.33 -0.92 -9.19
CA GLY A 27 10.33 -2.26 -9.75
C GLY A 27 11.39 -3.15 -9.15
N VAL A 28 11.13 -3.66 -7.95
CA VAL A 28 12.03 -4.61 -7.29
C VAL A 28 11.24 -5.81 -6.81
N GLY A 29 10.45 -5.60 -5.77
CA GLY A 29 9.53 -6.62 -5.31
C GLY A 29 8.10 -6.19 -5.52
N ALA A 30 7.33 -6.17 -4.44
CA ALA A 30 5.93 -5.76 -4.53
C ALA A 30 5.76 -4.33 -4.01
N SER A 31 5.07 -3.51 -4.77
CA SER A 31 4.86 -2.11 -4.41
C SER A 31 3.48 -1.89 -3.79
N ILE A 32 3.44 -1.06 -2.77
CA ILE A 32 2.21 -0.68 -2.12
C ILE A 32 2.31 0.78 -1.68
N GLN A 33 1.22 1.52 -1.77
CA GLN A 33 1.26 2.94 -1.49
C GLN A 33 0.19 3.34 -0.50
N CYS A 34 0.58 4.26 0.37
CA CYS A 34 -0.28 4.82 1.39
C CYS A 34 -1.43 5.59 0.78
N HIS A 35 -2.53 5.64 1.50
CA HIS A 35 -3.70 6.37 1.05
C HIS A 35 -4.53 6.84 2.25
N LYS A 36 -5.73 7.30 1.96
CA LYS A 36 -6.72 7.73 2.94
C LYS A 36 -7.81 8.48 2.18
N ALA A 37 -7.46 9.65 1.69
CA ALA A 37 -8.26 10.37 0.72
C ALA A 37 -7.38 10.75 -0.47
N ASN A 38 -6.18 11.23 -0.15
CA ASN A 38 -5.15 11.49 -1.14
C ASN A 38 -3.78 11.42 -0.45
N CYS A 39 -2.76 10.95 -1.15
CA CYS A 39 -1.44 10.81 -0.54
C CYS A 39 -0.37 10.44 -1.57
N TYR A 40 -0.48 9.24 -2.15
CA TYR A 40 0.51 8.72 -3.09
C TYR A 40 1.90 8.62 -2.44
N THR A 41 2.01 7.81 -1.41
CA THR A 41 3.30 7.47 -0.85
C THR A 41 3.62 6.02 -1.16
N ALA A 42 4.53 5.79 -2.10
CA ALA A 42 4.77 4.43 -2.57
C ALA A 42 6.01 3.82 -1.93
N PHE A 43 5.87 2.58 -1.49
CA PHE A 43 6.96 1.83 -0.88
C PHE A 43 6.76 0.34 -1.14
N HIS A 44 7.58 -0.49 -0.52
CA HIS A 44 7.49 -1.93 -0.72
C HIS A 44 6.82 -2.61 0.46
N VAL A 45 6.23 -3.76 0.21
CA VAL A 45 5.61 -4.56 1.26
C VAL A 45 6.64 -4.95 2.32
N THR A 46 7.85 -5.28 1.85
CA THR A 46 8.95 -5.63 2.74
C THR A 46 9.36 -4.42 3.59
N CYS A 47 9.20 -3.21 3.04
CA CYS A 47 9.58 -2.00 3.74
C CYS A 47 8.65 -1.74 4.92
N ALA A 48 7.38 -2.09 4.76
CA ALA A 48 6.39 -1.91 5.81
C ALA A 48 6.69 -2.82 6.99
N GLN A 49 7.00 -4.07 6.68
CA GLN A 49 7.33 -5.06 7.70
C GLN A 49 8.70 -4.76 8.30
N LYS A 50 9.52 -4.06 7.53
CA LYS A 50 10.87 -3.74 7.96
C LYS A 50 10.88 -2.50 8.85
N ALA A 51 10.09 -1.51 8.48
CA ALA A 51 10.02 -0.26 9.23
C ALA A 51 9.14 -0.41 10.47
N GLY A 52 8.11 -1.23 10.36
CA GLY A 52 7.19 -1.43 11.46
C GLY A 52 6.16 -0.32 11.54
N LEU A 53 5.64 0.06 10.39
CA LEU A 53 4.64 1.12 10.32
C LEU A 53 3.23 0.54 10.46
N TYR A 54 2.23 1.37 10.28
CA TYR A 54 0.84 0.95 10.43
C TYR A 54 0.36 0.23 9.17
N MET A 55 0.13 -1.06 9.31
CA MET A 55 -0.33 -1.88 8.19
C MET A 55 -1.56 -2.66 8.62
N LYS A 56 -2.69 -2.41 7.97
CA LYS A 56 -3.95 -2.99 8.37
C LYS A 56 -4.54 -3.82 7.24
N MET A 57 -5.37 -4.80 7.60
CA MET A 57 -6.02 -5.66 6.62
C MET A 57 -7.40 -6.00 7.15
N GLU A 58 -8.40 -5.39 6.57
CA GLU A 58 -9.75 -5.47 7.11
C GLU A 58 -10.64 -6.35 6.25
N PRO A 59 -11.23 -7.39 6.84
CA PRO A 59 -12.18 -8.25 6.16
C PRO A 59 -13.63 -7.81 6.40
N VAL A 60 -14.33 -7.45 5.33
CA VAL A 60 -15.72 -7.07 5.46
C VAL A 60 -16.61 -8.19 4.93
N LYS A 61 -17.62 -8.57 5.71
CA LYS A 61 -18.47 -9.68 5.34
C LYS A 61 -19.69 -9.20 4.57
N GLU A 62 -19.79 -9.65 3.33
CA GLU A 62 -20.93 -9.33 2.48
C GLU A 62 -21.65 -10.62 2.08
N LEU A 63 -22.74 -10.48 1.34
CA LEU A 63 -23.69 -11.59 1.15
C LEU A 63 -24.57 -11.33 -0.06
N THR A 64 -24.89 -10.08 -0.26
CA THR A 64 -25.72 -9.67 -1.39
C THR A 64 -24.93 -9.83 -2.69
N GLY A 65 -25.58 -10.44 -3.67
CA GLY A 65 -24.94 -10.70 -4.94
C GLY A 65 -24.97 -12.18 -5.30
N GLY A 66 -23.99 -12.92 -4.81
CA GLY A 66 -23.92 -14.34 -5.10
C GLY A 66 -23.47 -15.12 -3.88
N GLY A 67 -24.21 -14.96 -2.79
CA GLY A 67 -23.85 -15.62 -1.55
C GLY A 67 -22.90 -14.77 -0.74
N THR A 68 -22.49 -15.27 0.41
CA THR A 68 -21.56 -14.56 1.27
C THR A 68 -20.26 -14.30 0.53
N THR A 69 -19.76 -13.08 0.61
CA THR A 69 -18.60 -12.68 -0.10
C THR A 69 -17.61 -12.09 0.88
N PHE A 70 -16.46 -12.71 0.93
CA PHE A 70 -15.37 -12.25 1.75
C PHE A 70 -14.59 -11.17 1.00
N SER A 71 -14.70 -9.94 1.46
CA SER A 71 -14.00 -8.83 0.84
C SER A 71 -12.87 -8.36 1.75
N VAL A 72 -11.65 -8.42 1.25
CA VAL A 72 -10.51 -7.96 2.03
C VAL A 72 -10.16 -6.54 1.63
N ARG A 73 -9.99 -5.72 2.63
CA ARG A 73 -9.67 -4.32 2.47
C ARG A 73 -8.28 -4.07 3.04
N LYS A 74 -7.28 -4.10 2.17
CA LYS A 74 -5.91 -4.00 2.62
C LYS A 74 -5.46 -2.54 2.65
N THR A 75 -5.25 -2.03 3.85
CA THR A 75 -4.97 -0.62 4.04
C THR A 75 -3.68 -0.40 4.83
N ALA A 76 -2.69 0.17 4.18
CA ALA A 76 -1.46 0.53 4.86
C ALA A 76 -1.18 2.01 4.68
N TYR A 77 -0.78 2.68 5.74
CA TYR A 77 -0.44 4.08 5.66
C TYR A 77 1.07 4.23 5.88
N CYS A 78 1.68 5.14 5.15
CA CYS A 78 3.12 5.35 5.23
C CYS A 78 3.54 5.80 6.62
N ASP A 79 4.77 5.45 6.98
CA ASP A 79 5.35 5.82 8.28
C ASP A 79 5.16 7.30 8.60
N VAL A 80 5.44 8.16 7.62
CA VAL A 80 5.37 9.61 7.81
C VAL A 80 3.92 10.11 7.78
N HIS A 81 2.97 9.22 7.56
CA HIS A 81 1.55 9.58 7.58
C HIS A 81 1.11 9.67 9.03
N THR A 82 1.68 8.80 9.84
CA THR A 82 1.48 8.83 11.28
C THR A 82 2.59 9.67 11.91
N PRO A 83 2.62 9.83 13.25
CA PRO A 83 3.77 10.40 13.94
C PRO A 83 4.89 9.36 14.11
N PRO A 84 5.92 9.39 13.24
CA PRO A 84 7.03 8.43 13.32
C PRO A 84 7.93 8.73 14.50
N GLY A 85 8.26 10.00 14.63
CA GLY A 85 9.00 10.49 15.77
C GLY A 85 8.34 11.74 16.31
N SER A 86 8.61 12.05 17.57
CA SER A 86 8.03 13.22 18.21
C SER A 86 6.50 13.12 18.27
N THR A 87 5.80 13.85 17.40
CA THR A 87 4.36 13.89 17.38
C THR A 87 3.89 14.51 16.07
N MET A 9 -10.14 2.86 -19.52
CA MET A 9 -11.43 2.56 -20.21
C MET A 9 -11.26 1.37 -21.15
N ASN A 10 -10.66 1.62 -22.31
CA ASN A 10 -10.42 0.55 -23.28
C ASN A 10 -9.04 -0.05 -23.05
N ILE A 11 -8.07 0.82 -22.81
CA ILE A 11 -6.72 0.39 -22.47
C ILE A 11 -6.45 0.72 -21.01
N PRO A 12 -6.25 -0.31 -20.17
CA PRO A 12 -6.02 -0.12 -18.74
C PRO A 12 -4.75 0.67 -18.46
N PRO A 13 -4.88 1.88 -17.87
CA PRO A 13 -3.74 2.71 -17.50
C PRO A 13 -2.78 1.97 -16.57
N ALA A 14 -1.50 2.04 -16.89
CA ALA A 14 -0.49 1.33 -16.13
C ALA A 14 0.73 2.23 -16.03
N ARG A 15 0.46 3.53 -16.03
CA ARG A 15 1.50 4.52 -16.07
C ARG A 15 1.86 4.96 -14.65
N TRP A 16 1.29 4.26 -13.68
CA TRP A 16 1.49 4.61 -12.28
C TRP A 16 2.84 4.10 -11.75
N LYS A 17 3.88 4.87 -12.01
CA LYS A 17 5.18 4.58 -11.42
C LYS A 17 5.20 5.10 -9.99
N LEU A 18 4.70 4.29 -9.08
CA LEU A 18 4.63 4.67 -7.68
C LEU A 18 6.00 4.55 -7.04
N THR A 19 6.56 5.68 -6.63
CA THR A 19 7.91 5.72 -6.09
C THR A 19 7.93 5.19 -4.66
N CYS A 20 8.81 4.24 -4.42
CA CYS A 20 8.98 3.64 -3.11
C CYS A 20 10.03 4.41 -2.34
N TYR A 21 9.62 5.12 -1.30
CA TYR A 21 10.54 5.99 -0.57
C TYR A 21 11.57 5.19 0.19
N LEU A 22 11.22 3.94 0.48
CA LEU A 22 12.17 2.99 1.02
C LEU A 22 12.66 2.09 -0.10
N CYS A 23 13.52 2.69 -0.95
CA CYS A 23 14.11 2.07 -2.15
C CYS A 23 14.67 3.15 -3.06
N LYS A 24 13.89 4.22 -3.21
CA LYS A 24 14.21 5.33 -4.11
C LYS A 24 14.02 4.84 -5.55
N GLN A 25 13.15 3.85 -5.69
CA GLN A 25 12.82 3.29 -6.96
C GLN A 25 11.30 3.32 -7.11
N LYS A 26 10.78 2.42 -7.89
CA LYS A 26 9.35 2.36 -8.16
C LYS A 26 8.80 0.97 -7.87
N GLY A 27 7.64 0.67 -8.45
CA GLY A 27 7.08 -0.66 -8.31
C GLY A 27 7.99 -1.74 -8.86
N VAL A 28 8.41 -2.65 -8.00
CA VAL A 28 9.34 -3.70 -8.37
C VAL A 28 8.83 -5.05 -7.88
N GLY A 29 8.96 -5.27 -6.58
CA GLY A 29 8.41 -6.47 -5.99
C GLY A 29 7.05 -6.22 -5.40
N ALA A 30 6.88 -6.52 -4.13
CA ALA A 30 5.60 -6.34 -3.46
C ALA A 30 5.40 -4.89 -3.09
N SER A 31 4.70 -4.17 -3.94
CA SER A 31 4.52 -2.74 -3.77
C SER A 31 3.15 -2.40 -3.20
N ILE A 32 3.12 -1.48 -2.24
CA ILE A 32 1.89 -1.05 -1.60
C ILE A 32 1.83 0.47 -1.61
N GLN A 33 0.63 1.03 -1.50
CA GLN A 33 0.45 2.46 -1.67
C GLN A 33 -0.18 3.09 -0.44
N CYS A 34 0.38 4.20 -0.03
CA CYS A 34 -0.18 5.02 1.04
C CYS A 34 -1.12 6.07 0.45
N HIS A 35 -2.10 6.49 1.24
CA HIS A 35 -3.07 7.45 0.73
C HIS A 35 -3.64 8.30 1.88
N LYS A 36 -4.55 9.17 1.50
CA LYS A 36 -5.29 10.04 2.42
C LYS A 36 -6.07 11.07 1.62
N ALA A 37 -5.37 12.10 1.17
CA ALA A 37 -5.97 13.12 0.32
C ALA A 37 -5.08 13.39 -0.89
N ASN A 38 -3.94 14.00 -0.65
CA ASN A 38 -3.00 14.37 -1.71
C ASN A 38 -1.61 13.82 -1.42
N CYS A 39 -1.58 12.73 -0.66
CA CYS A 39 -0.33 12.17 -0.18
C CYS A 39 0.50 11.56 -1.31
N TYR A 40 -0.03 10.50 -1.90
CA TYR A 40 0.64 9.78 -2.99
C TYR A 40 2.03 9.27 -2.60
N THR A 41 2.08 8.47 -1.56
CA THR A 41 3.33 7.84 -1.15
C THR A 41 3.28 6.35 -1.45
N ALA A 42 4.38 5.77 -1.88
CA ALA A 42 4.42 4.35 -2.16
C ALA A 42 5.64 3.71 -1.56
N PHE A 43 5.56 2.41 -1.34
CA PHE A 43 6.65 1.63 -0.79
C PHE A 43 6.38 0.16 -0.97
N HIS A 44 7.23 -0.68 -0.42
CA HIS A 44 7.05 -2.12 -0.55
C HIS A 44 6.52 -2.73 0.73
N VAL A 45 5.84 -3.86 0.61
CA VAL A 45 5.34 -4.59 1.77
C VAL A 45 6.51 -5.02 2.65
N THR A 46 7.62 -5.38 2.01
CA THR A 46 8.83 -5.72 2.75
C THR A 46 9.42 -4.48 3.43
N CYS A 47 9.18 -3.29 2.84
CA CYS A 47 9.61 -2.04 3.46
C CYS A 47 8.82 -1.79 4.73
N ALA A 48 7.54 -2.13 4.69
CA ALA A 48 6.66 -2.00 5.84
C ALA A 48 7.10 -2.96 6.94
N GLN A 49 7.47 -4.17 6.54
CA GLN A 49 7.96 -5.17 7.49
C GLN A 49 9.32 -4.76 8.03
N LYS A 50 10.09 -4.05 7.21
CA LYS A 50 11.39 -3.55 7.62
C LYS A 50 11.24 -2.48 8.69
N ALA A 51 10.45 -1.47 8.40
CA ALA A 51 10.29 -0.33 9.30
C ALA A 51 9.34 -0.63 10.45
N GLY A 52 8.37 -1.49 10.19
CA GLY A 52 7.37 -1.81 11.20
C GLY A 52 6.34 -0.71 11.31
N LEU A 53 5.68 -0.40 10.20
CA LEU A 53 4.73 0.71 10.16
C LEU A 53 3.28 0.24 10.17
N TYR A 54 2.36 1.18 10.15
CA TYR A 54 0.94 0.90 10.28
C TYR A 54 0.35 0.39 8.97
N MET A 55 -0.27 -0.78 9.04
CA MET A 55 -1.03 -1.32 7.92
C MET A 55 -2.44 -1.70 8.36
N LYS A 56 -3.43 -1.22 7.63
CA LYS A 56 -4.81 -1.55 7.90
C LYS A 56 -5.18 -2.79 7.09
N MET A 57 -5.79 -3.76 7.74
CA MET A 57 -6.01 -5.05 7.13
C MET A 57 -7.42 -5.51 7.44
N GLU A 58 -8.26 -5.44 6.44
CA GLU A 58 -9.67 -5.70 6.63
C GLU A 58 -10.11 -6.93 5.85
N PRO A 59 -10.68 -7.93 6.55
CA PRO A 59 -11.27 -9.08 5.91
C PRO A 59 -12.76 -8.84 5.64
N VAL A 60 -13.06 -8.42 4.43
CA VAL A 60 -14.42 -8.07 4.07
C VAL A 60 -15.16 -9.27 3.49
N LYS A 61 -16.30 -9.60 4.08
CA LYS A 61 -17.07 -10.74 3.63
C LYS A 61 -17.94 -10.34 2.45
N GLU A 62 -17.70 -11.00 1.34
CA GLU A 62 -18.37 -10.69 0.09
C GLU A 62 -19.30 -11.83 -0.27
N LEU A 63 -20.04 -11.71 -1.38
CA LEU A 63 -21.07 -12.65 -1.74
C LEU A 63 -21.06 -12.96 -3.23
N THR A 64 -19.99 -12.54 -3.90
CA THR A 64 -19.88 -12.66 -5.36
C THR A 64 -20.15 -14.09 -5.83
N GLY A 65 -21.19 -14.24 -6.64
CA GLY A 65 -21.51 -15.54 -7.20
C GLY A 65 -22.79 -16.13 -6.64
N GLY A 66 -23.17 -15.67 -5.45
CA GLY A 66 -24.36 -16.19 -4.81
C GLY A 66 -24.05 -16.99 -3.56
N GLY A 67 -23.47 -16.32 -2.58
CA GLY A 67 -23.08 -16.96 -1.35
C GLY A 67 -22.17 -16.07 -0.53
N THR A 68 -20.95 -16.51 -0.31
CA THR A 68 -19.98 -15.68 0.36
C THR A 68 -18.58 -15.89 -0.23
N THR A 69 -17.79 -14.81 -0.29
CA THR A 69 -16.45 -14.88 -0.78
C THR A 69 -15.54 -14.09 0.16
N PHE A 70 -14.59 -14.78 0.70
CA PHE A 70 -13.63 -14.20 1.61
C PHE A 70 -12.69 -13.26 0.86
N SER A 71 -12.64 -12.00 1.29
CA SER A 71 -11.78 -11.01 0.67
C SER A 71 -10.99 -10.27 1.74
N VAL A 72 -9.70 -10.10 1.53
CA VAL A 72 -8.90 -9.32 2.47
C VAL A 72 -8.25 -8.16 1.77
N ARG A 73 -8.53 -6.98 2.26
CA ARG A 73 -8.00 -5.76 1.69
C ARG A 73 -6.97 -5.15 2.62
N LYS A 74 -5.92 -4.58 2.04
CA LYS A 74 -4.87 -3.99 2.84
C LYS A 74 -4.69 -2.51 2.48
N THR A 75 -4.99 -1.65 3.43
CA THR A 75 -4.82 -0.22 3.26
C THR A 75 -3.65 0.27 4.10
N ALA A 76 -2.58 0.67 3.44
CA ALA A 76 -1.38 1.07 4.15
C ALA A 76 -1.16 2.57 4.08
N TYR A 77 -0.47 3.10 5.08
CA TYR A 77 -0.06 4.48 5.09
C TYR A 77 1.41 4.55 5.44
N CYS A 78 2.14 5.45 4.79
CA CYS A 78 3.59 5.52 4.97
C CYS A 78 3.97 5.86 6.41
N ASP A 79 5.19 5.48 6.80
CA ASP A 79 5.69 5.65 8.17
C ASP A 79 5.39 7.04 8.76
N VAL A 80 5.66 8.09 7.99
CA VAL A 80 5.48 9.45 8.51
C VAL A 80 4.05 9.94 8.37
N HIS A 81 3.12 9.02 8.14
CA HIS A 81 1.73 9.40 7.98
C HIS A 81 1.00 9.30 9.31
N THR A 82 1.73 8.96 10.36
CA THR A 82 1.14 8.85 11.68
C THR A 82 1.08 10.21 12.41
N PRO A 83 2.22 10.94 12.55
CA PRO A 83 2.26 12.18 13.31
C PRO A 83 2.48 13.49 12.49
N PRO A 84 1.95 13.64 11.25
CA PRO A 84 2.06 14.93 10.53
C PRO A 84 1.24 16.03 11.20
N GLY A 85 1.94 16.94 11.85
CA GLY A 85 1.29 18.04 12.53
C GLY A 85 0.54 17.60 13.76
N SER A 86 -0.77 17.46 13.63
CA SER A 86 -1.61 17.03 14.74
C SER A 86 -2.75 16.13 14.24
N THR A 87 -2.50 14.84 14.23
CA THR A 87 -3.51 13.87 13.83
C THR A 87 -3.61 12.76 14.88
N MET A 9 8.69 5.25 -30.20
CA MET A 9 7.57 4.96 -29.28
C MET A 9 7.67 5.83 -28.03
N ASN A 10 6.71 6.71 -27.85
CA ASN A 10 6.72 7.65 -26.73
C ASN A 10 5.88 7.10 -25.59
N ILE A 11 5.78 7.87 -24.52
CA ILE A 11 4.95 7.48 -23.39
C ILE A 11 4.21 8.71 -22.83
N PRO A 12 2.94 8.89 -23.24
CA PRO A 12 2.12 10.01 -22.78
C PRO A 12 1.92 10.04 -21.25
N PRO A 13 1.39 8.97 -20.61
CA PRO A 13 1.20 8.94 -19.17
C PRO A 13 2.43 8.35 -18.45
N ALA A 14 2.88 9.01 -17.40
CA ALA A 14 4.05 8.58 -16.67
C ALA A 14 3.69 8.45 -15.21
N ARG A 15 2.40 8.31 -14.97
CA ARG A 15 1.88 8.26 -13.64
C ARG A 15 2.27 6.95 -12.96
N TRP A 16 2.33 5.88 -13.76
CA TRP A 16 2.65 4.55 -13.24
C TRP A 16 4.14 4.30 -13.24
N LYS A 17 4.87 5.29 -12.78
CA LYS A 17 6.31 5.21 -12.67
C LYS A 17 6.71 5.33 -11.21
N LEU A 18 5.74 5.07 -10.35
CA LEU A 18 5.90 5.20 -8.91
C LEU A 18 7.12 4.43 -8.40
N THR A 19 8.02 5.16 -7.75
CA THR A 19 9.21 4.58 -7.17
C THR A 19 9.11 4.58 -5.65
N CYS A 20 9.78 3.63 -5.02
CA CYS A 20 9.71 3.46 -3.58
C CYS A 20 10.62 4.47 -2.90
N TYR A 21 10.17 5.00 -1.76
CA TYR A 21 10.97 5.97 -1.01
C TYR A 21 11.86 5.25 0.00
N LEU A 22 11.38 4.11 0.50
CA LEU A 22 12.20 3.26 1.35
C LEU A 22 12.95 2.26 0.48
N CYS A 23 14.18 2.65 0.11
CA CYS A 23 15.02 2.00 -0.91
C CYS A 23 14.82 2.69 -2.25
N LYS A 24 15.84 2.66 -3.08
CA LYS A 24 15.85 3.41 -4.33
C LYS A 24 15.65 2.45 -5.49
N GLN A 25 14.72 1.54 -5.30
CA GLN A 25 14.56 0.42 -6.20
C GLN A 25 13.12 0.26 -6.63
N LYS A 26 12.88 0.48 -7.91
CA LYS A 26 11.62 0.10 -8.52
C LYS A 26 11.57 -1.42 -8.65
N GLY A 27 10.39 -1.98 -8.54
CA GLY A 27 10.25 -3.43 -8.62
C GLY A 27 10.77 -4.13 -7.38
N VAL A 28 11.55 -5.20 -7.60
CA VAL A 28 12.15 -6.03 -6.53
C VAL A 28 11.10 -6.84 -5.76
N GLY A 29 9.91 -6.28 -5.61
CA GLY A 29 8.82 -6.96 -4.97
C GLY A 29 7.50 -6.33 -5.33
N ALA A 30 6.66 -6.10 -4.34
CA ALA A 30 5.37 -5.48 -4.56
C ALA A 30 5.36 -4.07 -4.00
N SER A 31 4.64 -3.19 -4.67
CA SER A 31 4.55 -1.81 -4.26
C SER A 31 3.15 -1.49 -3.74
N ILE A 32 3.09 -1.12 -2.47
CA ILE A 32 1.84 -0.72 -1.85
C ILE A 32 1.86 0.80 -1.68
N GLN A 33 0.74 1.44 -1.98
CA GLN A 33 0.68 2.89 -1.98
C GLN A 33 -0.17 3.40 -0.83
N CYS A 34 0.45 4.19 0.03
CA CYS A 34 -0.23 4.77 1.18
C CYS A 34 -1.24 5.80 0.76
N HIS A 35 -2.24 5.99 1.59
CA HIS A 35 -3.31 6.92 1.33
C HIS A 35 -3.96 7.31 2.65
N LYS A 36 -5.14 7.89 2.57
CA LYS A 36 -5.94 8.29 3.73
C LYS A 36 -7.14 9.06 3.20
N ALA A 37 -6.86 10.24 2.68
CA ALA A 37 -7.80 10.99 1.86
C ALA A 37 -7.03 11.65 0.74
N ASN A 38 -5.90 12.27 1.10
CA ASN A 38 -4.97 12.82 0.13
C ASN A 38 -3.53 12.42 0.46
N CYS A 39 -3.07 11.35 -0.19
CA CYS A 39 -1.72 10.82 0.03
C CYS A 39 -1.48 9.69 -0.97
N TYR A 40 -0.27 9.60 -1.50
CA TYR A 40 0.04 8.63 -2.54
C TYR A 40 1.48 8.12 -2.42
N THR A 41 1.94 7.97 -1.19
CA THR A 41 3.28 7.51 -0.91
C THR A 41 3.47 6.05 -1.32
N ALA A 42 4.39 5.80 -2.23
CA ALA A 42 4.61 4.44 -2.73
C ALA A 42 5.84 3.79 -2.09
N PHE A 43 5.67 2.56 -1.62
CA PHE A 43 6.75 1.81 -1.02
C PHE A 43 6.52 0.31 -1.18
N HIS A 44 7.39 -0.49 -0.59
CA HIS A 44 7.31 -1.95 -0.71
C HIS A 44 6.61 -2.56 0.49
N VAL A 45 6.08 -3.77 0.32
CA VAL A 45 5.48 -4.51 1.41
C VAL A 45 6.55 -4.83 2.46
N THR A 46 7.74 -5.19 2.00
CA THR A 46 8.84 -5.47 2.91
C THR A 46 9.32 -4.19 3.60
N CYS A 47 9.14 -3.04 2.94
CA CYS A 47 9.49 -1.76 3.54
C CYS A 47 8.56 -1.45 4.69
N ALA A 48 7.30 -1.85 4.54
CA ALA A 48 6.30 -1.65 5.59
C ALA A 48 6.63 -2.48 6.82
N GLN A 49 6.99 -3.74 6.58
CA GLN A 49 7.38 -4.63 7.66
C GLN A 49 8.67 -4.14 8.30
N LYS A 50 9.57 -3.64 7.46
CA LYS A 50 10.86 -3.16 7.91
C LYS A 50 10.71 -1.96 8.83
N ALA A 51 9.78 -1.08 8.48
CA ALA A 51 9.55 0.14 9.24
C ALA A 51 8.66 -0.13 10.47
N GLY A 52 7.79 -1.11 10.35
CA GLY A 52 6.86 -1.41 11.42
C GLY A 52 5.77 -0.36 11.51
N LEU A 53 5.27 0.05 10.36
CA LEU A 53 4.26 1.08 10.29
C LEU A 53 2.86 0.51 10.55
N TYR A 54 1.84 1.33 10.35
CA TYR A 54 0.47 0.91 10.63
C TYR A 54 -0.14 0.18 9.44
N MET A 55 -0.66 -1.00 9.70
CA MET A 55 -1.34 -1.79 8.69
C MET A 55 -2.73 -2.18 9.14
N LYS A 56 -3.73 -1.86 8.32
CA LYS A 56 -5.08 -2.33 8.54
C LYS A 56 -5.35 -3.47 7.57
N MET A 57 -6.21 -4.39 7.96
CA MET A 57 -6.44 -5.60 7.18
C MET A 57 -7.88 -6.00 7.35
N GLU A 58 -8.66 -5.78 6.32
CA GLU A 58 -10.07 -6.05 6.37
C GLU A 58 -10.37 -7.31 5.57
N PRO A 59 -10.99 -8.30 6.21
CA PRO A 59 -11.37 -9.53 5.54
C PRO A 59 -12.74 -9.42 4.89
N VAL A 60 -12.80 -9.66 3.60
CA VAL A 60 -14.04 -9.59 2.87
C VAL A 60 -14.56 -11.00 2.63
N LYS A 61 -15.86 -11.19 2.80
CA LYS A 61 -16.44 -12.51 2.59
C LYS A 61 -17.04 -12.58 1.20
N GLU A 62 -16.56 -13.52 0.42
CA GLU A 62 -16.97 -13.68 -0.96
C GLU A 62 -17.47 -15.10 -1.21
N LEU A 63 -17.92 -15.32 -2.43
CA LEU A 63 -18.49 -16.59 -2.83
C LEU A 63 -18.46 -16.65 -4.34
N THR A 64 -17.28 -16.86 -4.85
CA THR A 64 -17.05 -16.89 -6.29
C THR A 64 -17.26 -18.30 -6.85
N GLY A 65 -18.24 -18.43 -7.73
CA GLY A 65 -18.52 -19.71 -8.35
C GLY A 65 -19.34 -20.60 -7.46
N GLY A 66 -18.92 -21.85 -7.34
CA GLY A 66 -19.66 -22.80 -6.53
C GLY A 66 -18.96 -23.08 -5.22
N GLY A 67 -18.60 -22.01 -4.52
CA GLY A 67 -17.95 -22.16 -3.23
C GLY A 67 -17.62 -20.82 -2.62
N THR A 68 -17.39 -20.81 -1.31
CA THR A 68 -17.04 -19.59 -0.61
C THR A 68 -15.59 -19.20 -0.91
N THR A 69 -15.31 -17.90 -0.93
CA THR A 69 -13.98 -17.43 -1.21
C THR A 69 -13.64 -16.30 -0.27
N PHE A 70 -12.58 -16.50 0.47
CA PHE A 70 -12.14 -15.56 1.46
C PHE A 70 -11.03 -14.68 0.89
N SER A 71 -11.25 -13.36 0.92
CA SER A 71 -10.26 -12.41 0.42
C SER A 71 -9.93 -11.38 1.49
N VAL A 72 -8.70 -10.85 1.45
CA VAL A 72 -8.30 -9.83 2.40
C VAL A 72 -7.87 -8.56 1.66
N ARG A 73 -8.18 -7.42 2.24
CA ARG A 73 -7.75 -6.14 1.70
C ARG A 73 -7.02 -5.35 2.78
N LYS A 74 -5.89 -4.77 2.43
CA LYS A 74 -5.07 -4.08 3.40
C LYS A 74 -5.07 -2.57 3.17
N THR A 75 -5.18 -1.83 4.24
CA THR A 75 -5.01 -0.38 4.21
C THR A 75 -3.78 0.00 5.00
N ALA A 76 -2.73 0.42 4.30
CA ALA A 76 -1.48 0.73 4.98
C ALA A 76 -1.11 2.19 4.76
N TYR A 77 -0.48 2.77 5.77
CA TYR A 77 -0.02 4.14 5.68
C TYR A 77 1.50 4.15 5.74
N CYS A 78 2.11 5.11 5.03
CA CYS A 78 3.57 5.20 4.98
C CYS A 78 4.15 5.48 6.38
N ASP A 79 5.44 5.25 6.54
CA ASP A 79 6.07 5.35 7.86
C ASP A 79 6.03 6.78 8.39
N VAL A 80 6.36 7.74 7.53
CA VAL A 80 6.34 9.15 7.93
C VAL A 80 4.90 9.66 8.05
N HIS A 81 3.94 8.76 7.84
CA HIS A 81 2.53 9.10 7.99
C HIS A 81 2.17 8.99 9.47
N THR A 82 3.07 8.39 10.24
CA THR A 82 2.91 8.32 11.69
C THR A 82 3.36 9.64 12.31
N PRO A 83 2.89 9.99 13.51
CA PRO A 83 3.04 11.32 14.10
C PRO A 83 4.47 11.77 14.37
N PRO A 84 4.96 12.79 13.62
CA PRO A 84 6.12 13.56 14.05
C PRO A 84 5.81 14.25 15.37
N GLY A 85 6.56 13.91 16.38
CA GLY A 85 6.22 14.25 17.74
C GLY A 85 6.26 13.01 18.59
N SER A 86 5.67 11.95 18.07
CA SER A 86 5.95 10.61 18.56
C SER A 86 7.23 10.13 17.88
N THR A 87 7.45 10.65 16.68
CA THR A 87 8.75 10.54 16.03
C THR A 87 9.39 11.93 15.94
N MET A 9 8.05 4.32 -22.28
CA MET A 9 6.97 4.71 -21.34
C MET A 9 5.68 4.98 -22.11
N ASN A 10 4.64 4.25 -21.77
CA ASN A 10 3.34 4.43 -22.38
C ASN A 10 2.25 4.25 -21.33
N ILE A 11 1.63 5.36 -20.94
CA ILE A 11 0.56 5.34 -19.95
C ILE A 11 -0.30 6.60 -20.10
N PRO A 12 -1.64 6.42 -20.25
CA PRO A 12 -2.57 7.56 -20.39
C PRO A 12 -2.44 8.61 -19.28
N PRO A 13 -2.51 8.24 -17.96
CA PRO A 13 -2.17 9.16 -16.86
C PRO A 13 -0.66 9.49 -16.87
N ALA A 14 -0.10 9.83 -15.72
CA ALA A 14 1.31 10.16 -15.65
C ALA A 14 1.93 9.26 -14.62
N ARG A 15 1.25 8.16 -14.37
CA ARG A 15 1.64 7.26 -13.31
C ARG A 15 2.69 6.26 -13.81
N TRP A 16 3.94 6.70 -13.88
CA TRP A 16 5.03 5.84 -14.32
C TRP A 16 5.57 5.01 -13.16
N LYS A 17 4.82 3.98 -12.81
CA LYS A 17 5.18 3.05 -11.73
C LYS A 17 5.08 3.71 -10.35
N LEU A 18 5.20 2.89 -9.32
CA LEU A 18 5.15 3.38 -7.95
C LEU A 18 6.57 3.48 -7.39
N THR A 19 6.99 4.70 -7.07
CA THR A 19 8.32 4.93 -6.54
C THR A 19 8.36 4.66 -5.04
N CYS A 20 9.30 3.82 -4.64
CA CYS A 20 9.44 3.42 -3.25
C CYS A 20 10.36 4.37 -2.52
N TYR A 21 9.82 5.16 -1.60
CA TYR A 21 10.62 6.15 -0.88
C TYR A 21 11.59 5.45 0.07
N LEU A 22 11.18 4.29 0.57
CA LEU A 22 12.06 3.42 1.32
C LEU A 22 12.87 2.57 0.34
N CYS A 23 13.56 3.29 -0.54
CA CYS A 23 14.33 2.74 -1.66
C CYS A 23 14.69 3.91 -2.57
N LYS A 24 15.08 3.62 -3.80
CA LYS A 24 15.23 4.65 -4.81
C LYS A 24 14.84 4.07 -6.16
N GLN A 25 13.80 3.25 -6.15
CA GLN A 25 13.41 2.49 -7.29
C GLN A 25 11.96 2.81 -7.63
N LYS A 26 11.33 1.88 -8.30
CA LYS A 26 9.97 2.04 -8.80
C LYS A 26 9.49 0.71 -9.35
N GLY A 27 8.48 0.13 -8.70
CA GLY A 27 8.06 -1.21 -9.02
C GLY A 27 9.06 -2.24 -8.51
N VAL A 28 9.59 -3.07 -9.41
CA VAL A 28 10.65 -4.05 -9.14
C VAL A 28 10.19 -5.21 -8.24
N GLY A 29 9.48 -4.92 -7.15
CA GLY A 29 9.00 -5.98 -6.30
C GLY A 29 7.57 -5.75 -5.89
N ALA A 30 7.23 -6.13 -4.68
CA ALA A 30 5.87 -6.01 -4.18
C ALA A 30 5.64 -4.62 -3.64
N SER A 31 4.83 -3.83 -4.34
CA SER A 31 4.64 -2.44 -4.00
C SER A 31 3.21 -2.18 -3.50
N ILE A 32 3.11 -1.27 -2.55
CA ILE A 32 1.82 -0.85 -2.00
C ILE A 32 1.83 0.66 -1.79
N GLN A 33 0.69 1.30 -1.88
CA GLN A 33 0.62 2.74 -1.78
C GLN A 33 -0.14 3.18 -0.54
N CYS A 34 0.51 4.03 0.23
CA CYS A 34 -0.08 4.64 1.42
C CYS A 34 -1.29 5.48 1.05
N HIS A 35 -2.29 5.44 1.92
CA HIS A 35 -3.56 6.08 1.68
C HIS A 35 -3.45 7.60 1.84
N LYS A 36 -4.56 8.29 1.53
CA LYS A 36 -4.64 9.75 1.47
C LYS A 36 -4.14 10.25 0.12
N ALA A 37 -5.04 10.90 -0.62
CA ALA A 37 -4.78 11.29 -2.00
C ALA A 37 -3.72 12.38 -2.12
N ASN A 38 -3.47 13.08 -1.02
CA ASN A 38 -2.44 14.11 -0.99
C ASN A 38 -1.10 13.49 -0.59
N CYS A 39 -1.17 12.25 -0.14
CA CYS A 39 0.00 11.57 0.39
C CYS A 39 0.09 10.16 -0.17
N TYR A 40 0.11 10.07 -1.50
CA TYR A 40 0.24 8.80 -2.21
C TYR A 40 1.63 8.18 -2.00
N THR A 41 1.92 7.83 -0.77
CA THR A 41 3.25 7.39 -0.38
C THR A 41 3.48 5.95 -0.81
N ALA A 42 4.34 5.74 -1.80
CA ALA A 42 4.54 4.41 -2.36
C ALA A 42 5.79 3.75 -1.81
N PHE A 43 5.68 2.46 -1.51
CA PHE A 43 6.78 1.68 -0.97
C PHE A 43 6.54 0.19 -1.20
N HIS A 44 7.47 -0.63 -0.74
CA HIS A 44 7.34 -2.07 -0.92
C HIS A 44 6.81 -2.72 0.35
N VAL A 45 6.16 -3.87 0.19
CA VAL A 45 5.58 -4.60 1.33
C VAL A 45 6.66 -4.99 2.34
N THR A 46 7.82 -5.38 1.84
CA THR A 46 8.94 -5.71 2.71
C THR A 46 9.41 -4.46 3.47
N CYS A 47 9.37 -3.31 2.81
CA CYS A 47 9.78 -2.05 3.43
C CYS A 47 8.85 -1.72 4.60
N ALA A 48 7.56 -1.99 4.41
CA ALA A 48 6.57 -1.76 5.45
C ALA A 48 6.86 -2.62 6.67
N GLN A 49 7.22 -3.88 6.41
CA GLN A 49 7.54 -4.82 7.48
C GLN A 49 8.83 -4.44 8.17
N LYS A 50 9.72 -3.77 7.45
CA LYS A 50 10.96 -3.28 8.02
C LYS A 50 10.72 -2.06 8.90
N ALA A 51 9.96 -1.11 8.37
CA ALA A 51 9.65 0.12 9.08
C ALA A 51 8.71 -0.12 10.25
N GLY A 52 7.84 -1.12 10.11
CA GLY A 52 6.88 -1.44 11.15
C GLY A 52 5.75 -0.45 11.20
N LEU A 53 5.34 0.04 10.03
CA LEU A 53 4.29 1.03 9.94
C LEU A 53 2.90 0.39 10.04
N TYR A 54 1.87 1.21 10.15
CA TYR A 54 0.52 0.71 10.35
C TYR A 54 -0.12 0.30 9.03
N MET A 55 -0.64 -0.92 9.01
CA MET A 55 -1.45 -1.40 7.90
C MET A 55 -2.83 -1.77 8.41
N LYS A 56 -3.87 -1.26 7.77
CA LYS A 56 -5.22 -1.70 8.07
C LYS A 56 -5.47 -2.98 7.29
N MET A 57 -6.12 -3.94 7.92
CA MET A 57 -6.22 -5.28 7.36
C MET A 57 -7.61 -5.82 7.58
N GLU A 58 -8.37 -5.85 6.52
CA GLU A 58 -9.75 -6.26 6.59
C GLU A 58 -9.95 -7.57 5.82
N PRO A 59 -10.45 -8.60 6.49
CA PRO A 59 -10.73 -9.88 5.87
C PRO A 59 -12.18 -9.99 5.41
N VAL A 60 -12.39 -9.98 4.10
CA VAL A 60 -13.73 -10.08 3.55
C VAL A 60 -13.96 -11.43 2.89
N LYS A 61 -14.82 -12.23 3.50
CA LYS A 61 -15.16 -13.53 2.94
C LYS A 61 -16.34 -13.38 2.00
N GLU A 62 -16.11 -13.66 0.74
CA GLU A 62 -17.14 -13.59 -0.27
C GLU A 62 -17.97 -14.87 -0.29
N LEU A 63 -18.97 -14.88 -1.14
CA LEU A 63 -20.00 -15.90 -1.14
C LEU A 63 -20.96 -15.66 -2.28
N THR A 64 -21.14 -14.39 -2.61
CA THR A 64 -21.95 -13.99 -3.73
C THR A 64 -21.18 -14.03 -5.05
N GLY A 65 -21.62 -14.89 -5.96
CA GLY A 65 -21.01 -14.96 -7.27
C GLY A 65 -19.66 -15.64 -7.26
N GLY A 66 -19.64 -16.95 -7.37
CA GLY A 66 -18.39 -17.69 -7.42
C GLY A 66 -18.21 -18.61 -6.24
N GLY A 67 -19.32 -19.11 -5.71
CA GLY A 67 -19.25 -19.97 -4.54
C GLY A 67 -18.85 -19.20 -3.31
N THR A 68 -17.62 -19.38 -2.87
CA THR A 68 -17.08 -18.57 -1.79
C THR A 68 -15.61 -18.30 -2.05
N THR A 69 -15.14 -17.13 -1.67
CA THR A 69 -13.76 -16.78 -1.79
C THR A 69 -13.41 -15.75 -0.77
N PHE A 70 -12.29 -15.98 -0.20
CA PHE A 70 -11.80 -15.16 0.88
C PHE A 70 -10.79 -14.15 0.37
N SER A 71 -11.14 -12.88 0.46
CA SER A 71 -10.27 -11.81 0.01
C SER A 71 -9.81 -10.96 1.19
N VAL A 72 -8.59 -10.44 1.10
CA VAL A 72 -8.07 -9.58 2.14
C VAL A 72 -7.85 -8.18 1.59
N ARG A 73 -8.19 -7.20 2.39
CA ARG A 73 -7.98 -5.81 2.03
C ARG A 73 -6.94 -5.19 2.93
N LYS A 74 -5.91 -4.59 2.35
CA LYS A 74 -4.92 -3.90 3.15
C LYS A 74 -4.82 -2.45 2.73
N THR A 75 -4.96 -1.58 3.71
CA THR A 75 -4.85 -0.14 3.51
C THR A 75 -3.80 0.41 4.45
N ALA A 76 -2.67 0.80 3.90
CA ALA A 76 -1.52 1.16 4.71
C ALA A 76 -1.28 2.65 4.74
N TYR A 77 -0.71 3.10 5.84
CA TYR A 77 -0.21 4.45 5.91
C TYR A 77 1.31 4.38 6.09
N CYS A 78 2.03 5.19 5.37
CA CYS A 78 3.50 5.16 5.42
C CYS A 78 4.01 5.51 6.82
N ASP A 79 5.27 5.16 7.09
CA ASP A 79 5.87 5.42 8.39
C ASP A 79 5.88 6.92 8.69
N VAL A 80 6.25 7.72 7.70
CA VAL A 80 6.28 9.18 7.83
C VAL A 80 4.88 9.77 7.77
N HIS A 81 3.88 8.91 7.77
CA HIS A 81 2.49 9.34 7.86
C HIS A 81 2.11 9.42 9.33
N THR A 82 3.02 8.89 10.14
CA THR A 82 2.91 8.92 11.58
C THR A 82 4.28 9.36 12.14
N PRO A 83 4.46 9.48 13.46
CA PRO A 83 5.78 9.72 14.05
C PRO A 83 6.63 8.45 14.05
N PRO A 84 7.61 8.34 13.12
CA PRO A 84 8.44 7.14 12.99
C PRO A 84 9.37 6.94 14.19
N GLY A 85 9.82 8.05 14.73
CA GLY A 85 10.71 8.03 15.86
C GLY A 85 11.43 9.35 16.00
N SER A 86 12.12 9.75 14.95
CA SER A 86 12.77 11.04 14.89
C SER A 86 12.64 11.62 13.49
N THR A 87 11.50 12.25 13.21
CA THR A 87 11.24 12.86 11.92
C THR A 87 10.29 14.04 12.08
N MET A 9 11.92 8.34 -21.88
CA MET A 9 10.71 9.11 -22.24
C MET A 9 9.49 8.20 -22.25
N ASN A 10 9.39 7.37 -23.30
CA ASN A 10 8.25 6.47 -23.50
C ASN A 10 7.02 7.29 -23.87
N ILE A 11 6.38 7.86 -22.87
CA ILE A 11 5.29 8.79 -23.11
C ILE A 11 5.45 9.99 -22.16
N PRO A 12 5.74 11.19 -22.72
CA PRO A 12 5.98 12.39 -21.92
C PRO A 12 4.86 12.74 -20.92
N PRO A 13 3.57 12.80 -21.34
CA PRO A 13 2.47 13.10 -20.41
C PRO A 13 2.06 11.90 -19.54
N ALA A 14 3.00 10.97 -19.36
CA ALA A 14 2.79 9.81 -18.52
C ALA A 14 4.04 9.57 -17.70
N ARG A 15 4.68 10.68 -17.34
CA ARG A 15 5.95 10.66 -16.62
C ARG A 15 5.72 10.33 -15.15
N TRP A 16 5.00 9.26 -14.89
CA TRP A 16 4.67 8.85 -13.54
C TRP A 16 5.77 8.01 -12.94
N LYS A 17 6.79 8.69 -12.48
CA LYS A 17 7.91 8.04 -11.82
C LYS A 17 7.62 7.85 -10.35
N LEU A 18 7.15 6.67 -9.99
CA LEU A 18 6.87 6.35 -8.60
C LEU A 18 8.06 5.63 -7.99
N THR A 19 8.56 6.14 -6.89
CA THR A 19 9.74 5.60 -6.26
C THR A 19 9.44 5.14 -4.83
N CYS A 20 10.04 4.03 -4.44
CA CYS A 20 9.91 3.50 -3.09
C CYS A 20 10.85 4.27 -2.17
N TYR A 21 10.28 5.05 -1.23
CA TYR A 21 11.10 5.89 -0.36
C TYR A 21 11.96 5.02 0.55
N LEU A 22 11.46 3.84 0.88
CA LEU A 22 12.27 2.83 1.55
C LEU A 22 13.01 2.03 0.48
N CYS A 23 13.85 2.77 -0.24
CA CYS A 23 14.64 2.31 -1.39
C CYS A 23 15.13 3.53 -2.15
N LYS A 24 15.70 3.30 -3.32
CA LYS A 24 15.97 4.36 -4.28
C LYS A 24 16.00 3.76 -5.69
N GLN A 25 15.25 2.68 -5.84
CA GLN A 25 15.11 2.00 -7.10
C GLN A 25 13.63 1.97 -7.44
N LYS A 26 13.24 0.96 -8.20
CA LYS A 26 11.85 0.78 -8.59
C LYS A 26 11.62 -0.68 -8.98
N GLY A 27 10.39 -1.14 -8.85
CA GLY A 27 10.08 -2.53 -9.12
C GLY A 27 10.72 -3.47 -8.11
N VAL A 28 11.46 -4.46 -8.62
CA VAL A 28 12.23 -5.45 -7.85
C VAL A 28 11.34 -6.39 -7.00
N GLY A 29 10.30 -5.85 -6.37
CA GLY A 29 9.42 -6.66 -5.57
C GLY A 29 7.98 -6.21 -5.69
N ALA A 30 7.26 -6.27 -4.59
CA ALA A 30 5.86 -5.90 -4.57
C ALA A 30 5.71 -4.45 -4.12
N SER A 31 5.20 -3.63 -5.01
CA SER A 31 5.01 -2.22 -4.75
C SER A 31 3.62 -1.96 -4.17
N ILE A 32 3.57 -1.20 -3.09
CA ILE A 32 2.32 -0.79 -2.49
C ILE A 32 2.37 0.71 -2.22
N GLN A 33 1.26 1.38 -2.43
CA GLN A 33 1.22 2.81 -2.28
C GLN A 33 0.26 3.19 -1.18
N CYS A 34 0.75 4.01 -0.25
CA CYS A 34 -0.01 4.40 0.92
C CYS A 34 -1.29 5.10 0.53
N HIS A 35 -2.27 5.02 1.42
CA HIS A 35 -3.60 5.53 1.15
C HIS A 35 -3.63 7.06 1.25
N LYS A 36 -4.81 7.63 0.99
CA LYS A 36 -5.01 9.08 0.90
C LYS A 36 -4.53 9.58 -0.46
N ALA A 37 -5.50 9.87 -1.33
CA ALA A 37 -5.21 10.29 -2.71
C ALA A 37 -4.25 11.48 -2.76
N ASN A 38 -4.50 12.48 -1.92
CA ASN A 38 -3.63 13.65 -1.87
C ASN A 38 -2.42 13.38 -0.97
N CYS A 39 -1.72 12.31 -1.29
CA CYS A 39 -0.47 11.96 -0.65
C CYS A 39 0.28 10.99 -1.56
N TYR A 40 -0.30 9.80 -1.72
CA TYR A 40 0.21 8.79 -2.65
C TYR A 40 1.69 8.49 -2.37
N THR A 41 1.95 7.70 -1.34
CA THR A 41 3.33 7.40 -0.95
C THR A 41 3.69 5.97 -1.34
N ALA A 42 4.68 5.80 -2.20
CA ALA A 42 4.99 4.50 -2.77
C ALA A 42 6.17 3.83 -2.07
N PHE A 43 6.02 2.54 -1.79
CA PHE A 43 7.09 1.74 -1.21
C PHE A 43 6.81 0.25 -1.43
N HIS A 44 7.62 -0.61 -0.83
CA HIS A 44 7.46 -2.06 -1.02
C HIS A 44 6.71 -2.67 0.16
N VAL A 45 6.03 -3.78 -0.10
CA VAL A 45 5.30 -4.49 0.94
C VAL A 45 6.27 -4.98 2.02
N THR A 46 7.43 -5.46 1.60
CA THR A 46 8.45 -5.89 2.55
C THR A 46 9.02 -4.68 3.31
N CYS A 47 9.07 -3.53 2.66
CA CYS A 47 9.56 -2.31 3.30
C CYS A 47 8.68 -1.94 4.49
N ALA A 48 7.37 -2.11 4.33
CA ALA A 48 6.42 -1.82 5.39
C ALA A 48 6.65 -2.72 6.59
N GLN A 49 7.07 -3.94 6.30
CA GLN A 49 7.37 -4.92 7.34
C GLN A 49 8.66 -4.54 8.06
N LYS A 50 9.67 -4.14 7.29
CA LYS A 50 10.93 -3.68 7.86
C LYS A 50 10.75 -2.41 8.67
N ALA A 51 9.98 -1.48 8.13
CA ALA A 51 9.74 -0.20 8.79
C ALA A 51 8.83 -0.37 10.00
N GLY A 52 7.90 -1.31 9.90
CA GLY A 52 6.97 -1.55 10.99
C GLY A 52 5.95 -0.44 11.12
N LEU A 53 5.44 0.03 9.99
CA LEU A 53 4.48 1.11 9.98
C LEU A 53 3.05 0.58 10.07
N TYR A 54 2.08 1.49 9.97
CA TYR A 54 0.69 1.15 10.17
C TYR A 54 0.08 0.47 8.95
N MET A 55 -0.37 -0.76 9.14
CA MET A 55 -1.13 -1.47 8.13
C MET A 55 -2.43 -1.99 8.70
N LYS A 56 -3.54 -1.52 8.14
CA LYS A 56 -4.86 -2.01 8.51
C LYS A 56 -5.13 -3.31 7.78
N MET A 57 -5.57 -4.33 8.50
CA MET A 57 -5.83 -5.62 7.89
C MET A 57 -7.17 -6.13 8.37
N GLU A 58 -8.17 -6.09 7.52
CA GLU A 58 -9.48 -6.57 7.88
C GLU A 58 -9.93 -7.63 6.88
N PRO A 59 -10.25 -8.84 7.36
CA PRO A 59 -10.68 -9.94 6.51
C PRO A 59 -12.20 -10.00 6.32
N VAL A 60 -12.62 -10.24 5.09
CA VAL A 60 -14.03 -10.40 4.78
C VAL A 60 -14.23 -11.60 3.87
N LYS A 61 -15.27 -12.36 4.14
CA LYS A 61 -15.57 -13.55 3.35
C LYS A 61 -16.62 -13.22 2.29
N GLU A 62 -16.30 -13.53 1.05
CA GLU A 62 -17.18 -13.27 -0.06
C GLU A 62 -17.54 -14.57 -0.77
N LEU A 63 -18.39 -14.46 -1.78
CA LEU A 63 -18.96 -15.61 -2.47
C LEU A 63 -18.93 -15.44 -3.98
N THR A 64 -18.98 -14.20 -4.43
CA THR A 64 -18.92 -13.87 -5.84
C THR A 64 -17.58 -14.31 -6.44
N GLY A 65 -17.64 -15.22 -7.40
CA GLY A 65 -16.43 -15.71 -8.03
C GLY A 65 -16.45 -17.22 -8.22
N GLY A 66 -17.64 -17.79 -8.32
CA GLY A 66 -17.79 -19.22 -8.50
C GLY A 66 -17.71 -19.98 -7.19
N GLY A 67 -17.58 -19.23 -6.10
CA GLY A 67 -17.45 -19.83 -4.79
C GLY A 67 -16.93 -18.83 -3.80
N THR A 68 -16.88 -19.21 -2.53
CA THR A 68 -16.43 -18.31 -1.47
C THR A 68 -15.03 -17.79 -1.75
N THR A 69 -14.85 -16.49 -1.55
CA THR A 69 -13.61 -15.83 -1.86
C THR A 69 -13.10 -15.13 -0.63
N PHE A 70 -11.92 -15.53 -0.26
CA PHE A 70 -11.21 -14.90 0.84
C PHE A 70 -10.69 -13.55 0.41
N SER A 71 -11.27 -12.50 0.96
CA SER A 71 -10.87 -11.14 0.64
C SER A 71 -10.40 -10.43 1.89
N VAL A 72 -9.39 -9.59 1.74
CA VAL A 72 -8.91 -8.79 2.84
C VAL A 72 -8.82 -7.34 2.39
N ARG A 73 -9.31 -6.45 3.22
CA ARG A 73 -9.20 -5.03 2.94
C ARG A 73 -8.03 -4.49 3.73
N LYS A 74 -6.89 -4.41 3.06
CA LYS A 74 -5.67 -4.02 3.72
C LYS A 74 -5.32 -2.58 3.35
N THR A 75 -5.29 -1.72 4.34
CA THR A 75 -5.06 -0.31 4.12
C THR A 75 -3.78 0.14 4.79
N ALA A 76 -2.82 0.57 4.00
CA ALA A 76 -1.52 0.95 4.53
C ALA A 76 -1.30 2.45 4.46
N TYR A 77 -0.68 2.99 5.49
CA TYR A 77 -0.26 4.38 5.49
C TYR A 77 1.23 4.43 5.75
N CYS A 78 1.93 5.32 5.05
CA CYS A 78 3.39 5.44 5.22
C CYS A 78 3.74 5.88 6.65
N ASP A 79 4.99 5.63 7.03
CA ASP A 79 5.47 5.83 8.42
C ASP A 79 5.01 7.16 9.04
N VAL A 80 5.18 8.25 8.31
CA VAL A 80 4.88 9.58 8.83
C VAL A 80 3.51 10.06 8.36
N HIS A 81 2.65 9.12 8.00
CA HIS A 81 1.34 9.44 7.47
C HIS A 81 0.27 9.30 8.54
N THR A 82 0.50 8.41 9.49
CA THR A 82 -0.49 8.13 10.53
C THR A 82 -0.41 9.09 11.73
N PRO A 83 0.80 9.34 12.32
CA PRO A 83 0.93 10.20 13.50
C PRO A 83 0.16 11.53 13.38
N PRO A 84 0.24 12.26 12.24
CA PRO A 84 -0.62 13.43 12.01
C PRO A 84 -2.03 13.00 11.68
N GLY A 85 -2.94 13.21 12.60
CA GLY A 85 -4.31 12.76 12.41
C GLY A 85 -4.66 11.60 13.33
N SER A 86 -3.74 10.65 13.44
CA SER A 86 -3.93 9.52 14.34
C SER A 86 -2.85 9.52 15.43
N THR A 87 -3.06 10.35 16.45
CA THR A 87 -2.17 10.37 17.60
C THR A 87 -2.84 9.64 18.76
N MET A 9 -6.64 -10.18 -25.79
CA MET A 9 -5.61 -9.34 -25.13
C MET A 9 -5.82 -9.33 -23.62
N ASN A 10 -4.87 -8.81 -22.89
CA ASN A 10 -4.98 -8.74 -21.43
C ASN A 10 -4.24 -7.52 -20.89
N ILE A 11 -2.97 -7.37 -21.33
CA ILE A 11 -2.07 -6.30 -20.88
C ILE A 11 -2.17 -6.04 -19.37
N PRO A 12 -1.37 -6.79 -18.59
CA PRO A 12 -1.38 -6.73 -17.13
C PRO A 12 -1.02 -5.36 -16.57
N PRO A 13 -1.98 -4.70 -15.91
CA PRO A 13 -1.73 -3.44 -15.21
C PRO A 13 -0.81 -3.64 -14.01
N ALA A 14 0.47 -3.34 -14.22
CA ALA A 14 1.48 -3.45 -13.18
C ALA A 14 2.48 -2.31 -13.30
N ARG A 15 1.94 -1.12 -13.53
CA ARG A 15 2.76 0.05 -13.81
C ARG A 15 3.41 0.60 -12.55
N TRP A 16 4.57 0.05 -12.21
CA TRP A 16 5.33 0.53 -11.08
C TRP A 16 6.34 1.57 -11.52
N LYS A 17 5.85 2.79 -11.70
CA LYS A 17 6.70 3.89 -12.10
C LYS A 17 6.92 4.82 -10.90
N LEU A 18 6.58 4.31 -9.74
CA LEU A 18 6.66 5.08 -8.51
C LEU A 18 7.91 4.67 -7.74
N THR A 19 8.71 5.64 -7.34
CA THR A 19 9.91 5.35 -6.59
C THR A 19 9.58 5.18 -5.11
N CYS A 20 10.12 4.11 -4.54
CA CYS A 20 9.92 3.78 -3.14
C CYS A 20 10.84 4.62 -2.27
N TYR A 21 10.28 5.37 -1.33
CA TYR A 21 11.09 6.28 -0.52
C TYR A 21 12.04 5.49 0.37
N LEU A 22 11.60 4.32 0.82
CA LEU A 22 12.48 3.39 1.50
C LEU A 22 13.19 2.54 0.46
N CYS A 23 14.03 3.22 -0.31
CA CYS A 23 14.81 2.65 -1.42
C CYS A 23 15.35 3.78 -2.29
N LYS A 24 15.90 3.41 -3.44
CA LYS A 24 16.24 4.37 -4.49
C LYS A 24 15.91 3.74 -5.85
N GLN A 25 15.20 2.62 -5.81
CA GLN A 25 14.88 1.85 -6.99
C GLN A 25 13.43 1.41 -6.93
N LYS A 26 12.66 1.84 -7.91
CA LYS A 26 11.29 1.37 -8.09
C LYS A 26 11.27 -0.09 -8.53
N GLY A 27 10.19 -0.79 -8.21
CA GLY A 27 10.07 -2.17 -8.61
C GLY A 27 10.84 -3.11 -7.70
N VAL A 28 11.74 -3.89 -8.31
CA VAL A 28 12.58 -4.92 -7.65
C VAL A 28 11.75 -6.08 -7.07
N GLY A 29 10.61 -5.76 -6.46
CA GLY A 29 9.73 -6.78 -5.95
C GLY A 29 8.28 -6.34 -6.03
N ALA A 30 7.74 -5.88 -4.92
CA ALA A 30 6.36 -5.42 -4.88
C ALA A 30 6.30 -4.02 -4.28
N SER A 31 5.63 -3.12 -4.98
CA SER A 31 5.51 -1.75 -4.52
C SER A 31 4.04 -1.43 -4.21
N ILE A 32 3.80 -0.94 -3.01
CA ILE A 32 2.46 -0.62 -2.56
C ILE A 32 2.36 0.89 -2.30
N GLN A 33 1.17 1.43 -2.48
CA GLN A 33 0.93 2.84 -2.29
C GLN A 33 0.05 3.06 -1.08
N CYS A 34 0.50 3.90 -0.18
CA CYS A 34 -0.24 4.19 1.04
C CYS A 34 -1.58 4.84 0.69
N HIS A 35 -2.56 4.56 1.52
CA HIS A 35 -3.94 4.96 1.26
C HIS A 35 -4.13 6.46 1.51
N LYS A 36 -5.27 6.97 1.05
CA LYS A 36 -5.66 8.38 1.12
C LYS A 36 -5.12 9.19 -0.04
N ALA A 37 -6.03 9.94 -0.66
CA ALA A 37 -5.76 10.66 -1.89
C ALA A 37 -4.83 11.84 -1.67
N ASN A 38 -4.82 12.36 -0.46
CA ASN A 38 -4.09 13.56 -0.15
C ASN A 38 -2.64 13.24 0.22
N CYS A 39 -2.10 12.20 -0.42
CA CYS A 39 -0.75 11.76 -0.14
C CYS A 39 -0.25 10.82 -1.24
N TYR A 40 -0.74 9.58 -1.22
CA TYR A 40 -0.24 8.52 -2.09
C TYR A 40 1.27 8.34 -1.93
N THR A 41 1.66 7.45 -1.03
CA THR A 41 3.08 7.22 -0.77
C THR A 41 3.51 5.86 -1.31
N ALA A 42 4.59 5.82 -2.08
CA ALA A 42 5.05 4.58 -2.69
C ALA A 42 6.21 3.95 -1.91
N PHE A 43 6.05 2.68 -1.59
CA PHE A 43 7.09 1.93 -0.90
C PHE A 43 6.95 0.43 -1.19
N HIS A 44 7.83 -0.38 -0.63
CA HIS A 44 7.79 -1.82 -0.88
C HIS A 44 7.12 -2.54 0.26
N VAL A 45 6.60 -3.73 -0.03
CA VAL A 45 6.03 -4.59 1.00
C VAL A 45 7.10 -5.00 2.01
N THR A 46 8.31 -5.27 1.50
CA THR A 46 9.44 -5.59 2.36
C THR A 46 9.84 -4.39 3.21
N CYS A 47 9.56 -3.19 2.70
CA CYS A 47 9.89 -1.96 3.41
C CYS A 47 8.92 -1.74 4.56
N ALA A 48 7.66 -2.11 4.35
CA ALA A 48 6.65 -2.03 5.39
C ALA A 48 7.04 -2.94 6.55
N GLN A 49 7.41 -4.17 6.22
CA GLN A 49 7.85 -5.14 7.21
C GLN A 49 9.11 -4.66 7.92
N LYS A 50 9.98 -3.97 7.19
CA LYS A 50 11.23 -3.49 7.73
C LYS A 50 11.00 -2.30 8.66
N ALA A 51 10.07 -1.44 8.28
CA ALA A 51 9.78 -0.23 9.06
C ALA A 51 8.90 -0.53 10.26
N GLY A 52 7.83 -1.28 10.03
CA GLY A 52 6.85 -1.51 11.07
C GLY A 52 5.85 -0.37 11.15
N LEU A 53 5.18 -0.12 10.04
CA LEU A 53 4.27 1.01 9.92
C LEU A 53 2.82 0.60 10.22
N TYR A 54 1.91 1.55 10.06
CA TYR A 54 0.51 1.34 10.41
C TYR A 54 -0.23 0.58 9.30
N MET A 55 -0.68 -0.63 9.64
CA MET A 55 -1.50 -1.42 8.74
C MET A 55 -2.76 -1.86 9.45
N LYS A 56 -3.90 -1.63 8.81
CA LYS A 56 -5.16 -2.16 9.30
C LYS A 56 -5.66 -3.19 8.30
N MET A 57 -6.48 -4.11 8.76
CA MET A 57 -6.86 -5.25 7.95
C MET A 57 -8.31 -5.54 8.26
N GLU A 58 -9.16 -5.21 7.33
CA GLU A 58 -10.57 -5.24 7.62
C GLU A 58 -11.22 -6.45 6.93
N PRO A 59 -11.86 -7.31 7.71
CA PRO A 59 -12.61 -8.44 7.20
C PRO A 59 -14.09 -8.14 7.07
N VAL A 60 -14.61 -8.32 5.87
CA VAL A 60 -16.02 -8.14 5.60
C VAL A 60 -16.66 -9.46 5.21
N LYS A 61 -17.86 -9.71 5.67
CA LYS A 61 -18.53 -10.97 5.42
C LYS A 61 -19.75 -10.77 4.54
N GLU A 62 -19.75 -11.46 3.41
CA GLU A 62 -20.90 -11.47 2.54
C GLU A 62 -21.86 -12.58 2.92
N LEU A 63 -22.96 -12.66 2.20
CA LEU A 63 -24.08 -13.52 2.56
C LEU A 63 -25.18 -13.35 1.52
N THR A 64 -25.23 -12.15 0.97
CA THR A 64 -26.13 -11.86 -0.13
C THR A 64 -25.55 -12.39 -1.44
N GLY A 65 -26.27 -13.32 -2.06
CA GLY A 65 -25.82 -13.88 -3.32
C GLY A 65 -25.59 -15.37 -3.24
N GLY A 66 -24.41 -15.80 -3.66
CA GLY A 66 -24.10 -17.22 -3.70
C GLY A 66 -23.67 -17.76 -2.35
N GLY A 67 -24.62 -17.94 -1.46
CA GLY A 67 -24.33 -18.45 -0.14
C GLY A 67 -23.66 -17.41 0.73
N THR A 68 -22.40 -17.62 1.05
CA THR A 68 -21.64 -16.67 1.82
C THR A 68 -20.20 -16.62 1.33
N THR A 69 -19.54 -15.49 1.52
CA THR A 69 -18.15 -15.36 1.19
C THR A 69 -17.55 -14.31 2.08
N PHE A 70 -16.38 -14.62 2.49
CA PHE A 70 -15.63 -13.81 3.41
C PHE A 70 -14.50 -13.08 2.68
N SER A 71 -14.60 -11.76 2.65
CA SER A 71 -13.64 -10.94 1.93
C SER A 71 -12.78 -10.13 2.90
N VAL A 72 -11.53 -9.91 2.55
CA VAL A 72 -10.63 -9.12 3.38
C VAL A 72 -10.06 -7.96 2.58
N ARG A 73 -9.95 -6.81 3.20
CA ARG A 73 -9.34 -5.66 2.56
C ARG A 73 -8.27 -5.06 3.46
N LYS A 74 -7.08 -4.89 2.91
CA LYS A 74 -5.95 -4.42 3.68
C LYS A 74 -5.72 -2.94 3.46
N THR A 75 -5.79 -2.16 4.53
CA THR A 75 -5.65 -0.72 4.43
C THR A 75 -4.42 -0.25 5.19
N ALA A 76 -3.44 0.27 4.47
CA ALA A 76 -2.17 0.64 5.08
C ALA A 76 -1.82 2.09 4.81
N TYR A 77 -1.09 2.69 5.75
CA TYR A 77 -0.55 4.02 5.58
C TYR A 77 0.96 3.97 5.75
N CYS A 78 1.68 4.79 5.00
CA CYS A 78 3.14 4.83 5.07
C CYS A 78 3.62 5.24 6.46
N ASP A 79 4.85 4.87 6.80
CA ASP A 79 5.41 5.17 8.12
C ASP A 79 5.48 6.69 8.36
N VAL A 80 5.64 7.43 7.27
CA VAL A 80 5.71 8.89 7.36
C VAL A 80 4.33 9.52 7.14
N HIS A 81 3.29 8.70 7.24
CA HIS A 81 1.91 9.17 7.10
C HIS A 81 1.37 9.50 8.49
N THR A 82 2.28 9.41 9.45
CA THR A 82 2.00 9.60 10.85
C THR A 82 3.35 9.80 11.53
N PRO A 83 3.41 10.44 12.72
CA PRO A 83 4.64 10.63 13.50
C PRO A 83 5.70 9.56 13.23
N PRO A 84 6.70 9.88 12.38
CA PRO A 84 7.75 8.94 11.98
C PRO A 84 8.41 8.29 13.18
N GLY A 85 8.12 7.01 13.39
CA GLY A 85 8.57 6.34 14.58
C GLY A 85 7.70 6.71 15.76
N SER A 86 7.90 7.92 16.27
CA SER A 86 7.08 8.47 17.34
C SER A 86 7.24 9.99 17.38
N THR A 87 6.25 10.68 17.92
CA THR A 87 6.34 12.11 18.19
C THR A 87 6.30 12.92 16.89
N MET A 9 9.95 -21.00 -13.74
CA MET A 9 8.99 -20.74 -12.66
C MET A 9 9.39 -19.50 -11.87
N ASN A 10 8.45 -18.60 -11.69
CA ASN A 10 8.71 -17.36 -10.96
C ASN A 10 7.40 -16.77 -10.47
N ILE A 11 7.49 -15.69 -9.71
CA ILE A 11 6.32 -15.03 -9.18
C ILE A 11 5.79 -13.98 -10.18
N PRO A 12 4.53 -14.15 -10.63
CA PRO A 12 3.90 -13.22 -11.57
C PRO A 12 3.81 -11.77 -11.05
N PRO A 13 3.31 -11.53 -9.81
CA PRO A 13 3.39 -10.20 -9.20
C PRO A 13 4.81 -9.65 -9.21
N ALA A 14 4.97 -8.47 -9.79
CA ALA A 14 6.29 -7.86 -9.94
C ALA A 14 6.10 -6.40 -10.27
N ARG A 15 6.11 -5.58 -9.24
CA ARG A 15 5.75 -4.20 -9.37
C ARG A 15 7.00 -3.35 -9.58
N TRP A 16 7.39 -3.22 -10.83
CA TRP A 16 8.58 -2.45 -11.18
C TRP A 16 8.21 -1.02 -11.54
N LYS A 17 7.26 -0.52 -10.79
CA LYS A 17 6.74 0.83 -10.97
C LYS A 17 6.47 1.43 -9.60
N LEU A 18 6.20 2.73 -9.57
CA LEU A 18 5.90 3.45 -8.33
C LEU A 18 7.13 3.53 -7.43
N THR A 19 7.71 4.71 -7.32
CA THR A 19 8.92 4.91 -6.55
C THR A 19 8.66 4.68 -5.06
N CYS A 20 9.44 3.79 -4.50
CA CYS A 20 9.36 3.46 -3.09
C CYS A 20 10.30 4.37 -2.31
N TYR A 21 9.75 5.23 -1.45
CA TYR A 21 10.58 6.22 -0.77
C TYR A 21 11.59 5.54 0.15
N LEU A 22 11.21 4.39 0.70
CA LEU A 22 12.15 3.53 1.40
C LEU A 22 12.90 2.68 0.39
N CYS A 23 13.69 3.38 -0.43
CA CYS A 23 14.46 2.83 -1.55
C CYS A 23 14.99 3.99 -2.39
N LYS A 24 14.05 4.80 -2.88
CA LYS A 24 14.32 5.92 -3.77
C LYS A 24 14.73 5.42 -5.14
N GLN A 25 14.33 4.18 -5.41
CA GLN A 25 14.48 3.57 -6.68
C GLN A 25 13.19 2.81 -6.99
N LYS A 26 13.29 1.87 -7.89
CA LYS A 26 12.14 1.11 -8.35
C LYS A 26 12.59 -0.16 -9.07
N GLY A 27 11.63 -0.99 -9.46
CA GLY A 27 11.94 -2.21 -10.19
C GLY A 27 12.59 -3.26 -9.32
N VAL A 28 11.93 -3.61 -8.21
CA VAL A 28 12.50 -4.57 -7.27
C VAL A 28 11.52 -5.70 -6.97
N GLY A 29 10.53 -5.42 -6.13
CA GLY A 29 9.59 -6.44 -5.72
C GLY A 29 8.15 -5.99 -5.86
N ALA A 30 7.49 -5.77 -4.74
CA ALA A 30 6.09 -5.38 -4.73
C ALA A 30 5.90 -4.04 -4.05
N SER A 31 5.09 -3.18 -4.64
CA SER A 31 4.88 -1.84 -4.13
C SER A 31 3.43 -1.64 -3.69
N ILE A 32 3.25 -0.90 -2.62
CA ILE A 32 1.93 -0.59 -2.08
C ILE A 32 1.81 0.92 -1.87
N GLN A 33 0.59 1.43 -1.94
CA GLN A 33 0.35 2.87 -1.90
C GLN A 33 -0.35 3.28 -0.60
N CYS A 34 0.25 4.23 0.08
CA CYS A 34 -0.39 4.86 1.24
C CYS A 34 -1.58 5.69 0.79
N HIS A 35 -2.58 5.79 1.64
CA HIS A 35 -3.80 6.49 1.28
C HIS A 35 -4.33 7.31 2.46
N LYS A 36 -5.42 8.01 2.22
CA LYS A 36 -6.15 8.78 3.22
C LYS A 36 -7.19 9.63 2.51
N ALA A 37 -6.70 10.55 1.70
CA ALA A 37 -7.53 11.44 0.90
C ALA A 37 -6.64 12.10 -0.14
N ASN A 38 -5.49 12.55 0.32
CA ASN A 38 -4.43 13.07 -0.54
C ASN A 38 -3.09 12.73 0.08
N CYS A 39 -2.24 12.04 -0.67
CA CYS A 39 -0.96 11.57 -0.14
C CYS A 39 -0.08 11.01 -1.25
N TYR A 40 -0.48 9.86 -1.80
CA TYR A 40 0.25 9.20 -2.89
C TYR A 40 1.68 8.86 -2.44
N THR A 41 1.81 8.00 -1.43
CA THR A 41 3.12 7.56 -0.99
C THR A 41 3.32 6.09 -1.36
N ALA A 42 4.29 5.81 -2.23
CA ALA A 42 4.54 4.45 -2.66
C ALA A 42 5.74 3.87 -1.92
N PHE A 43 5.59 2.63 -1.49
CA PHE A 43 6.66 1.91 -0.82
C PHE A 43 6.49 0.41 -1.02
N HIS A 44 7.48 -0.36 -0.60
CA HIS A 44 7.45 -1.80 -0.80
C HIS A 44 6.88 -2.50 0.43
N VAL A 45 6.26 -3.65 0.20
CA VAL A 45 5.67 -4.42 1.29
C VAL A 45 6.76 -4.91 2.25
N THR A 46 7.93 -5.22 1.71
CA THR A 46 9.07 -5.61 2.53
C THR A 46 9.53 -4.42 3.38
N CYS A 47 9.37 -3.20 2.86
CA CYS A 47 9.76 -2.01 3.59
C CYS A 47 8.79 -1.75 4.74
N ALA A 48 7.51 -1.99 4.47
CA ALA A 48 6.46 -1.79 5.47
C ALA A 48 6.68 -2.68 6.68
N GLN A 49 6.98 -3.94 6.42
CA GLN A 49 7.20 -4.92 7.48
C GLN A 49 8.53 -4.66 8.19
N LYS A 50 9.44 -4.01 7.49
CA LYS A 50 10.75 -3.68 8.05
C LYS A 50 10.70 -2.36 8.81
N ALA A 51 9.61 -1.63 8.64
CA ALA A 51 9.43 -0.36 9.32
C ALA A 51 8.50 -0.51 10.51
N GLY A 52 7.67 -1.55 10.48
CA GLY A 52 6.72 -1.78 11.55
C GLY A 52 5.64 -0.71 11.61
N LEU A 53 5.36 -0.12 10.46
CA LEU A 53 4.40 0.99 10.38
C LEU A 53 2.97 0.51 10.58
N TYR A 54 2.05 1.45 10.63
CA TYR A 54 0.64 1.15 10.84
C TYR A 54 0.07 0.43 9.62
N MET A 55 -0.47 -0.76 9.85
CA MET A 55 -1.05 -1.54 8.76
C MET A 55 -2.49 -1.91 9.10
N LYS A 56 -3.38 -1.72 8.13
CA LYS A 56 -4.80 -1.95 8.32
C LYS A 56 -5.23 -3.21 7.58
N MET A 57 -6.13 -3.97 8.20
CA MET A 57 -6.61 -5.22 7.64
C MET A 57 -8.12 -5.23 7.72
N GLU A 58 -8.75 -5.04 6.59
CA GLU A 58 -10.19 -4.90 6.55
C GLU A 58 -10.81 -6.03 5.75
N PRO A 59 -11.72 -6.78 6.35
CA PRO A 59 -12.37 -7.90 5.67
C PRO A 59 -13.48 -7.44 4.73
N VAL A 60 -13.33 -7.80 3.45
CA VAL A 60 -14.37 -7.52 2.48
C VAL A 60 -15.01 -8.82 2.04
N LYS A 61 -16.32 -8.90 2.14
CA LYS A 61 -17.03 -10.14 1.91
C LYS A 61 -17.40 -10.35 0.45
N GLU A 62 -16.92 -11.47 -0.07
CA GLU A 62 -17.28 -11.91 -1.41
C GLU A 62 -18.19 -13.12 -1.30
N LEU A 63 -18.63 -13.60 -2.45
CA LEU A 63 -19.53 -14.73 -2.52
C LEU A 63 -19.45 -15.33 -3.91
N THR A 64 -18.48 -16.20 -4.09
CA THR A 64 -18.31 -16.91 -5.35
C THR A 64 -17.70 -18.29 -5.10
N GLY A 65 -18.12 -19.26 -5.90
CA GLY A 65 -17.61 -20.61 -5.76
C GLY A 65 -18.27 -21.35 -4.61
N GLY A 66 -17.78 -21.09 -3.41
CA GLY A 66 -18.29 -21.77 -2.24
C GLY A 66 -18.94 -20.81 -1.26
N GLY A 67 -20.11 -20.30 -1.64
CA GLY A 67 -20.83 -19.39 -0.79
C GLY A 67 -20.07 -18.12 -0.52
N THR A 68 -20.18 -17.60 0.70
CA THR A 68 -19.46 -16.41 1.09
C THR A 68 -17.97 -16.70 1.20
N THR A 69 -17.15 -15.83 0.63
CA THR A 69 -15.74 -16.00 0.67
C THR A 69 -15.14 -14.81 1.36
N PHE A 70 -14.47 -15.11 2.43
CA PHE A 70 -13.82 -14.13 3.23
C PHE A 70 -12.57 -13.61 2.52
N SER A 71 -12.63 -12.37 2.08
CA SER A 71 -11.50 -11.74 1.43
C SER A 71 -10.90 -10.68 2.33
N VAL A 72 -9.59 -10.52 2.27
CA VAL A 72 -8.94 -9.50 3.06
C VAL A 72 -8.59 -8.31 2.17
N ARG A 73 -8.79 -7.13 2.71
CA ARG A 73 -8.41 -5.90 2.04
C ARG A 73 -7.38 -5.21 2.92
N LYS A 74 -6.12 -5.42 2.62
CA LYS A 74 -5.05 -4.95 3.47
C LYS A 74 -4.52 -3.63 2.95
N THR A 75 -4.61 -2.62 3.78
CA THR A 75 -4.16 -1.29 3.44
C THR A 75 -3.10 -0.84 4.44
N ALA A 76 -2.21 0.03 4.02
CA ALA A 76 -1.19 0.55 4.92
C ALA A 76 -0.98 2.03 4.67
N TYR A 77 -0.54 2.72 5.69
CA TYR A 77 -0.17 4.12 5.56
C TYR A 77 1.33 4.23 5.73
N CYS A 78 1.96 5.10 4.97
CA CYS A 78 3.42 5.20 4.95
C CYS A 78 3.97 5.58 6.34
N ASP A 79 5.20 5.17 6.59
CA ASP A 79 5.85 5.41 7.88
C ASP A 79 5.95 6.89 8.20
N VAL A 80 6.10 7.71 7.15
CA VAL A 80 6.20 9.16 7.33
C VAL A 80 4.81 9.79 7.44
N HIS A 81 3.78 8.97 7.33
CA HIS A 81 2.41 9.45 7.46
C HIS A 81 2.11 9.71 8.92
N THR A 82 2.64 8.84 9.76
CA THR A 82 2.52 8.98 11.20
C THR A 82 3.88 9.41 11.76
N PRO A 83 3.97 10.59 12.39
CA PRO A 83 5.22 11.11 12.93
C PRO A 83 5.99 10.09 13.77
N PRO A 84 7.20 9.70 13.34
CA PRO A 84 8.04 8.75 14.07
C PRO A 84 8.35 9.23 15.48
N GLY A 85 8.96 10.40 15.57
CA GLY A 85 9.25 10.99 16.86
C GLY A 85 9.07 12.49 16.84
N SER A 86 7.85 12.93 16.54
CA SER A 86 7.54 14.36 16.39
C SER A 86 8.27 14.97 15.20
N THR A 87 7.54 15.17 14.11
CA THR A 87 8.10 15.77 12.91
C THR A 87 7.26 16.96 12.47
N MET A 9 -1.76 24.85 -18.46
CA MET A 9 -0.81 24.30 -17.48
C MET A 9 -0.78 22.79 -17.57
N ASN A 10 0.34 22.25 -18.03
CA ASN A 10 0.49 20.81 -18.14
C ASN A 10 1.55 20.32 -17.17
N ILE A 11 1.38 19.11 -16.68
CA ILE A 11 2.35 18.52 -15.78
C ILE A 11 3.15 17.43 -16.50
N PRO A 12 4.43 17.26 -16.14
CA PRO A 12 5.25 16.20 -16.68
C PRO A 12 5.19 14.93 -15.83
N PRO A 13 4.47 13.90 -16.31
CA PRO A 13 4.38 12.63 -15.60
C PRO A 13 5.69 11.86 -15.63
N ALA A 14 5.86 10.96 -14.68
CA ALA A 14 7.08 10.19 -14.58
C ALA A 14 6.73 8.80 -14.11
N ARG A 15 6.17 8.02 -15.01
CA ARG A 15 5.65 6.72 -14.67
C ARG A 15 6.77 5.69 -14.75
N TRP A 16 7.90 6.01 -14.14
CA TRP A 16 9.08 5.18 -14.18
C TRP A 16 9.11 4.20 -13.02
N LYS A 17 7.94 3.62 -12.76
CA LYS A 17 7.67 2.81 -11.57
C LYS A 17 7.65 3.70 -10.33
N LEU A 18 6.63 3.54 -9.50
CA LEU A 18 6.52 4.32 -8.29
C LEU A 18 7.68 4.00 -7.35
N THR A 19 8.62 4.93 -7.25
CA THR A 19 9.82 4.70 -6.47
C THR A 19 9.51 4.65 -4.98
N CYS A 20 10.01 3.61 -4.35
CA CYS A 20 9.86 3.39 -2.93
C CYS A 20 10.86 4.25 -2.17
N TYR A 21 10.37 5.16 -1.34
CA TYR A 21 11.24 6.07 -0.60
C TYR A 21 12.14 5.31 0.37
N LEU A 22 11.68 4.13 0.80
CA LEU A 22 12.51 3.25 1.61
C LEU A 22 13.32 2.32 0.71
N CYS A 23 14.37 2.92 0.12
CA CYS A 23 15.39 2.27 -0.71
C CYS A 23 15.57 3.06 -2.00
N LYS A 24 16.44 2.58 -2.87
CA LYS A 24 16.67 3.21 -4.17
C LYS A 24 16.44 2.17 -5.26
N GLN A 25 15.32 1.47 -5.15
CA GLN A 25 15.05 0.34 -6.01
C GLN A 25 13.58 0.30 -6.33
N LYS A 26 13.27 0.34 -7.61
CA LYS A 26 11.90 0.26 -8.06
C LYS A 26 11.40 -1.19 -8.07
N GLY A 27 11.92 -2.00 -8.98
CA GLY A 27 11.39 -3.33 -9.18
C GLY A 27 12.26 -4.40 -8.57
N VAL A 28 12.20 -4.53 -7.26
CA VAL A 28 12.90 -5.60 -6.55
C VAL A 28 11.92 -6.45 -5.74
N GLY A 29 10.76 -5.87 -5.47
CA GLY A 29 9.72 -6.56 -4.75
C GLY A 29 8.35 -6.09 -5.17
N ALA A 30 7.51 -5.77 -4.20
CA ALA A 30 6.16 -5.29 -4.49
C ALA A 30 6.01 -3.85 -4.02
N SER A 31 5.42 -3.01 -4.87
CA SER A 31 5.19 -1.63 -4.53
C SER A 31 3.73 -1.40 -4.12
N ILE A 32 3.54 -0.77 -2.98
CA ILE A 32 2.22 -0.50 -2.47
C ILE A 32 2.01 1.01 -2.29
N GLN A 33 0.78 1.45 -2.44
CA GLN A 33 0.43 2.85 -2.30
C GLN A 33 -0.34 3.06 -1.01
N CYS A 34 0.21 3.89 -0.14
CA CYS A 34 -0.41 4.20 1.14
C CYS A 34 -1.76 4.85 0.91
N HIS A 35 -2.69 4.56 1.81
CA HIS A 35 -4.08 4.98 1.67
C HIS A 35 -4.22 6.49 1.93
N LYS A 36 -5.44 6.99 1.74
CA LYS A 36 -5.77 8.39 1.85
C LYS A 36 -5.33 9.15 0.59
N ALA A 37 -6.31 9.73 -0.09
CA ALA A 37 -6.11 10.28 -1.42
C ALA A 37 -5.34 11.59 -1.39
N ASN A 38 -5.37 12.26 -0.25
CA ASN A 38 -4.65 13.52 -0.09
C ASN A 38 -3.24 13.25 0.42
N CYS A 39 -2.63 12.18 -0.09
CA CYS A 39 -1.27 11.81 0.31
C CYS A 39 -0.58 11.01 -0.78
N TYR A 40 -1.08 9.79 -1.04
CA TYR A 40 -0.48 8.87 -2.02
C TYR A 40 1.00 8.65 -1.78
N THR A 41 1.32 7.74 -0.87
CA THR A 41 2.72 7.44 -0.57
C THR A 41 3.10 6.05 -1.09
N ALA A 42 4.08 5.98 -1.98
CA ALA A 42 4.46 4.71 -2.58
C ALA A 42 5.72 4.11 -1.93
N PHE A 43 5.64 2.84 -1.58
CA PHE A 43 6.77 2.13 -0.98
C PHE A 43 6.65 0.63 -1.19
N HIS A 44 7.59 -0.14 -0.65
CA HIS A 44 7.57 -1.59 -0.81
C HIS A 44 6.82 -2.26 0.34
N VAL A 45 6.12 -3.35 0.03
CA VAL A 45 5.46 -4.15 1.05
C VAL A 45 6.49 -4.71 2.03
N THR A 46 7.63 -5.14 1.49
CA THR A 46 8.73 -5.62 2.32
C THR A 46 9.29 -4.49 3.19
N CYS A 47 9.43 -3.30 2.62
CA CYS A 47 9.93 -2.16 3.37
C CYS A 47 8.95 -1.79 4.48
N ALA A 48 7.69 -2.09 4.26
CA ALA A 48 6.64 -1.81 5.24
C ALA A 48 6.79 -2.67 6.48
N GLN A 49 6.93 -3.97 6.28
CA GLN A 49 7.11 -4.90 7.38
C GLN A 49 8.50 -4.74 7.99
N LYS A 50 9.44 -4.24 7.20
CA LYS A 50 10.76 -3.89 7.69
C LYS A 50 10.68 -2.74 8.68
N ALA A 51 10.01 -1.66 8.26
CA ALA A 51 9.89 -0.48 9.10
C ALA A 51 8.94 -0.73 10.26
N GLY A 52 7.90 -1.52 10.00
CA GLY A 52 6.90 -1.79 11.01
C GLY A 52 5.91 -0.65 11.11
N LEU A 53 5.51 -0.12 9.95
CA LEU A 53 4.60 1.00 9.89
C LEU A 53 3.15 0.55 10.09
N TYR A 54 2.24 1.50 10.13
CA TYR A 54 0.83 1.21 10.42
C TYR A 54 0.17 0.47 9.26
N MET A 55 -0.29 -0.73 9.54
CA MET A 55 -1.08 -1.50 8.59
C MET A 55 -2.51 -1.59 9.08
N LYS A 56 -3.44 -1.50 8.15
CA LYS A 56 -4.86 -1.57 8.44
C LYS A 56 -5.41 -2.87 7.87
N MET A 57 -6.47 -3.38 8.44
CA MET A 57 -6.98 -4.69 8.06
C MET A 57 -8.49 -4.63 8.04
N GLU A 58 -9.03 -4.60 6.85
CA GLU A 58 -10.45 -4.33 6.67
C GLU A 58 -11.16 -5.53 6.08
N PRO A 59 -12.19 -6.06 6.75
CA PRO A 59 -12.96 -7.19 6.25
C PRO A 59 -13.77 -6.83 5.01
N VAL A 60 -13.50 -7.50 3.91
CA VAL A 60 -14.20 -7.24 2.66
C VAL A 60 -15.21 -8.35 2.39
N LYS A 61 -16.30 -8.02 1.72
CA LYS A 61 -17.32 -9.00 1.40
C LYS A 61 -17.22 -9.42 -0.05
N GLU A 62 -16.94 -10.70 -0.25
CA GLU A 62 -16.84 -11.25 -1.59
C GLU A 62 -17.91 -12.30 -1.83
N LEU A 63 -17.94 -12.85 -3.04
CA LEU A 63 -19.09 -13.61 -3.52
C LEU A 63 -18.68 -14.94 -4.15
N THR A 64 -17.50 -14.96 -4.77
CA THR A 64 -17.06 -16.11 -5.55
C THR A 64 -17.08 -17.39 -4.74
N GLY A 65 -17.89 -18.35 -5.18
CA GLY A 65 -17.96 -19.62 -4.51
C GLY A 65 -19.37 -20.17 -4.47
N GLY A 66 -20.34 -19.29 -4.26
CA GLY A 66 -21.72 -19.71 -4.20
C GLY A 66 -22.57 -18.78 -3.36
N GLY A 67 -22.01 -18.36 -2.24
CA GLY A 67 -22.70 -17.40 -1.40
C GLY A 67 -21.86 -16.16 -1.19
N THR A 68 -21.09 -16.15 -0.12
CA THR A 68 -20.21 -15.04 0.18
C THR A 68 -18.91 -15.55 0.79
N THR A 69 -17.84 -14.77 0.65
CA THR A 69 -16.58 -15.12 1.24
C THR A 69 -16.05 -13.94 2.01
N PHE A 70 -15.87 -14.15 3.26
CA PHE A 70 -15.33 -13.16 4.15
C PHE A 70 -13.82 -13.09 3.97
N SER A 71 -13.35 -12.00 3.39
CA SER A 71 -11.93 -11.84 3.09
C SER A 71 -11.37 -10.64 3.83
N VAL A 72 -10.05 -10.56 3.90
CA VAL A 72 -9.41 -9.42 4.53
C VAL A 72 -8.74 -8.55 3.49
N ARG A 73 -8.92 -7.27 3.64
CA ARG A 73 -8.33 -6.27 2.78
C ARG A 73 -7.30 -5.50 3.59
N LYS A 74 -6.03 -5.84 3.41
CA LYS A 74 -5.00 -5.22 4.20
C LYS A 74 -4.49 -3.95 3.53
N THR A 75 -4.85 -2.84 4.11
CA THR A 75 -4.45 -1.54 3.64
C THR A 75 -3.29 -1.04 4.50
N ALA A 76 -2.48 -0.12 4.03
CA ALA A 76 -1.37 0.37 4.83
C ALA A 76 -1.20 1.87 4.70
N TYR A 77 -0.72 2.48 5.76
CA TYR A 77 -0.35 3.87 5.74
C TYR A 77 1.15 3.99 5.90
N CYS A 78 1.75 4.89 5.15
CA CYS A 78 3.21 5.07 5.20
C CYS A 78 3.66 5.52 6.59
N ASP A 79 4.94 5.29 6.89
CA ASP A 79 5.52 5.69 8.17
C ASP A 79 5.32 7.19 8.44
N VAL A 80 5.59 8.01 7.43
CA VAL A 80 5.45 9.45 7.55
C VAL A 80 4.00 9.89 7.31
N HIS A 81 3.06 9.01 7.62
CA HIS A 81 1.64 9.29 7.44
C HIS A 81 0.97 9.52 8.79
N THR A 82 1.74 9.38 9.85
CA THR A 82 1.22 9.54 11.20
C THR A 82 1.24 11.01 11.67
N PRO A 83 2.31 11.79 11.41
CA PRO A 83 2.31 13.23 11.69
C PRO A 83 1.18 14.00 10.97
N PRO A 84 0.89 13.70 9.67
CA PRO A 84 -0.32 14.23 9.02
C PRO A 84 -1.57 13.91 9.84
N GLY A 85 -2.44 14.89 9.97
CA GLY A 85 -3.58 14.77 10.85
C GLY A 85 -3.64 15.94 11.79
N SER A 86 -2.63 16.05 12.64
CA SER A 86 -2.42 17.26 13.42
C SER A 86 -2.04 18.37 12.46
N THR A 87 -1.32 18.00 11.42
CA THR A 87 -1.08 18.87 10.29
C THR A 87 -2.07 18.53 9.18
N MET A 9 16.94 13.66 -27.41
CA MET A 9 17.08 13.25 -26.00
C MET A 9 15.77 13.46 -25.27
N ASN A 10 15.66 12.97 -24.05
CA ASN A 10 14.45 13.14 -23.25
C ASN A 10 14.79 13.33 -21.78
N ILE A 11 14.41 14.47 -21.24
CA ILE A 11 14.62 14.76 -19.82
C ILE A 11 13.28 15.04 -19.10
N PRO A 12 12.51 16.07 -19.54
CA PRO A 12 11.20 16.35 -18.96
C PRO A 12 10.28 15.11 -18.84
N PRO A 13 10.08 14.31 -19.92
CA PRO A 13 9.21 13.15 -19.85
C PRO A 13 9.98 11.88 -19.45
N ALA A 14 9.89 11.53 -18.17
CA ALA A 14 10.58 10.37 -17.64
C ALA A 14 9.93 9.94 -16.34
N ARG A 15 8.64 9.68 -16.41
CA ARG A 15 7.89 9.28 -15.22
C ARG A 15 8.05 7.78 -14.97
N TRP A 16 8.90 7.43 -14.02
CA TRP A 16 9.22 6.04 -13.75
C TRP A 16 8.24 5.42 -12.77
N LYS A 17 6.99 5.29 -13.21
CA LYS A 17 5.94 4.62 -12.42
C LYS A 17 5.87 5.19 -11.00
N LEU A 18 5.56 4.34 -10.03
CA LEU A 18 5.52 4.73 -8.63
C LEU A 18 6.90 4.49 -7.99
N THR A 19 7.52 5.57 -7.51
CA THR A 19 8.85 5.46 -6.92
C THR A 19 8.76 5.19 -5.42
N CYS A 20 9.55 4.22 -4.96
CA CYS A 20 9.60 3.86 -3.56
C CYS A 20 10.51 4.83 -2.81
N TYR A 21 9.96 5.49 -1.80
CA TYR A 21 10.71 6.52 -1.09
C TYR A 21 11.70 5.85 -0.13
N LEU A 22 11.30 4.70 0.39
CA LEU A 22 12.21 3.87 1.17
C LEU A 22 13.00 2.99 0.22
N CYS A 23 13.92 3.64 -0.52
CA CYS A 23 14.78 2.99 -1.50
C CYS A 23 15.53 4.02 -2.33
N LYS A 24 14.76 4.95 -2.92
CA LYS A 24 15.25 5.84 -3.99
C LYS A 24 15.31 5.03 -5.28
N GLN A 25 14.61 3.90 -5.26
CA GLN A 25 14.63 2.94 -6.33
C GLN A 25 13.20 2.58 -6.70
N LYS A 26 12.79 2.96 -7.90
CA LYS A 26 11.47 2.62 -8.40
C LYS A 26 11.43 1.17 -8.87
N GLY A 27 11.08 0.28 -7.95
CA GLY A 27 10.97 -1.13 -8.27
C GLY A 27 12.14 -1.93 -7.73
N VAL A 28 11.95 -3.25 -7.63
CA VAL A 28 12.97 -4.19 -7.19
C VAL A 28 12.31 -5.50 -6.76
N GLY A 29 11.03 -5.42 -6.41
CA GLY A 29 10.29 -6.59 -5.99
C GLY A 29 8.79 -6.34 -5.96
N ALA A 30 8.26 -6.08 -4.77
CA ALA A 30 6.83 -5.88 -4.60
C ALA A 30 6.52 -4.48 -4.09
N SER A 31 5.47 -3.88 -4.61
CA SER A 31 5.12 -2.51 -4.27
C SER A 31 3.81 -2.44 -3.49
N ILE A 32 3.78 -1.56 -2.50
CA ILE A 32 2.58 -1.29 -1.72
C ILE A 32 2.41 0.21 -1.59
N GLN A 33 1.20 0.69 -1.75
CA GLN A 33 0.94 2.11 -1.72
C GLN A 33 0.02 2.44 -0.56
N CYS A 34 0.43 3.39 0.25
CA CYS A 34 -0.34 3.78 1.42
C CYS A 34 -1.63 4.47 1.02
N HIS A 35 -2.58 4.43 1.94
CA HIS A 35 -3.93 4.93 1.69
C HIS A 35 -3.97 6.45 1.91
N LYS A 36 -5.18 7.04 1.89
CA LYS A 36 -5.42 8.48 2.04
C LYS A 36 -5.15 9.18 0.71
N ALA A 37 -6.24 9.66 0.10
CA ALA A 37 -6.23 10.22 -1.25
C ALA A 37 -5.11 11.24 -1.45
N ASN A 38 -5.12 12.30 -0.66
CA ASN A 38 -4.11 13.33 -0.79
C ASN A 38 -2.85 12.96 -0.03
N CYS A 39 -2.24 11.85 -0.43
CA CYS A 39 -0.97 11.41 0.11
C CYS A 39 -0.26 10.53 -0.91
N TYR A 40 -0.87 9.38 -1.22
CA TYR A 40 -0.30 8.42 -2.18
C TYR A 40 1.17 8.14 -1.91
N THR A 41 1.45 7.28 -0.95
CA THR A 41 2.84 7.00 -0.62
C THR A 41 3.22 5.59 -1.06
N ALA A 42 4.14 5.50 -2.03
CA ALA A 42 4.51 4.21 -2.60
C ALA A 42 5.82 3.70 -2.03
N PHE A 43 5.80 2.45 -1.59
CA PHE A 43 6.99 1.81 -1.05
C PHE A 43 6.94 0.30 -1.28
N HIS A 44 7.87 -0.44 -0.70
CA HIS A 44 7.93 -1.89 -0.89
C HIS A 44 7.37 -2.63 0.31
N VAL A 45 6.93 -3.86 0.08
CA VAL A 45 6.47 -4.72 1.16
C VAL A 45 7.60 -4.97 2.15
N THR A 46 8.82 -5.12 1.63
CA THR A 46 9.99 -5.29 2.48
C THR A 46 10.28 -4.02 3.30
N CYS A 47 9.95 -2.86 2.72
CA CYS A 47 10.15 -1.59 3.42
C CYS A 47 9.24 -1.52 4.65
N ALA A 48 8.02 -2.00 4.48
CA ALA A 48 7.05 -2.02 5.56
C ALA A 48 7.49 -2.96 6.67
N GLN A 49 8.17 -4.04 6.29
CA GLN A 49 8.68 -5.01 7.25
C GLN A 49 9.88 -4.43 8.01
N LYS A 50 10.73 -3.71 7.29
CA LYS A 50 11.87 -3.03 7.91
C LYS A 50 11.40 -1.93 8.84
N ALA A 51 10.33 -1.28 8.46
CA ALA A 51 9.78 -0.17 9.22
C ALA A 51 8.98 -0.65 10.42
N GLY A 52 8.02 -1.54 10.17
CA GLY A 52 7.11 -1.94 11.21
C GLY A 52 6.01 -0.93 11.39
N LEU A 53 5.50 -0.42 10.27
CA LEU A 53 4.51 0.64 10.29
C LEU A 53 3.09 0.08 10.43
N TYR A 54 2.11 0.97 10.35
CA TYR A 54 0.72 0.61 10.64
C TYR A 54 0.01 0.02 9.42
N MET A 55 -0.65 -1.10 9.64
CA MET A 55 -1.48 -1.73 8.63
C MET A 55 -2.85 -2.03 9.19
N LYS A 56 -3.88 -1.85 8.38
CA LYS A 56 -5.25 -2.12 8.76
C LYS A 56 -5.89 -3.00 7.70
N MET A 57 -6.97 -3.70 8.03
CA MET A 57 -7.55 -4.68 7.15
C MET A 57 -9.02 -4.76 7.41
N GLU A 58 -9.78 -4.20 6.50
CA GLU A 58 -11.19 -4.06 6.67
C GLU A 58 -11.92 -5.17 5.93
N PRO A 59 -12.75 -5.94 6.63
CA PRO A 59 -13.55 -6.98 6.00
C PRO A 59 -14.72 -6.38 5.22
N VAL A 60 -14.64 -6.44 3.90
CA VAL A 60 -15.69 -5.89 3.06
C VAL A 60 -16.69 -6.96 2.69
N LYS A 61 -17.87 -6.87 3.28
CA LYS A 61 -18.91 -7.83 3.02
C LYS A 61 -19.65 -7.43 1.75
N GLU A 62 -19.33 -8.12 0.67
CA GLU A 62 -19.91 -7.85 -0.62
C GLU A 62 -21.09 -8.78 -0.89
N LEU A 63 -21.73 -8.60 -2.03
CA LEU A 63 -23.02 -9.19 -2.30
C LEU A 63 -23.07 -9.62 -3.76
N THR A 64 -22.59 -8.73 -4.60
CA THR A 64 -22.55 -8.95 -6.04
C THR A 64 -21.58 -10.09 -6.37
N GLY A 65 -22.04 -11.00 -7.22
CA GLY A 65 -21.20 -12.11 -7.65
C GLY A 65 -21.95 -13.42 -7.61
N GLY A 66 -22.61 -13.68 -6.50
CA GLY A 66 -23.35 -14.91 -6.34
C GLY A 66 -23.96 -15.03 -4.97
N GLY A 67 -24.94 -14.18 -4.70
CA GLY A 67 -25.56 -14.15 -3.40
C GLY A 67 -24.81 -13.22 -2.46
N THR A 68 -23.69 -13.70 -1.93
CA THR A 68 -22.85 -12.91 -1.05
C THR A 68 -21.38 -13.24 -1.31
N THR A 69 -20.49 -12.27 -1.16
CA THR A 69 -19.09 -12.44 -1.43
C THR A 69 -18.29 -11.73 -0.37
N PHE A 70 -17.47 -12.48 0.32
CA PHE A 70 -16.65 -11.93 1.38
C PHE A 70 -15.22 -11.68 0.90
N SER A 71 -14.75 -10.44 1.04
CA SER A 71 -13.40 -10.07 0.64
C SER A 71 -12.72 -9.30 1.78
N VAL A 72 -11.41 -9.17 1.71
CA VAL A 72 -10.69 -8.35 2.67
C VAL A 72 -10.11 -7.13 1.97
N ARG A 73 -10.22 -6.00 2.63
CA ARG A 73 -9.75 -4.72 2.11
C ARG A 73 -8.60 -4.21 2.95
N LYS A 74 -7.39 -4.34 2.45
CA LYS A 74 -6.22 -3.92 3.21
C LYS A 74 -6.01 -2.41 3.08
N THR A 75 -5.70 -1.79 4.20
CA THR A 75 -5.45 -0.36 4.24
C THR A 75 -4.20 -0.08 5.06
N ALA A 76 -3.13 0.31 4.40
CA ALA A 76 -1.86 0.54 5.08
C ALA A 76 -1.49 2.01 5.03
N TYR A 77 -0.74 2.44 6.05
CA TYR A 77 -0.29 3.81 6.11
C TYR A 77 1.23 3.86 6.23
N CYS A 78 1.85 4.69 5.39
CA CYS A 78 3.32 4.81 5.35
C CYS A 78 3.90 5.33 6.67
N ASP A 79 5.24 5.28 6.78
CA ASP A 79 5.96 5.73 7.99
C ASP A 79 5.60 7.16 8.33
N VAL A 80 5.66 8.01 7.32
CA VAL A 80 5.32 9.42 7.47
C VAL A 80 3.83 9.63 7.24
N HIS A 81 3.06 8.64 7.63
CA HIS A 81 1.62 8.73 7.54
C HIS A 81 0.98 8.59 8.91
N THR A 82 1.76 8.16 9.90
CA THR A 82 1.25 8.03 11.25
C THR A 82 1.23 9.39 11.95
N PRO A 83 2.37 10.12 12.00
CA PRO A 83 2.40 11.49 12.51
C PRO A 83 1.65 12.49 11.59
N PRO A 84 1.96 12.57 10.27
CA PRO A 84 1.16 13.37 9.34
C PRO A 84 -0.11 12.63 8.95
N GLY A 85 -0.66 12.94 7.78
CA GLY A 85 -1.91 12.32 7.37
C GLY A 85 -3.08 12.98 8.08
N SER A 86 -3.20 12.71 9.37
CA SER A 86 -4.11 13.47 10.22
C SER A 86 -3.44 14.79 10.57
N THR A 87 -2.14 14.70 10.88
CA THR A 87 -1.31 15.87 11.13
C THR A 87 -1.84 16.69 12.30
N MET A 9 -5.70 3.83 -26.79
CA MET A 9 -4.27 4.15 -27.06
C MET A 9 -3.90 5.47 -26.43
N ASN A 10 -2.72 5.51 -25.80
CA ASN A 10 -2.21 6.70 -25.16
C ASN A 10 -0.70 6.58 -25.02
N ILE A 11 0.00 7.69 -24.85
CA ILE A 11 1.46 7.67 -24.82
C ILE A 11 2.02 7.19 -23.46
N PRO A 12 1.59 7.78 -22.32
CA PRO A 12 2.03 7.35 -21.00
C PRO A 12 0.94 6.64 -20.16
N PRO A 13 0.31 5.55 -20.67
CA PRO A 13 -0.76 4.87 -19.95
C PRO A 13 -0.26 3.65 -19.19
N ALA A 14 1.05 3.59 -18.98
CA ALA A 14 1.66 2.42 -18.37
C ALA A 14 2.70 2.89 -17.39
N ARG A 15 2.51 4.11 -16.89
CA ARG A 15 3.47 4.70 -16.00
C ARG A 15 3.30 4.17 -14.58
N TRP A 16 3.75 2.94 -14.38
CA TRP A 16 3.67 2.30 -13.07
C TRP A 16 4.93 2.55 -12.27
N LYS A 17 5.39 3.78 -12.34
CA LYS A 17 6.64 4.19 -11.73
C LYS A 17 6.41 4.66 -10.29
N LEU A 18 5.64 3.89 -9.55
CA LEU A 18 5.41 4.17 -8.14
C LEU A 18 6.64 3.79 -7.35
N THR A 19 7.55 4.76 -7.18
CA THR A 19 8.82 4.52 -6.51
C THR A 19 8.65 4.42 -5.01
N CYS A 20 9.27 3.39 -4.44
CA CYS A 20 9.25 3.18 -3.00
C CYS A 20 10.35 3.99 -2.35
N TYR A 21 9.96 5.05 -1.64
CA TYR A 21 10.94 5.93 -0.99
C TYR A 21 11.76 5.14 0.04
N LEU A 22 11.14 4.13 0.63
CA LEU A 22 11.83 3.27 1.58
C LEU A 22 12.71 2.28 0.82
N CYS A 23 13.88 2.79 0.43
CA CYS A 23 14.96 2.09 -0.31
C CYS A 23 15.37 2.92 -1.53
N LYS A 24 14.38 3.63 -2.09
CA LYS A 24 14.57 4.52 -3.22
C LYS A 24 14.82 3.70 -4.48
N GLN A 25 14.19 2.53 -4.51
CA GLN A 25 14.38 1.60 -5.58
C GLN A 25 13.05 1.06 -6.07
N LYS A 26 12.71 1.38 -7.30
CA LYS A 26 11.52 0.81 -7.93
C LYS A 26 11.86 -0.59 -8.46
N GLY A 27 11.39 -1.60 -7.74
CA GLY A 27 11.66 -2.96 -8.12
C GLY A 27 11.80 -3.85 -6.91
N VAL A 28 12.66 -4.87 -7.02
CA VAL A 28 12.99 -5.86 -5.96
C VAL A 28 11.78 -6.69 -5.49
N GLY A 29 10.62 -6.07 -5.37
CA GLY A 29 9.44 -6.78 -4.94
C GLY A 29 8.16 -6.13 -5.45
N ALA A 30 7.27 -5.82 -4.53
CA ALA A 30 5.98 -5.23 -4.88
C ALA A 30 5.82 -3.89 -4.20
N SER A 31 5.10 -3.00 -4.85
CA SER A 31 4.92 -1.66 -4.30
C SER A 31 3.46 -1.42 -3.93
N ILE A 32 3.25 -1.08 -2.66
CA ILE A 32 1.93 -0.81 -2.14
C ILE A 32 1.74 0.69 -1.98
N GLN A 33 0.50 1.14 -2.00
CA GLN A 33 0.20 2.55 -1.91
C GLN A 33 -0.39 2.90 -0.56
N CYS A 34 0.18 3.90 0.05
CA CYS A 34 -0.34 4.45 1.29
C CYS A 34 -1.67 5.14 1.03
N HIS A 35 -2.58 4.98 1.96
CA HIS A 35 -3.95 5.43 1.77
C HIS A 35 -4.04 6.97 1.91
N LYS A 36 -5.18 7.49 1.47
CA LYS A 36 -5.45 8.93 1.37
C LYS A 36 -4.77 9.55 0.15
N ALA A 37 -5.58 10.27 -0.63
CA ALA A 37 -5.20 10.69 -1.97
C ALA A 37 -4.39 11.98 -1.96
N ASN A 38 -4.55 12.79 -0.93
CA ASN A 38 -3.78 14.02 -0.80
C ASN A 38 -2.43 13.73 -0.16
N CYS A 39 -2.00 12.50 -0.31
CA CYS A 39 -0.71 12.06 0.17
C CYS A 39 -0.07 11.13 -0.86
N TYR A 40 -0.81 10.04 -1.17
CA TYR A 40 -0.40 9.08 -2.21
C TYR A 40 1.07 8.70 -2.08
N THR A 41 1.37 7.84 -1.11
CA THR A 41 2.75 7.50 -0.81
C THR A 41 3.06 6.05 -1.23
N ALA A 42 4.06 5.87 -2.08
CA ALA A 42 4.38 4.55 -2.60
C ALA A 42 5.57 3.94 -1.86
N PHE A 43 5.42 2.69 -1.45
CA PHE A 43 6.51 1.96 -0.80
C PHE A 43 6.34 0.45 -0.98
N HIS A 44 7.28 -0.31 -0.46
CA HIS A 44 7.25 -1.77 -0.60
C HIS A 44 6.56 -2.41 0.59
N VAL A 45 5.91 -3.55 0.36
CA VAL A 45 5.30 -4.30 1.44
C VAL A 45 6.37 -4.83 2.39
N THR A 46 7.47 -5.29 1.81
CA THR A 46 8.61 -5.76 2.59
C THR A 46 9.24 -4.62 3.39
N CYS A 47 9.26 -3.42 2.82
CA CYS A 47 9.80 -2.25 3.49
C CYS A 47 8.88 -1.85 4.64
N ALA A 48 7.58 -1.95 4.41
CA ALA A 48 6.58 -1.59 5.40
C ALA A 48 6.68 -2.50 6.63
N GLN A 49 6.78 -3.79 6.39
CA GLN A 49 6.90 -4.76 7.48
C GLN A 49 8.24 -4.58 8.19
N LYS A 50 9.24 -4.16 7.45
CA LYS A 50 10.57 -3.95 7.98
C LYS A 50 10.59 -2.74 8.91
N ALA A 51 9.93 -1.67 8.48
CA ALA A 51 9.85 -0.45 9.28
C ALA A 51 8.85 -0.60 10.42
N GLY A 52 7.86 -1.45 10.22
CA GLY A 52 6.86 -1.70 11.24
C GLY A 52 5.86 -0.56 11.35
N LEU A 53 5.40 -0.06 10.21
CA LEU A 53 4.47 1.06 10.18
C LEU A 53 3.03 0.59 10.39
N TYR A 54 2.10 1.54 10.34
CA TYR A 54 0.69 1.25 10.60
C TYR A 54 0.04 0.55 9.40
N MET A 55 -0.37 -0.69 9.62
CA MET A 55 -1.11 -1.44 8.61
C MET A 55 -2.53 -1.69 9.09
N LYS A 56 -3.48 -1.39 8.24
CA LYS A 56 -4.87 -1.76 8.49
C LYS A 56 -5.16 -2.99 7.65
N MET A 57 -6.16 -3.75 8.03
CA MET A 57 -6.44 -5.00 7.36
C MET A 57 -7.93 -5.17 7.27
N GLU A 58 -8.47 -4.98 6.10
CA GLU A 58 -9.90 -5.03 5.90
C GLU A 58 -10.27 -6.26 5.11
N PRO A 59 -11.13 -7.12 5.67
CA PRO A 59 -11.58 -8.34 4.99
C PRO A 59 -12.60 -8.11 3.90
N VAL A 60 -12.43 -8.88 2.86
CA VAL A 60 -13.44 -9.05 1.84
C VAL A 60 -13.89 -10.49 1.85
N LYS A 61 -15.19 -10.71 2.00
CA LYS A 61 -15.70 -12.06 2.11
C LYS A 61 -16.09 -12.60 0.74
N GLU A 62 -15.21 -13.43 0.21
CA GLU A 62 -15.43 -14.09 -1.06
C GLU A 62 -16.14 -15.42 -0.87
N LEU A 63 -16.42 -16.08 -1.97
CA LEU A 63 -17.35 -17.21 -2.00
C LEU A 63 -17.17 -17.99 -3.30
N THR A 64 -16.83 -17.27 -4.36
CA THR A 64 -16.55 -17.86 -5.65
C THR A 64 -15.35 -18.79 -5.57
N GLY A 65 -15.57 -20.06 -5.90
CA GLY A 65 -14.54 -21.06 -5.79
C GLY A 65 -15.02 -22.27 -5.01
N GLY A 66 -16.31 -22.29 -4.73
CA GLY A 66 -16.90 -23.40 -4.01
C GLY A 66 -16.73 -23.26 -2.51
N GLY A 67 -16.94 -22.04 -2.00
CA GLY A 67 -16.83 -21.81 -0.58
C GLY A 67 -16.29 -20.43 -0.29
N THR A 68 -16.67 -19.89 0.86
CA THR A 68 -16.22 -18.56 1.27
C THR A 68 -14.71 -18.51 1.45
N THR A 69 -14.10 -17.46 0.92
CA THR A 69 -12.67 -17.31 0.98
C THR A 69 -12.36 -15.93 1.50
N PHE A 70 -11.67 -15.90 2.59
CA PHE A 70 -11.25 -14.67 3.21
C PHE A 70 -10.17 -13.98 2.39
N SER A 71 -10.52 -12.87 1.78
CA SER A 71 -9.55 -12.04 1.09
C SER A 71 -9.26 -10.83 1.96
N VAL A 72 -8.02 -10.66 2.35
CA VAL A 72 -7.67 -9.54 3.20
C VAL A 72 -6.91 -8.52 2.40
N ARG A 73 -7.33 -7.28 2.53
CA ARG A 73 -6.64 -6.18 1.88
C ARG A 73 -6.05 -5.27 2.94
N LYS A 74 -4.74 -5.19 2.96
CA LYS A 74 -4.05 -4.42 3.97
C LYS A 74 -3.86 -2.99 3.51
N THR A 75 -4.71 -2.12 4.03
CA THR A 75 -4.59 -0.71 3.75
C THR A 75 -3.59 -0.08 4.71
N ALA A 76 -2.43 0.28 4.20
CA ALA A 76 -1.39 0.81 5.04
C ALA A 76 -1.14 2.27 4.74
N TYR A 77 -0.60 2.97 5.71
CA TYR A 77 -0.17 4.33 5.50
C TYR A 77 1.35 4.36 5.59
N CYS A 78 1.97 5.31 4.90
CA CYS A 78 3.43 5.40 4.88
C CYS A 78 3.99 5.66 6.27
N ASP A 79 5.27 5.33 6.46
CA ASP A 79 5.94 5.45 7.76
C ASP A 79 5.76 6.85 8.35
N VAL A 80 5.99 7.88 7.53
CA VAL A 80 5.89 9.26 8.00
C VAL A 80 4.46 9.78 7.91
N HIS A 81 3.53 8.87 7.64
CA HIS A 81 2.11 9.21 7.63
C HIS A 81 1.58 9.03 9.04
N THR A 82 2.32 8.24 9.80
CA THR A 82 2.06 8.05 11.21
C THR A 82 3.19 8.69 12.01
N PRO A 83 2.92 9.07 13.28
CA PRO A 83 3.83 9.80 14.17
C PRO A 83 5.32 9.68 13.83
N PRO A 84 5.86 10.66 13.07
CA PRO A 84 7.29 10.81 12.90
C PRO A 84 7.89 11.45 14.14
N GLY A 85 8.50 10.63 14.94
CA GLY A 85 8.83 11.02 16.29
C GLY A 85 7.71 10.65 17.23
N SER A 86 7.95 10.77 18.53
CA SER A 86 7.02 10.28 19.56
C SER A 86 7.02 8.75 19.59
N THR A 87 6.83 8.13 18.42
CA THR A 87 7.01 6.70 18.29
C THR A 87 8.46 6.40 17.91
N MET A 9 1.61 25.88 -1.34
CA MET A 9 2.27 24.57 -1.56
C MET A 9 1.46 23.72 -2.52
N ASN A 10 1.70 23.89 -3.81
CA ASN A 10 0.95 23.17 -4.83
C ASN A 10 1.88 22.29 -5.67
N ILE A 11 3.13 22.70 -5.79
CA ILE A 11 4.09 21.99 -6.64
C ILE A 11 4.71 20.77 -5.94
N PRO A 12 5.22 20.88 -4.69
CA PRO A 12 5.74 19.73 -3.94
C PRO A 12 4.78 18.52 -3.88
N PRO A 13 3.47 18.72 -3.55
CA PRO A 13 2.51 17.62 -3.53
C PRO A 13 2.18 17.10 -4.93
N ALA A 14 3.12 16.36 -5.49
CA ALA A 14 2.96 15.73 -6.79
C ALA A 14 3.58 14.35 -6.72
N ARG A 15 3.54 13.79 -5.52
CA ARG A 15 4.20 12.52 -5.23
C ARG A 15 3.28 11.34 -5.52
N TRP A 16 2.34 11.53 -6.44
CA TRP A 16 1.34 10.51 -6.76
C TRP A 16 1.92 9.45 -7.69
N LYS A 17 3.07 8.92 -7.29
CA LYS A 17 3.78 7.95 -8.10
C LYS A 17 3.92 6.63 -7.35
N LEU A 18 4.26 5.58 -8.09
CA LEU A 18 4.44 4.27 -7.49
C LEU A 18 5.92 4.01 -7.17
N THR A 19 6.62 5.07 -6.81
CA THR A 19 8.02 4.95 -6.43
C THR A 19 8.14 4.75 -4.92
N CYS A 20 8.85 3.71 -4.53
CA CYS A 20 9.05 3.39 -3.13
C CYS A 20 10.11 4.28 -2.51
N TYR A 21 9.68 5.21 -1.67
CA TYR A 21 10.59 6.15 -1.03
C TYR A 21 11.55 5.42 -0.09
N LEU A 22 11.11 4.30 0.45
CA LEU A 22 11.97 3.48 1.30
C LEU A 22 12.86 2.59 0.44
N CYS A 23 13.94 3.23 -0.07
CA CYS A 23 15.03 2.63 -0.87
C CYS A 23 15.21 3.40 -2.18
N LYS A 24 14.19 4.20 -2.52
CA LYS A 24 14.22 5.09 -3.68
C LYS A 24 14.16 4.26 -4.95
N GLN A 25 13.41 3.17 -4.87
CA GLN A 25 13.32 2.23 -5.94
C GLN A 25 11.86 1.92 -6.21
N LYS A 26 11.45 2.18 -7.43
CA LYS A 26 10.10 1.88 -7.91
C LYS A 26 9.77 0.37 -7.84
N GLY A 27 8.73 -0.05 -8.55
CA GLY A 27 8.32 -1.45 -8.55
C GLY A 27 9.46 -2.41 -8.86
N VAL A 28 9.80 -3.23 -7.89
CA VAL A 28 10.85 -4.23 -8.04
C VAL A 28 10.29 -5.63 -7.80
N GLY A 29 9.62 -5.79 -6.66
CA GLY A 29 8.97 -7.04 -6.35
C GLY A 29 7.51 -6.83 -6.06
N ALA A 30 7.23 -6.17 -4.94
CA ALA A 30 5.87 -5.84 -4.56
C ALA A 30 5.82 -4.45 -3.93
N SER A 31 4.92 -3.62 -4.42
CA SER A 31 4.81 -2.26 -3.93
C SER A 31 3.40 -1.99 -3.43
N ILE A 32 3.31 -1.51 -2.19
CA ILE A 32 2.05 -1.16 -1.58
C ILE A 32 1.97 0.36 -1.44
N GLN A 33 0.80 0.93 -1.63
CA GLN A 33 0.65 2.36 -1.61
C GLN A 33 -0.15 2.82 -0.39
N CYS A 34 0.46 3.70 0.39
CA CYS A 34 -0.21 4.33 1.51
C CYS A 34 -1.33 5.20 1.00
N HIS A 35 -2.40 5.23 1.76
CA HIS A 35 -3.60 5.95 1.38
C HIS A 35 -4.65 5.74 2.45
N LYS A 36 -5.73 6.48 2.36
CA LYS A 36 -6.83 6.41 3.29
C LYS A 36 -7.87 7.43 2.89
N ALA A 37 -7.48 8.70 2.98
CA ALA A 37 -8.31 9.80 2.50
C ALA A 37 -7.52 10.65 1.50
N ASN A 38 -6.47 11.30 1.99
CA ASN A 38 -5.65 12.17 1.16
C ASN A 38 -4.17 11.82 1.28
N CYS A 39 -3.72 10.92 0.41
CA CYS A 39 -2.32 10.50 0.38
C CYS A 39 -2.11 9.44 -0.71
N TYR A 40 -0.92 9.42 -1.28
CA TYR A 40 -0.57 8.43 -2.29
C TYR A 40 0.93 8.17 -2.25
N THR A 41 1.36 7.46 -1.22
CA THR A 41 2.79 7.21 -1.00
C THR A 41 3.12 5.73 -1.27
N ALA A 42 4.06 5.47 -2.15
CA ALA A 42 4.38 4.10 -2.51
C ALA A 42 5.62 3.59 -1.78
N PHE A 43 5.58 2.33 -1.39
CA PHE A 43 6.72 1.68 -0.78
C PHE A 43 6.59 0.15 -0.91
N HIS A 44 7.68 -0.56 -0.69
CA HIS A 44 7.68 -2.00 -0.88
C HIS A 44 7.13 -2.71 0.33
N VAL A 45 6.58 -3.90 0.12
CA VAL A 45 6.07 -4.72 1.22
C VAL A 45 7.17 -5.05 2.21
N THR A 46 8.37 -5.32 1.69
CA THR A 46 9.54 -5.56 2.53
C THR A 46 9.87 -4.31 3.35
N CYS A 47 9.69 -3.14 2.75
CA CYS A 47 9.99 -1.89 3.43
C CYS A 47 8.97 -1.62 4.53
N ALA A 48 7.72 -2.02 4.30
CA ALA A 48 6.66 -1.84 5.28
C ALA A 48 6.91 -2.70 6.52
N GLN A 49 7.29 -3.95 6.28
CA GLN A 49 7.60 -4.87 7.37
C GLN A 49 8.85 -4.42 8.11
N LYS A 50 9.74 -3.78 7.37
CA LYS A 50 11.01 -3.30 7.91
C LYS A 50 10.80 -2.05 8.76
N ALA A 51 10.02 -1.12 8.25
CA ALA A 51 9.72 0.12 8.97
C ALA A 51 8.80 -0.14 10.17
N GLY A 52 8.05 -1.24 10.10
CA GLY A 52 7.16 -1.60 11.19
C GLY A 52 6.05 -0.59 11.37
N LEU A 53 5.50 -0.13 10.24
CA LEU A 53 4.47 0.89 10.26
C LEU A 53 3.09 0.29 10.44
N TYR A 54 2.08 1.15 10.53
CA TYR A 54 0.72 0.70 10.79
C TYR A 54 0.10 0.06 9.55
N MET A 55 -0.49 -1.11 9.73
CA MET A 55 -1.21 -1.78 8.67
C MET A 55 -2.68 -1.95 9.05
N LYS A 56 -3.56 -1.55 8.15
CA LYS A 56 -5.00 -1.70 8.36
C LYS A 56 -5.48 -2.87 7.49
N MET A 57 -6.53 -3.54 7.92
CA MET A 57 -6.99 -4.74 7.25
C MET A 57 -8.48 -4.61 7.09
N GLU A 58 -8.90 -4.35 5.88
CA GLU A 58 -10.28 -4.03 5.61
C GLU A 58 -10.90 -5.15 4.79
N PRO A 59 -11.97 -5.77 5.27
CA PRO A 59 -12.64 -6.84 4.57
C PRO A 59 -13.71 -6.33 3.62
N VAL A 60 -13.52 -6.57 2.33
CA VAL A 60 -14.48 -6.14 1.34
C VAL A 60 -15.41 -7.29 0.94
N LYS A 61 -16.70 -7.06 1.11
CA LYS A 61 -17.70 -8.06 0.79
C LYS A 61 -18.23 -7.80 -0.62
N GLU A 62 -17.95 -8.72 -1.51
CA GLU A 62 -18.35 -8.59 -2.90
C GLU A 62 -19.45 -9.61 -3.21
N LEU A 63 -19.96 -9.58 -4.43
CA LEU A 63 -21.18 -10.29 -4.81
C LEU A 63 -20.95 -11.20 -6.00
N THR A 64 -20.07 -10.76 -6.90
CA THR A 64 -19.89 -11.39 -8.19
C THR A 64 -19.07 -12.68 -8.07
N GLY A 65 -19.67 -13.81 -8.42
CA GLY A 65 -18.97 -15.07 -8.40
C GLY A 65 -19.81 -16.19 -7.82
N GLY A 66 -20.31 -15.95 -6.62
CA GLY A 66 -21.12 -16.96 -5.95
C GLY A 66 -21.95 -16.37 -4.85
N GLY A 67 -22.68 -15.31 -5.17
CA GLY A 67 -23.51 -14.64 -4.18
C GLY A 67 -22.73 -13.66 -3.35
N THR A 68 -21.65 -14.13 -2.75
CA THR A 68 -20.75 -13.27 -2.02
C THR A 68 -19.32 -13.75 -2.21
N THR A 69 -18.39 -12.81 -2.35
CA THR A 69 -17.01 -13.13 -2.44
C THR A 69 -16.27 -12.27 -1.44
N PHE A 70 -15.60 -12.96 -0.56
CA PHE A 70 -14.86 -12.32 0.50
C PHE A 70 -13.43 -12.07 0.07
N SER A 71 -13.06 -10.81 0.02
CA SER A 71 -11.71 -10.42 -0.33
C SER A 71 -11.15 -9.53 0.78
N VAL A 72 -9.85 -9.56 0.97
CA VAL A 72 -9.24 -8.73 1.99
C VAL A 72 -8.49 -7.58 1.36
N ARG A 73 -8.67 -6.42 1.94
CA ARG A 73 -8.06 -5.19 1.47
C ARG A 73 -7.14 -4.65 2.57
N LYS A 74 -5.85 -4.91 2.45
CA LYS A 74 -4.92 -4.49 3.47
C LYS A 74 -4.33 -3.14 3.11
N THR A 75 -4.70 -2.13 3.88
CA THR A 75 -4.29 -0.77 3.62
C THR A 75 -3.30 -0.32 4.70
N ALA A 76 -2.05 -0.18 4.34
CA ALA A 76 -1.06 0.33 5.26
C ALA A 76 -0.78 1.78 4.97
N TYR A 77 -0.33 2.52 5.96
CA TYR A 77 -0.02 3.92 5.78
C TYR A 77 1.48 4.10 5.90
N CYS A 78 2.02 5.07 5.15
CA CYS A 78 3.46 5.32 5.16
C CYS A 78 3.92 5.75 6.55
N ASP A 79 5.18 5.48 6.86
CA ASP A 79 5.71 5.70 8.20
C ASP A 79 5.50 7.15 8.66
N VAL A 80 5.80 8.10 7.78
CA VAL A 80 5.66 9.52 8.11
C VAL A 80 4.20 9.99 8.02
N HIS A 81 3.28 9.07 7.77
CA HIS A 81 1.86 9.39 7.72
C HIS A 81 1.35 9.58 9.14
N THR A 82 2.07 8.98 10.07
CA THR A 82 1.72 9.06 11.48
C THR A 82 2.89 9.62 12.27
N PRO A 83 2.61 10.57 13.20
CA PRO A 83 3.61 11.10 14.14
C PRO A 83 4.48 10.00 14.74
N PRO A 84 5.78 9.93 14.36
CA PRO A 84 6.72 9.00 15.00
C PRO A 84 6.69 9.22 16.50
N GLY A 85 6.92 10.47 16.87
CA GLY A 85 6.52 10.94 18.16
C GLY A 85 5.23 11.71 18.00
N SER A 86 4.19 11.32 18.72
CA SER A 86 2.87 11.94 18.58
C SER A 86 2.84 13.31 19.25
N THR A 87 3.90 14.05 19.04
CA THR A 87 4.14 15.31 19.73
C THR A 87 5.29 16.04 19.04
N MET A 9 -3.05 -12.20 -24.93
CA MET A 9 -4.29 -12.81 -24.39
C MET A 9 -4.37 -12.68 -22.88
N ASN A 10 -3.22 -12.47 -22.24
CA ASN A 10 -3.17 -12.34 -20.79
C ASN A 10 -3.03 -10.88 -20.41
N ILE A 11 -3.18 -10.57 -19.14
CA ILE A 11 -3.07 -9.19 -18.68
C ILE A 11 -2.16 -9.13 -17.46
N PRO A 12 -1.55 -7.95 -17.21
CA PRO A 12 -0.59 -7.76 -16.10
C PRO A 12 -1.16 -8.16 -14.74
N PRO A 13 -0.70 -9.30 -14.20
CA PRO A 13 -1.13 -9.83 -12.90
C PRO A 13 -1.08 -8.80 -11.78
N ALA A 14 0.10 -8.22 -11.57
CA ALA A 14 0.30 -7.26 -10.50
C ALA A 14 1.40 -6.29 -10.87
N ARG A 15 1.30 -5.73 -12.06
CA ARG A 15 2.35 -4.85 -12.60
C ARG A 15 2.24 -3.44 -12.01
N TRP A 16 1.38 -3.27 -11.01
CA TRP A 16 1.25 -1.98 -10.35
C TRP A 16 2.40 -1.77 -9.36
N LYS A 17 3.49 -1.24 -9.86
CA LYS A 17 4.66 -0.98 -9.06
C LYS A 17 5.07 0.48 -9.18
N LEU A 18 4.78 1.24 -8.13
CA LEU A 18 5.12 2.66 -8.09
C LEU A 18 6.51 2.84 -7.49
N THR A 19 7.00 4.07 -7.45
CA THR A 19 8.31 4.33 -6.91
C THR A 19 8.26 4.40 -5.38
N CYS A 20 9.18 3.68 -4.76
CA CYS A 20 9.25 3.59 -3.32
C CYS A 20 9.98 4.80 -2.75
N TYR A 21 9.64 5.19 -1.52
CA TYR A 21 10.42 6.22 -0.83
C TYR A 21 11.43 5.57 0.11
N LEU A 22 11.07 4.41 0.65
CA LEU A 22 12.02 3.58 1.38
C LEU A 22 12.82 2.76 0.38
N CYS A 23 13.88 3.40 -0.12
CA CYS A 23 14.63 3.01 -1.32
C CYS A 23 13.97 3.66 -2.53
N LYS A 24 14.76 4.16 -3.46
CA LYS A 24 14.24 4.97 -4.56
C LYS A 24 14.20 4.12 -5.81
N GLN A 25 13.66 2.93 -5.63
CA GLN A 25 13.60 1.91 -6.65
C GLN A 25 12.18 1.40 -6.74
N LYS A 26 11.52 1.71 -7.85
CA LYS A 26 10.13 1.33 -8.04
C LYS A 26 9.93 -0.20 -8.03
N GLY A 27 10.45 -0.88 -9.04
CA GLY A 27 10.16 -2.29 -9.21
C GLY A 27 11.24 -3.19 -8.68
N VAL A 28 11.03 -3.72 -7.47
CA VAL A 28 11.89 -4.75 -6.92
C VAL A 28 11.11 -6.03 -6.67
N GLY A 29 9.81 -5.88 -6.49
CA GLY A 29 8.94 -7.02 -6.31
C GLY A 29 7.49 -6.60 -6.14
N ALA A 30 7.19 -6.00 -4.99
CA ALA A 30 5.81 -5.62 -4.69
C ALA A 30 5.77 -4.26 -4.01
N SER A 31 4.81 -3.44 -4.42
CA SER A 31 4.68 -2.11 -3.86
C SER A 31 3.27 -1.89 -3.32
N ILE A 32 3.20 -1.33 -2.12
CA ILE A 32 1.94 -0.97 -1.50
C ILE A 32 1.91 0.54 -1.30
N GLN A 33 0.73 1.12 -1.32
CA GLN A 33 0.62 2.56 -1.32
C GLN A 33 -0.16 3.04 -0.11
N CYS A 34 0.38 4.06 0.54
CA CYS A 34 -0.27 4.70 1.68
C CYS A 34 -1.64 5.20 1.28
N HIS A 35 -2.58 5.01 2.18
CA HIS A 35 -3.96 5.41 1.95
C HIS A 35 -4.08 6.94 1.90
N LYS A 36 -5.31 7.42 1.77
CA LYS A 36 -5.60 8.81 1.41
C LYS A 36 -5.17 9.11 -0.03
N ALA A 37 -6.08 9.74 -0.75
CA ALA A 37 -5.92 9.94 -2.18
C ALA A 37 -4.97 11.09 -2.48
N ASN A 38 -4.97 12.06 -1.58
CA ASN A 38 -4.09 13.22 -1.71
C ASN A 38 -2.79 12.99 -0.94
N CYS A 39 -2.52 11.73 -0.61
CA CYS A 39 -1.26 11.34 0.00
C CYS A 39 -0.50 10.44 -0.99
N TYR A 40 -1.05 9.26 -1.24
CA TYR A 40 -0.50 8.31 -2.22
C TYR A 40 1.01 8.15 -2.08
N THR A 41 1.42 7.55 -0.98
CA THR A 41 2.84 7.33 -0.73
C THR A 41 3.18 5.88 -1.04
N ALA A 42 4.10 5.66 -1.98
CA ALA A 42 4.37 4.31 -2.43
C ALA A 42 5.63 3.74 -1.79
N PHE A 43 5.53 2.50 -1.33
CA PHE A 43 6.65 1.80 -0.74
C PHE A 43 6.52 0.31 -0.98
N HIS A 44 7.46 -0.48 -0.46
CA HIS A 44 7.45 -1.92 -0.69
C HIS A 44 6.96 -2.66 0.54
N VAL A 45 6.44 -3.86 0.34
CA VAL A 45 6.01 -4.70 1.45
C VAL A 45 7.21 -5.04 2.35
N THR A 46 8.36 -5.28 1.71
CA THR A 46 9.59 -5.52 2.44
C THR A 46 10.01 -4.29 3.26
N CYS A 47 9.71 -3.10 2.74
CA CYS A 47 10.01 -1.87 3.44
C CYS A 47 9.05 -1.67 4.59
N ALA A 48 7.78 -1.95 4.34
CA ALA A 48 6.72 -1.75 5.33
C ALA A 48 6.92 -2.62 6.56
N GLN A 49 7.17 -3.91 6.34
CA GLN A 49 7.37 -4.86 7.43
C GLN A 49 8.63 -4.51 8.23
N LYS A 50 9.59 -3.90 7.55
CA LYS A 50 10.86 -3.57 8.16
C LYS A 50 10.75 -2.27 8.94
N ALA A 51 9.96 -1.34 8.41
CA ALA A 51 9.70 -0.08 9.10
C ALA A 51 8.78 -0.30 10.30
N GLY A 52 7.87 -1.25 10.17
CA GLY A 52 6.94 -1.53 11.25
C GLY A 52 5.84 -0.50 11.33
N LEU A 53 5.43 -0.01 10.16
CA LEU A 53 4.41 1.02 10.09
C LEU A 53 3.01 0.46 10.30
N TYR A 54 2.02 1.34 10.35
CA TYR A 54 0.65 0.95 10.62
C TYR A 54 -0.01 0.32 9.40
N MET A 55 -0.50 -0.90 9.57
CA MET A 55 -1.28 -1.56 8.52
C MET A 55 -2.72 -1.72 8.96
N LYS A 56 -3.61 -1.62 8.00
CA LYS A 56 -5.04 -1.77 8.22
C LYS A 56 -5.51 -3.01 7.46
N MET A 57 -6.52 -3.68 7.95
CA MET A 57 -6.92 -4.96 7.38
C MET A 57 -8.42 -4.98 7.24
N GLU A 58 -8.88 -4.85 6.01
CA GLU A 58 -10.27 -4.67 5.72
C GLU A 58 -10.78 -5.80 4.81
N PRO A 59 -11.80 -6.55 5.24
CA PRO A 59 -12.44 -7.53 4.40
C PRO A 59 -13.46 -6.87 3.48
N VAL A 60 -13.28 -7.05 2.18
CA VAL A 60 -14.19 -6.47 1.20
C VAL A 60 -14.83 -7.56 0.36
N LYS A 61 -16.03 -7.95 0.75
CA LYS A 61 -16.73 -9.00 0.04
C LYS A 61 -17.34 -8.45 -1.24
N GLU A 62 -17.00 -9.08 -2.34
CA GLU A 62 -17.50 -8.69 -3.64
C GLU A 62 -18.79 -9.41 -3.95
N LEU A 63 -19.35 -9.09 -5.09
CA LEU A 63 -20.69 -9.52 -5.46
C LEU A 63 -20.74 -9.83 -6.96
N THR A 64 -20.03 -9.02 -7.72
CA THR A 64 -19.89 -9.24 -9.16
C THR A 64 -18.41 -9.15 -9.53
N GLY A 65 -18.08 -9.46 -10.77
CA GLY A 65 -16.69 -9.52 -11.18
C GLY A 65 -16.09 -10.86 -10.84
N GLY A 66 -16.72 -11.91 -11.33
CA GLY A 66 -16.33 -13.25 -10.96
C GLY A 66 -17.29 -13.83 -9.94
N GLY A 67 -18.48 -13.24 -9.88
CA GLY A 67 -19.49 -13.68 -8.94
C GLY A 67 -19.26 -13.08 -7.56
N THR A 68 -19.99 -13.58 -6.58
CA THR A 68 -19.81 -13.16 -5.21
C THR A 68 -18.56 -13.81 -4.63
N THR A 69 -17.66 -13.00 -4.10
CA THR A 69 -16.40 -13.50 -3.62
C THR A 69 -15.85 -12.63 -2.53
N PHE A 70 -15.32 -13.31 -1.60
CA PHE A 70 -14.71 -12.72 -0.44
C PHE A 70 -13.28 -12.29 -0.77
N SER A 71 -13.03 -11.00 -0.68
CA SER A 71 -11.73 -10.46 -1.01
C SER A 71 -11.15 -9.72 0.19
N VAL A 72 -9.84 -9.78 0.36
CA VAL A 72 -9.20 -9.09 1.46
C VAL A 72 -8.50 -7.83 0.94
N ARG A 73 -8.57 -6.79 1.73
CA ARG A 73 -7.98 -5.51 1.40
C ARG A 73 -7.10 -5.03 2.54
N LYS A 74 -5.81 -5.29 2.44
CA LYS A 74 -4.91 -4.82 3.47
C LYS A 74 -4.32 -3.48 3.07
N THR A 75 -4.75 -2.46 3.77
CA THR A 75 -4.34 -1.10 3.50
C THR A 75 -3.22 -0.72 4.47
N ALA A 76 -2.42 0.27 4.13
CA ALA A 76 -1.40 0.73 5.05
C ALA A 76 -1.16 2.22 4.86
N TYR A 77 -0.53 2.83 5.85
CA TYR A 77 -0.14 4.22 5.75
C TYR A 77 1.37 4.30 5.89
N CYS A 78 1.99 5.24 5.18
CA CYS A 78 3.45 5.35 5.18
C CYS A 78 3.97 5.67 6.57
N ASP A 79 5.19 5.26 6.87
CA ASP A 79 5.77 5.49 8.20
C ASP A 79 5.90 6.98 8.46
N VAL A 80 6.16 7.74 7.40
CA VAL A 80 6.26 9.19 7.49
C VAL A 80 4.88 9.85 7.54
N HIS A 81 3.83 9.02 7.62
CA HIS A 81 2.48 9.51 7.86
C HIS A 81 2.31 9.70 9.36
N THR A 82 3.30 9.18 10.08
CA THR A 82 3.37 9.26 11.52
C THR A 82 4.80 9.66 11.90
N PRO A 83 5.10 9.92 13.18
CA PRO A 83 6.48 10.10 13.64
C PRO A 83 7.25 8.77 13.63
N PRO A 84 8.20 8.59 12.70
CA PRO A 84 9.00 7.38 12.61
C PRO A 84 10.12 7.38 13.65
N GLY A 85 11.04 6.43 13.53
CA GLY A 85 12.15 6.36 14.45
C GLY A 85 13.23 7.37 14.11
N SER A 86 12.83 8.61 13.85
CA SER A 86 13.74 9.68 13.50
C SER A 86 13.10 11.04 13.78
N THR A 87 12.22 11.49 12.87
CA THR A 87 11.59 12.80 12.94
C THR A 87 10.49 12.88 11.89
#